data_7RTS
# 
_entry.id   7RTS 
# 
_audit_conform.dict_name       mmcif_pdbx.dic 
_audit_conform.dict_version    5.380 
_audit_conform.dict_location   http://mmcif.pdb.org/dictionaries/ascii/mmcif_pdbx.dic 
# 
loop_
_database_2.database_id 
_database_2.database_code 
_database_2.pdbx_database_accession 
_database_2.pdbx_DOI 
PDB   7RTS         pdb_00007rts 10.2210/pdb7rts/pdb 
WWPDB D_1000258989 ?            ?                   
# 
_pdbx_database_status.status_code                     REL 
_pdbx_database_status.status_code_sf                  REL 
_pdbx_database_status.status_code_mr                  ? 
_pdbx_database_status.entry_id                        7RTS 
_pdbx_database_status.recvd_initial_deposition_date   2021-08-15 
_pdbx_database_status.SG_entry                        N 
_pdbx_database_status.deposit_site                    RCSB 
_pdbx_database_status.process_site                    RCSB 
_pdbx_database_status.status_code_cs                  ? 
_pdbx_database_status.status_code_nmr_data            ? 
_pdbx_database_status.methods_development_category    ? 
_pdbx_database_status.pdb_format_compatible           Y 
# 
loop_
_audit_author.name 
_audit_author.pdbx_ordinal 
_audit_author.identifier_ORCID 
'Burdett, H.' 1 0000-0003-4803-9660 
'Kobe, B.'    2 0000-0001-9413-9166 
# 
_citation.abstract                  ? 
_citation.abstract_id_CAS           ? 
_citation.book_id_ISBN              ? 
_citation.book_publisher            ? 
_citation.book_publisher_city       ? 
_citation.book_title                ? 
_citation.coordinate_linkage        ? 
_citation.country                   US 
_citation.database_id_Medline       ? 
_citation.details                   ? 
_citation.id                        primary 
_citation.journal_abbrev            Biorxiv 
_citation.journal_id_ASTM           ? 
_citation.journal_id_CSD            ? 
_citation.journal_id_ISSN           2692-8205 
_citation.journal_full              ? 
_citation.journal_issue             ? 
_citation.journal_volume            ? 
_citation.language                  ? 
_citation.page_first                ? 
_citation.page_last                 ? 
_citation.title                     'Self-association configures the NAD + -binding site of plant NLR TIR domains' 
_citation.year                      2021 
_citation.database_id_CSD           ? 
_citation.pdbx_database_id_DOI      10.1101/2021.10.02.462850 
_citation.pdbx_database_id_PubMed   ? 
_citation.pdbx_database_id_patent   ? 
_citation.unpublished_flag          ? 
# 
loop_
_citation_author.citation_id 
_citation_author.name 
_citation_author.ordinal 
_citation_author.identifier_ORCID 
primary 'Burdett, H.' 1 ? 
primary 'Hu, X.'      2 ? 
primary 'Rank, M.X.'  3 ? 
primary 'Maruta, N.'  4 ? 
primary 'Kobe, B.'    5 ? 
# 
_cell.angle_alpha                  90.000 
_cell.angle_alpha_esd              ? 
_cell.angle_beta                   90.000 
_cell.angle_beta_esd               ? 
_cell.angle_gamma                  90.000 
_cell.angle_gamma_esd              ? 
_cell.entry_id                     7RTS 
_cell.details                      ? 
_cell.formula_units_Z              ? 
_cell.length_a                     50.370 
_cell.length_a_esd                 ? 
_cell.length_b                     50.370 
_cell.length_b_esd                 ? 
_cell.length_c                     120.313 
_cell.length_c_esd                 ? 
_cell.volume                       305250.552 
_cell.volume_esd                   ? 
_cell.Z_PDB                        8 
_cell.reciprocal_angle_alpha       ? 
_cell.reciprocal_angle_beta        ? 
_cell.reciprocal_angle_gamma       ? 
_cell.reciprocal_angle_alpha_esd   ? 
_cell.reciprocal_angle_beta_esd    ? 
_cell.reciprocal_angle_gamma_esd   ? 
_cell.reciprocal_length_a          ? 
_cell.reciprocal_length_b          ? 
_cell.reciprocal_length_c          ? 
_cell.reciprocal_length_a_esd      ? 
_cell.reciprocal_length_b_esd      ? 
_cell.reciprocal_length_c_esd      ? 
_cell.pdbx_unique_axis             ? 
# 
_symmetry.entry_id                         7RTS 
_symmetry.cell_setting                     ? 
_symmetry.Int_Tables_number                92 
_symmetry.space_group_name_Hall            'P 4abw 2nw' 
_symmetry.space_group_name_H-M             'P 41 21 2' 
_symmetry.pdbx_full_space_group_name_H-M   ? 
# 
loop_
_entity.id 
_entity.type 
_entity.src_method 
_entity.pdbx_description 
_entity.formula_weight 
_entity.pdbx_number_of_molecules 
_entity.pdbx_ec 
_entity.pdbx_mutation 
_entity.pdbx_fragment 
_entity.details 
1 polymer     man 'Disease resistance protein RUN1' 20713.383 1  3.2.2.6,3.2.2.- ? ? ? 
2 non-polymer syn 'SULFATE ION'                     96.063    4  ?               ? ? ? 
3 water       nat water                             18.015    54 ?               ? ? ? 
# 
_entity_name_com.entity_id   1 
_entity_name_com.name        'NAD(+) hydrolase RUN1,NADP(+) hydrolase RUN1,Resistance to Uncinula necator protein,MrRUN1' 
# 
_entity_poly.entity_id                      1 
_entity_poly.type                           'polypeptide(L)' 
_entity_poly.nstd_linkage                   no 
_entity_poly.nstd_monomer                   no 
_entity_poly.pdbx_seq_one_letter_code       
;SNARTITYDVFLSFRGEDTRFNFTDHLYSALGRRGIRTFRDDKLRRGEAIAPELLKAIEESRSSVIVFSENYARSRWCLD
ELVKIMECHKDKKDPGHAVFPIFYHVDPSHVRKQEGSFGEAFAGYGENLKDKIPRWRTALTEAANLSGWPLQDGYESNQI
KEITDSIFRRLKCKRLDAG
;
_entity_poly.pdbx_seq_one_letter_code_can   
;SNARTITYDVFLSFRGEDTRFNFTDHLYSALGRRGIRTFRDDKLRRGEAIAPELLKAIEESRSSVIVFSENYARSRWCLD
ELVKIMECHKDKKDPGHAVFPIFYHVDPSHVRKQEGSFGEAFAGYGENLKDKIPRWRTALTEAANLSGWPLQDGYESNQI
KEITDSIFRRLKCKRLDAG
;
_entity_poly.pdbx_strand_id                 A 
_entity_poly.pdbx_target_identifier         ? 
# 
loop_
_entity_poly_seq.entity_id 
_entity_poly_seq.num 
_entity_poly_seq.mon_id 
_entity_poly_seq.hetero 
1 1   SER n 
1 2   ASN n 
1 3   ALA n 
1 4   ARG n 
1 5   THR n 
1 6   ILE n 
1 7   THR n 
1 8   TYR n 
1 9   ASP n 
1 10  VAL n 
1 11  PHE n 
1 12  LEU n 
1 13  SER n 
1 14  PHE n 
1 15  ARG n 
1 16  GLY n 
1 17  GLU n 
1 18  ASP n 
1 19  THR n 
1 20  ARG n 
1 21  PHE n 
1 22  ASN n 
1 23  PHE n 
1 24  THR n 
1 25  ASP n 
1 26  HIS n 
1 27  LEU n 
1 28  TYR n 
1 29  SER n 
1 30  ALA n 
1 31  LEU n 
1 32  GLY n 
1 33  ARG n 
1 34  ARG n 
1 35  GLY n 
1 36  ILE n 
1 37  ARG n 
1 38  THR n 
1 39  PHE n 
1 40  ARG n 
1 41  ASP n 
1 42  ASP n 
1 43  LYS n 
1 44  LEU n 
1 45  ARG n 
1 46  ARG n 
1 47  GLY n 
1 48  GLU n 
1 49  ALA n 
1 50  ILE n 
1 51  ALA n 
1 52  PRO n 
1 53  GLU n 
1 54  LEU n 
1 55  LEU n 
1 56  LYS n 
1 57  ALA n 
1 58  ILE n 
1 59  GLU n 
1 60  GLU n 
1 61  SER n 
1 62  ARG n 
1 63  SER n 
1 64  SER n 
1 65  VAL n 
1 66  ILE n 
1 67  VAL n 
1 68  PHE n 
1 69  SER n 
1 70  GLU n 
1 71  ASN n 
1 72  TYR n 
1 73  ALA n 
1 74  ARG n 
1 75  SER n 
1 76  ARG n 
1 77  TRP n 
1 78  CYS n 
1 79  LEU n 
1 80  ASP n 
1 81  GLU n 
1 82  LEU n 
1 83  VAL n 
1 84  LYS n 
1 85  ILE n 
1 86  MET n 
1 87  GLU n 
1 88  CYS n 
1 89  HIS n 
1 90  LYS n 
1 91  ASP n 
1 92  LYS n 
1 93  LYS n 
1 94  ASP n 
1 95  PRO n 
1 96  GLY n 
1 97  HIS n 
1 98  ALA n 
1 99  VAL n 
1 100 PHE n 
1 101 PRO n 
1 102 ILE n 
1 103 PHE n 
1 104 TYR n 
1 105 HIS n 
1 106 VAL n 
1 107 ASP n 
1 108 PRO n 
1 109 SER n 
1 110 HIS n 
1 111 VAL n 
1 112 ARG n 
1 113 LYS n 
1 114 GLN n 
1 115 GLU n 
1 116 GLY n 
1 117 SER n 
1 118 PHE n 
1 119 GLY n 
1 120 GLU n 
1 121 ALA n 
1 122 PHE n 
1 123 ALA n 
1 124 GLY n 
1 125 TYR n 
1 126 GLY n 
1 127 GLU n 
1 128 ASN n 
1 129 LEU n 
1 130 LYS n 
1 131 ASP n 
1 132 LYS n 
1 133 ILE n 
1 134 PRO n 
1 135 ARG n 
1 136 TRP n 
1 137 ARG n 
1 138 THR n 
1 139 ALA n 
1 140 LEU n 
1 141 THR n 
1 142 GLU n 
1 143 ALA n 
1 144 ALA n 
1 145 ASN n 
1 146 LEU n 
1 147 SER n 
1 148 GLY n 
1 149 TRP n 
1 150 PRO n 
1 151 LEU n 
1 152 GLN n 
1 153 ASP n 
1 154 GLY n 
1 155 TYR n 
1 156 GLU n 
1 157 SER n 
1 158 ASN n 
1 159 GLN n 
1 160 ILE n 
1 161 LYS n 
1 162 GLU n 
1 163 ILE n 
1 164 THR n 
1 165 ASP n 
1 166 SER n 
1 167 ILE n 
1 168 PHE n 
1 169 ARG n 
1 170 ARG n 
1 171 LEU n 
1 172 LYS n 
1 173 CYS n 
1 174 LYS n 
1 175 ARG n 
1 176 LEU n 
1 177 ASP n 
1 178 ALA n 
1 179 GLY n 
# 
_entity_src_gen.entity_id                          1 
_entity_src_gen.pdbx_src_id                        1 
_entity_src_gen.pdbx_alt_source_flag               sample 
_entity_src_gen.pdbx_seq_type                      'Biological sequence' 
_entity_src_gen.pdbx_beg_seq_num                   1 
_entity_src_gen.pdbx_end_seq_num                   179 
_entity_src_gen.gene_src_common_name               'Muscadine grape' 
_entity_src_gen.gene_src_genus                     ? 
_entity_src_gen.pdbx_gene_src_gene                 RUN1 
_entity_src_gen.gene_src_species                   ? 
_entity_src_gen.gene_src_strain                    ? 
_entity_src_gen.gene_src_tissue                    ? 
_entity_src_gen.gene_src_tissue_fraction           ? 
_entity_src_gen.gene_src_details                   ? 
_entity_src_gen.pdbx_gene_src_fragment             ? 
_entity_src_gen.pdbx_gene_src_scientific_name      'Vitis rotundifolia' 
_entity_src_gen.pdbx_gene_src_ncbi_taxonomy_id     103349 
_entity_src_gen.pdbx_gene_src_variant              ? 
_entity_src_gen.pdbx_gene_src_cell_line            ? 
_entity_src_gen.pdbx_gene_src_atcc                 ? 
_entity_src_gen.pdbx_gene_src_organ                ? 
_entity_src_gen.pdbx_gene_src_organelle            ? 
_entity_src_gen.pdbx_gene_src_cell                 ? 
_entity_src_gen.pdbx_gene_src_cellular_location    ? 
_entity_src_gen.host_org_common_name               ? 
_entity_src_gen.pdbx_host_org_scientific_name      'Escherichia coli BL21' 
_entity_src_gen.pdbx_host_org_ncbi_taxonomy_id     511693 
_entity_src_gen.host_org_genus                     ? 
_entity_src_gen.pdbx_host_org_gene                 ? 
_entity_src_gen.pdbx_host_org_organ                ? 
_entity_src_gen.host_org_species                   ? 
_entity_src_gen.pdbx_host_org_tissue               ? 
_entity_src_gen.pdbx_host_org_tissue_fraction      ? 
_entity_src_gen.pdbx_host_org_strain               ? 
_entity_src_gen.pdbx_host_org_variant              ? 
_entity_src_gen.pdbx_host_org_cell_line            ? 
_entity_src_gen.pdbx_host_org_atcc                 ? 
_entity_src_gen.pdbx_host_org_culture_collection   ? 
_entity_src_gen.pdbx_host_org_cell                 ? 
_entity_src_gen.pdbx_host_org_organelle            ? 
_entity_src_gen.pdbx_host_org_cellular_location    ? 
_entity_src_gen.pdbx_host_org_vector_type          plasmid 
_entity_src_gen.pdbx_host_org_vector               ? 
_entity_src_gen.host_org_details                   ? 
_entity_src_gen.expression_system_id               ? 
_entity_src_gen.plasmid_name                       pMCSG7 
_entity_src_gen.plasmid_details                    ? 
_entity_src_gen.pdbx_description                   ? 
# 
_struct_ref.id                         1 
_struct_ref.db_name                    UNP 
_struct_ref.db_code                    RUN1_VITRO 
_struct_ref.pdbx_db_accession          V9M398 
_struct_ref.pdbx_db_isoform            ? 
_struct_ref.entity_id                  1 
_struct_ref.pdbx_seq_one_letter_code   
;RTITYDVFLSFRGEDTRFNFTDHLYSALGRRGIRTFRDDKLRRGEAIAPELLKAIEESRSSVIVFSENYARSRWCLDELV
KIMECHKDKKDPGHAVFPIFYHVDPSHVRKQEGSFGEAFAGYGENLKDKIPRWRTALTEAANLSGWPLQDGYESNQIKEI
TDSIFRRLKCKRLDAG
;
_struct_ref.pdbx_align_begin           23 
# 
_struct_ref_seq.align_id                      1 
_struct_ref_seq.ref_id                        1 
_struct_ref_seq.pdbx_PDB_id_code              7RTS 
_struct_ref_seq.pdbx_strand_id                A 
_struct_ref_seq.seq_align_beg                 4 
_struct_ref_seq.pdbx_seq_align_beg_ins_code   ? 
_struct_ref_seq.seq_align_end                 179 
_struct_ref_seq.pdbx_seq_align_end_ins_code   ? 
_struct_ref_seq.pdbx_db_accession             V9M398 
_struct_ref_seq.db_align_beg                  23 
_struct_ref_seq.pdbx_db_align_beg_ins_code    ? 
_struct_ref_seq.db_align_end                  198 
_struct_ref_seq.pdbx_db_align_end_ins_code    ? 
_struct_ref_seq.pdbx_auth_seq_align_beg       23 
_struct_ref_seq.pdbx_auth_seq_align_end       198 
# 
loop_
_struct_ref_seq_dif.align_id 
_struct_ref_seq_dif.pdbx_pdb_id_code 
_struct_ref_seq_dif.mon_id 
_struct_ref_seq_dif.pdbx_pdb_strand_id 
_struct_ref_seq_dif.seq_num 
_struct_ref_seq_dif.pdbx_pdb_ins_code 
_struct_ref_seq_dif.pdbx_seq_db_name 
_struct_ref_seq_dif.pdbx_seq_db_accession_code 
_struct_ref_seq_dif.db_mon_id 
_struct_ref_seq_dif.pdbx_seq_db_seq_num 
_struct_ref_seq_dif.details 
_struct_ref_seq_dif.pdbx_auth_seq_num 
_struct_ref_seq_dif.pdbx_ordinal 
1 7RTS SER A 1 ? UNP V9M398 ? ? 'expression tag' 20 1 
1 7RTS ASN A 2 ? UNP V9M398 ? ? 'expression tag' 21 2 
1 7RTS ALA A 3 ? UNP V9M398 ? ? 'expression tag' 22 3 
# 
loop_
_chem_comp.id 
_chem_comp.type 
_chem_comp.mon_nstd_flag 
_chem_comp.name 
_chem_comp.pdbx_synonyms 
_chem_comp.formula 
_chem_comp.formula_weight 
ALA 'L-peptide linking' y ALANINE         ? 'C3 H7 N O2'     89.093  
ARG 'L-peptide linking' y ARGININE        ? 'C6 H15 N4 O2 1' 175.209 
ASN 'L-peptide linking' y ASPARAGINE      ? 'C4 H8 N2 O3'    132.118 
ASP 'L-peptide linking' y 'ASPARTIC ACID' ? 'C4 H7 N O4'     133.103 
CYS 'L-peptide linking' y CYSTEINE        ? 'C3 H7 N O2 S'   121.158 
GLN 'L-peptide linking' y GLUTAMINE       ? 'C5 H10 N2 O3'   146.144 
GLU 'L-peptide linking' y 'GLUTAMIC ACID' ? 'C5 H9 N O4'     147.129 
GLY 'peptide linking'   y GLYCINE         ? 'C2 H5 N O2'     75.067  
HIS 'L-peptide linking' y HISTIDINE       ? 'C6 H10 N3 O2 1' 156.162 
HOH non-polymer         . WATER           ? 'H2 O'           18.015  
ILE 'L-peptide linking' y ISOLEUCINE      ? 'C6 H13 N O2'    131.173 
LEU 'L-peptide linking' y LEUCINE         ? 'C6 H13 N O2'    131.173 
LYS 'L-peptide linking' y LYSINE          ? 'C6 H15 N2 O2 1' 147.195 
MET 'L-peptide linking' y METHIONINE      ? 'C5 H11 N O2 S'  149.211 
PHE 'L-peptide linking' y PHENYLALANINE   ? 'C9 H11 N O2'    165.189 
PRO 'L-peptide linking' y PROLINE         ? 'C5 H9 N O2'     115.130 
SER 'L-peptide linking' y SERINE          ? 'C3 H7 N O3'     105.093 
SO4 non-polymer         . 'SULFATE ION'   ? 'O4 S -2'        96.063  
THR 'L-peptide linking' y THREONINE       ? 'C4 H9 N O3'     119.119 
TRP 'L-peptide linking' y TRYPTOPHAN      ? 'C11 H12 N2 O2'  204.225 
TYR 'L-peptide linking' y TYROSINE        ? 'C9 H11 N O3'    181.189 
VAL 'L-peptide linking' y VALINE          ? 'C5 H11 N O2'    117.146 
# 
_exptl.absorpt_coefficient_mu     ? 
_exptl.absorpt_correction_T_max   ? 
_exptl.absorpt_correction_T_min   ? 
_exptl.absorpt_correction_type    ? 
_exptl.absorpt_process_details    ? 
_exptl.entry_id                   7RTS 
_exptl.crystals_number            1 
_exptl.details                    ? 
_exptl.method                     'X-RAY DIFFRACTION' 
_exptl.method_details             ? 
# 
_exptl_crystal.colour                      ? 
_exptl_crystal.density_diffrn              ? 
_exptl_crystal.density_Matthews            1.89 
_exptl_crystal.density_method              ? 
_exptl_crystal.density_percent_sol         35.1 
_exptl_crystal.description                 ? 
_exptl_crystal.F_000                       ? 
_exptl_crystal.id                          1 
_exptl_crystal.preparation                 ? 
_exptl_crystal.size_max                    ? 
_exptl_crystal.size_mid                    ? 
_exptl_crystal.size_min                    ? 
_exptl_crystal.size_rad                    ? 
_exptl_crystal.colour_lustre               ? 
_exptl_crystal.colour_modifier             ? 
_exptl_crystal.colour_primary              ? 
_exptl_crystal.density_meas                ? 
_exptl_crystal.density_meas_esd            ? 
_exptl_crystal.density_meas_gt             ? 
_exptl_crystal.density_meas_lt             ? 
_exptl_crystal.density_meas_temp           ? 
_exptl_crystal.density_meas_temp_esd       ? 
_exptl_crystal.density_meas_temp_gt        ? 
_exptl_crystal.density_meas_temp_lt        ? 
_exptl_crystal.pdbx_crystal_image_url      ? 
_exptl_crystal.pdbx_crystal_image_format   ? 
_exptl_crystal.pdbx_mosaicity              ? 
_exptl_crystal.pdbx_mosaicity_esd          ? 
# 
_exptl_crystal_grow.apparatus       ? 
_exptl_crystal_grow.atmosphere      ? 
_exptl_crystal_grow.crystal_id      1 
_exptl_crystal_grow.details         ? 
_exptl_crystal_grow.method          'VAPOR DIFFUSION, HANGING DROP' 
_exptl_crystal_grow.method_ref      ? 
_exptl_crystal_grow.pH              ? 
_exptl_crystal_grow.pressure        ? 
_exptl_crystal_grow.pressure_esd    ? 
_exptl_crystal_grow.seeding         ? 
_exptl_crystal_grow.seeding_ref     ? 
_exptl_crystal_grow.temp            293 
_exptl_crystal_grow.temp_details    ? 
_exptl_crystal_grow.temp_esd        ? 
_exptl_crystal_grow.time            ? 
_exptl_crystal_grow.pdbx_details    '0.1 M sodium acetate pH 4.6, 1.8 M ammonium sulfate' 
_exptl_crystal_grow.pdbx_pH_range   ? 
# 
_diffrn.ambient_environment              ? 
_diffrn.ambient_temp                     100 
_diffrn.ambient_temp_details             ? 
_diffrn.ambient_temp_esd                 ? 
_diffrn.crystal_id                       1 
_diffrn.crystal_support                  ? 
_diffrn.crystal_treatment                ? 
_diffrn.details                          ? 
_diffrn.id                               1 
_diffrn.ambient_pressure                 ? 
_diffrn.ambient_pressure_esd             ? 
_diffrn.ambient_pressure_gt              ? 
_diffrn.ambient_pressure_lt              ? 
_diffrn.ambient_temp_gt                  ? 
_diffrn.ambient_temp_lt                  ? 
_diffrn.pdbx_serial_crystal_experiment   N 
# 
_diffrn_detector.details                      ? 
_diffrn_detector.detector                     PIXEL 
_diffrn_detector.diffrn_id                    1 
_diffrn_detector.type                         'DECTRIS EIGER X 16M' 
_diffrn_detector.area_resol_mean              ? 
_diffrn_detector.dtime                        ? 
_diffrn_detector.pdbx_frames_total            ? 
_diffrn_detector.pdbx_collection_time_total   ? 
_diffrn_detector.pdbx_collection_date         2018-02-08 
_diffrn_detector.pdbx_frequency               ? 
# 
_diffrn_radiation.collimation                      ? 
_diffrn_radiation.diffrn_id                        1 
_diffrn_radiation.filter_edge                      ? 
_diffrn_radiation.inhomogeneity                    ? 
_diffrn_radiation.monochromator                    ? 
_diffrn_radiation.polarisn_norm                    ? 
_diffrn_radiation.polarisn_ratio                   ? 
_diffrn_radiation.probe                            ? 
_diffrn_radiation.type                             ? 
_diffrn_radiation.xray_symbol                      ? 
_diffrn_radiation.wavelength_id                    1 
_diffrn_radiation.pdbx_monochromatic_or_laue_m_l   M 
_diffrn_radiation.pdbx_wavelength_list             ? 
_diffrn_radiation.pdbx_wavelength                  ? 
_diffrn_radiation.pdbx_diffrn_protocol             'SINGLE WAVELENGTH' 
_diffrn_radiation.pdbx_analyzer                    ? 
_diffrn_radiation.pdbx_scattering_type             x-ray 
# 
_diffrn_radiation_wavelength.id           1 
_diffrn_radiation_wavelength.wavelength   0.9537 
_diffrn_radiation_wavelength.wt           1.0 
# 
_diffrn_source.current                     ? 
_diffrn_source.details                     ? 
_diffrn_source.diffrn_id                   1 
_diffrn_source.power                       ? 
_diffrn_source.size                        ? 
_diffrn_source.source                      SYNCHROTRON 
_diffrn_source.target                      ? 
_diffrn_source.type                        'AUSTRALIAN SYNCHROTRON BEAMLINE MX2' 
_diffrn_source.voltage                     ? 
_diffrn_source.take-off_angle              ? 
_diffrn_source.pdbx_wavelength_list        0.9537 
_diffrn_source.pdbx_wavelength             ? 
_diffrn_source.pdbx_synchrotron_beamline   MX2 
_diffrn_source.pdbx_synchrotron_site       'Australian Synchrotron' 
# 
_reflns.B_iso_Wilson_estimate                          25.66 
_reflns.entry_id                                       7RTS 
_reflns.data_reduction_details                         ? 
_reflns.data_reduction_method                          ? 
_reflns.d_resolution_high                              1.739 
_reflns.d_resolution_low                               46.46 
_reflns.details                                        ? 
_reflns.limit_h_max                                    ? 
_reflns.limit_h_min                                    ? 
_reflns.limit_k_max                                    ? 
_reflns.limit_k_min                                    ? 
_reflns.limit_l_max                                    ? 
_reflns.limit_l_min                                    ? 
_reflns.number_all                                     ? 
_reflns.number_obs                                     16661 
_reflns.observed_criterion                             ? 
_reflns.observed_criterion_F_max                       ? 
_reflns.observed_criterion_F_min                       ? 
_reflns.observed_criterion_I_max                       ? 
_reflns.observed_criterion_I_min                       ? 
_reflns.observed_criterion_sigma_F                     ? 
_reflns.observed_criterion_sigma_I                     ? 
_reflns.percent_possible_obs                           99.83 
_reflns.R_free_details                                 ? 
_reflns.Rmerge_F_all                                   ? 
_reflns.Rmerge_F_obs                                   ? 
_reflns.Friedel_coverage                               ? 
_reflns.number_gt                                      ? 
_reflns.threshold_expression                           ? 
_reflns.pdbx_redundancy                                25.8 
_reflns.pdbx_Rmerge_I_obs                              0.04796 
_reflns.pdbx_Rmerge_I_all                              ? 
_reflns.pdbx_Rsym_value                                ? 
_reflns.pdbx_netI_over_av_sigmaI                       ? 
_reflns.pdbx_netI_over_sigmaI                          41.33 
_reflns.pdbx_res_netI_over_av_sigmaI_2                 ? 
_reflns.pdbx_res_netI_over_sigmaI_2                    ? 
_reflns.pdbx_chi_squared                               ? 
_reflns.pdbx_scaling_rejects                           ? 
_reflns.pdbx_d_res_high_opt                            ? 
_reflns.pdbx_d_res_low_opt                             ? 
_reflns.pdbx_d_res_opt_method                          ? 
_reflns.phase_calculation_details                      ? 
_reflns.pdbx_Rrim_I_all                                0.04894 
_reflns.pdbx_Rpim_I_all                                ? 
_reflns.pdbx_d_opt                                     ? 
_reflns.pdbx_number_measured_all                       ? 
_reflns.pdbx_diffrn_id                                 1 
_reflns.pdbx_ordinal                                   1 
_reflns.pdbx_CC_half                                   1 
_reflns.pdbx_CC_star                                   1 
_reflns.pdbx_R_split                                   ? 
_reflns.pdbx_aniso_diffraction_limit_axis_1_ortho[1]   ? 
_reflns.pdbx_aniso_diffraction_limit_axis_1_ortho[2]   ? 
_reflns.pdbx_aniso_diffraction_limit_axis_1_ortho[3]   ? 
_reflns.pdbx_aniso_diffraction_limit_axis_2_ortho[1]   ? 
_reflns.pdbx_aniso_diffraction_limit_axis_2_ortho[2]   ? 
_reflns.pdbx_aniso_diffraction_limit_axis_2_ortho[3]   ? 
_reflns.pdbx_aniso_diffraction_limit_axis_3_ortho[1]   ? 
_reflns.pdbx_aniso_diffraction_limit_axis_3_ortho[2]   ? 
_reflns.pdbx_aniso_diffraction_limit_axis_3_ortho[3]   ? 
_reflns.pdbx_aniso_diffraction_limit_1                 ? 
_reflns.pdbx_aniso_diffraction_limit_2                 ? 
_reflns.pdbx_aniso_diffraction_limit_3                 ? 
_reflns.pdbx_aniso_B_tensor_eigenvector_1_ortho[1]     ? 
_reflns.pdbx_aniso_B_tensor_eigenvector_1_ortho[2]     ? 
_reflns.pdbx_aniso_B_tensor_eigenvector_1_ortho[3]     ? 
_reflns.pdbx_aniso_B_tensor_eigenvector_2_ortho[1]     ? 
_reflns.pdbx_aniso_B_tensor_eigenvector_2_ortho[2]     ? 
_reflns.pdbx_aniso_B_tensor_eigenvector_2_ortho[3]     ? 
_reflns.pdbx_aniso_B_tensor_eigenvector_3_ortho[1]     ? 
_reflns.pdbx_aniso_B_tensor_eigenvector_3_ortho[2]     ? 
_reflns.pdbx_aniso_B_tensor_eigenvector_3_ortho[3]     ? 
_reflns.pdbx_aniso_B_tensor_eigenvalue_1               ? 
_reflns.pdbx_aniso_B_tensor_eigenvalue_2               ? 
_reflns.pdbx_aniso_B_tensor_eigenvalue_3               ? 
_reflns.pdbx_orthogonalization_convention              ? 
_reflns.pdbx_percent_possible_ellipsoidal              ? 
_reflns.pdbx_percent_possible_spherical                ? 
_reflns.pdbx_percent_possible_ellipsoidal_anomalous    ? 
_reflns.pdbx_percent_possible_spherical_anomalous      ? 
_reflns.pdbx_redundancy_anomalous                      ? 
_reflns.pdbx_CC_half_anomalous                         ? 
_reflns.pdbx_absDiff_over_sigma_anomalous              ? 
_reflns.pdbx_percent_possible_anomalous                ? 
_reflns.pdbx_observed_signal_threshold                 ? 
_reflns.pdbx_signal_type                               ? 
_reflns.pdbx_signal_details                            ? 
_reflns.pdbx_signal_software_id                        ? 
# 
_reflns_shell.d_res_high                                    1.739 
_reflns_shell.d_res_low                                     1.801 
_reflns_shell.meanI_over_sigI_all                           ? 
_reflns_shell.meanI_over_sigI_obs                           6.04 
_reflns_shell.number_measured_all                           ? 
_reflns_shell.number_measured_obs                           ? 
_reflns_shell.number_possible                               ? 
_reflns_shell.number_unique_all                             ? 
_reflns_shell.number_unique_obs                             1600 
_reflns_shell.percent_possible_all                          ? 
_reflns_shell.percent_possible_obs                          ? 
_reflns_shell.Rmerge_F_all                                  ? 
_reflns_shell.Rmerge_F_obs                                  ? 
_reflns_shell.Rmerge_I_all                                  ? 
_reflns_shell.Rmerge_I_obs                                  0.4933 
_reflns_shell.meanI_over_sigI_gt                            ? 
_reflns_shell.meanI_over_uI_all                             ? 
_reflns_shell.meanI_over_uI_gt                              ? 
_reflns_shell.number_measured_gt                            ? 
_reflns_shell.number_unique_gt                              ? 
_reflns_shell.percent_possible_gt                           ? 
_reflns_shell.Rmerge_F_gt                                   ? 
_reflns_shell.Rmerge_I_gt                                   ? 
_reflns_shell.pdbx_redundancy                               ? 
_reflns_shell.pdbx_Rsym_value                               ? 
_reflns_shell.pdbx_chi_squared                              ? 
_reflns_shell.pdbx_netI_over_sigmaI_all                     ? 
_reflns_shell.pdbx_netI_over_sigmaI_obs                     ? 
_reflns_shell.pdbx_Rrim_I_all                               0.5029 
_reflns_shell.pdbx_Rpim_I_all                               ? 
_reflns_shell.pdbx_rejects                                  ? 
_reflns_shell.pdbx_ordinal                                  1 
_reflns_shell.pdbx_diffrn_id                                1 
_reflns_shell.pdbx_CC_half                                  0.978 
_reflns_shell.pdbx_CC_star                                  0.994 
_reflns_shell.pdbx_R_split                                  ? 
_reflns_shell.pdbx_percent_possible_ellipsoidal             ? 
_reflns_shell.pdbx_percent_possible_spherical               ? 
_reflns_shell.pdbx_percent_possible_ellipsoidal_anomalous   ? 
_reflns_shell.pdbx_percent_possible_spherical_anomalous     ? 
_reflns_shell.pdbx_redundancy_anomalous                     ? 
_reflns_shell.pdbx_CC_half_anomalous                        ? 
_reflns_shell.pdbx_absDiff_over_sigma_anomalous             ? 
_reflns_shell.pdbx_percent_possible_anomalous               ? 
# 
_refine.aniso_B[1][1]                            ? 
_refine.aniso_B[1][2]                            ? 
_refine.aniso_B[1][3]                            ? 
_refine.aniso_B[2][2]                            ? 
_refine.aniso_B[2][3]                            ? 
_refine.aniso_B[3][3]                            ? 
_refine.B_iso_max                                ? 
_refine.B_iso_mean                               30.37 
_refine.B_iso_min                                ? 
_refine.correlation_coeff_Fo_to_Fc               ? 
_refine.correlation_coeff_Fo_to_Fc_free          ? 
_refine.details                                  ? 
_refine.diff_density_max                         ? 
_refine.diff_density_max_esd                     ? 
_refine.diff_density_min                         ? 
_refine.diff_density_min_esd                     ? 
_refine.diff_density_rms                         ? 
_refine.diff_density_rms_esd                     ? 
_refine.entry_id                                 7RTS 
_refine.pdbx_refine_id                           'X-RAY DIFFRACTION' 
_refine.ls_abs_structure_details                 ? 
_refine.ls_abs_structure_Flack                   ? 
_refine.ls_abs_structure_Flack_esd               ? 
_refine.ls_abs_structure_Rogers                  ? 
_refine.ls_abs_structure_Rogers_esd              ? 
_refine.ls_d_res_high                            1.74 
_refine.ls_d_res_low                             46.46 
_refine.ls_extinction_coef                       ? 
_refine.ls_extinction_coef_esd                   ? 
_refine.ls_extinction_expression                 ? 
_refine.ls_extinction_method                     ? 
_refine.ls_goodness_of_fit_all                   ? 
_refine.ls_goodness_of_fit_all_esd               ? 
_refine.ls_goodness_of_fit_obs                   ? 
_refine.ls_goodness_of_fit_obs_esd               ? 
_refine.ls_hydrogen_treatment                    ? 
_refine.ls_matrix_type                           ? 
_refine.ls_number_constraints                    ? 
_refine.ls_number_parameters                     ? 
_refine.ls_number_reflns_all                     ? 
_refine.ls_number_reflns_obs                     16645 
_refine.ls_number_reflns_R_free                  853 
_refine.ls_number_reflns_R_work                  15792 
_refine.ls_number_restraints                     ? 
_refine.ls_percent_reflns_obs                    99.83 
_refine.ls_percent_reflns_R_free                 5.12 
_refine.ls_R_factor_all                          ? 
_refine.ls_R_factor_obs                          0.1991 
_refine.ls_R_factor_R_free                       0.2290 
_refine.ls_R_factor_R_free_error                 ? 
_refine.ls_R_factor_R_free_error_details         ? 
_refine.ls_R_factor_R_work                       0.1975 
_refine.ls_R_Fsqd_factor_obs                     ? 
_refine.ls_R_I_factor_obs                        ? 
_refine.ls_redundancy_reflns_all                 ? 
_refine.ls_redundancy_reflns_obs                 ? 
_refine.ls_restrained_S_all                      ? 
_refine.ls_restrained_S_obs                      ? 
_refine.ls_shift_over_esd_max                    ? 
_refine.ls_shift_over_esd_mean                   ? 
_refine.ls_structure_factor_coef                 ? 
_refine.ls_weighting_details                     ? 
_refine.ls_weighting_scheme                      ? 
_refine.ls_wR_factor_all                         ? 
_refine.ls_wR_factor_obs                         ? 
_refine.ls_wR_factor_R_free                      ? 
_refine.ls_wR_factor_R_work                      ? 
_refine.occupancy_max                            ? 
_refine.occupancy_min                            ? 
_refine.solvent_model_details                    'FLAT BULK SOLVENT MODEL' 
_refine.solvent_model_param_bsol                 ? 
_refine.solvent_model_param_ksol                 ? 
_refine.pdbx_R_complete                          ? 
_refine.ls_R_factor_gt                           ? 
_refine.ls_goodness_of_fit_gt                    ? 
_refine.ls_goodness_of_fit_ref                   ? 
_refine.ls_shift_over_su_max                     ? 
_refine.ls_shift_over_su_max_lt                  ? 
_refine.ls_shift_over_su_mean                    ? 
_refine.ls_shift_over_su_mean_lt                 ? 
_refine.pdbx_ls_sigma_I                          ? 
_refine.pdbx_ls_sigma_F                          1.36 
_refine.pdbx_ls_sigma_Fsqd                       ? 
_refine.pdbx_data_cutoff_high_absF               ? 
_refine.pdbx_data_cutoff_high_rms_absF           ? 
_refine.pdbx_data_cutoff_low_absF                ? 
_refine.pdbx_isotropic_thermal_model             ? 
_refine.pdbx_ls_cross_valid_method               'FREE R-VALUE' 
_refine.pdbx_method_to_determine_struct          'MOLECULAR REPLACEMENT' 
_refine.pdbx_starting_model                      6o0w 
_refine.pdbx_stereochemistry_target_values       'GeoStd + Monomer Library + CDL v1.2' 
_refine.pdbx_R_Free_selection_details            ? 
_refine.pdbx_stereochem_target_val_spec_case     ? 
_refine.pdbx_overall_ESU_R                       ? 
_refine.pdbx_overall_ESU_R_Free                  ? 
_refine.pdbx_solvent_vdw_probe_radii             1.1100 
_refine.pdbx_solvent_ion_probe_radii             ? 
_refine.pdbx_solvent_shrinkage_radii             0.9000 
_refine.pdbx_real_space_R                        ? 
_refine.pdbx_density_correlation                 ? 
_refine.pdbx_pd_number_of_powder_patterns        ? 
_refine.pdbx_pd_number_of_points                 ? 
_refine.pdbx_pd_meas_number_of_points            ? 
_refine.pdbx_pd_proc_ls_prof_R_factor            ? 
_refine.pdbx_pd_proc_ls_prof_wR_factor           ? 
_refine.pdbx_pd_Marquardt_correlation_coeff      ? 
_refine.pdbx_pd_Fsqrd_R_factor                   ? 
_refine.pdbx_pd_ls_matrix_band_width             ? 
_refine.pdbx_overall_phase_error                 24.6267 
_refine.pdbx_overall_SU_R_free_Cruickshank_DPI   ? 
_refine.pdbx_overall_SU_R_free_Blow_DPI          ? 
_refine.pdbx_overall_SU_R_Blow_DPI               ? 
_refine.pdbx_TLS_residual_ADP_flag               ? 
_refine.pdbx_diffrn_id                           1 
_refine.overall_SU_B                             ? 
_refine.overall_SU_ML                            0.2524 
_refine.overall_SU_R_Cruickshank_DPI             ? 
_refine.overall_SU_R_free                        ? 
_refine.overall_FOM_free_R_set                   ? 
_refine.overall_FOM_work_R_set                   ? 
_refine.pdbx_average_fsc_overall                 ? 
_refine.pdbx_average_fsc_work                    ? 
_refine.pdbx_average_fsc_free                    ? 
# 
_refine_hist.pdbx_refine_id                   'X-RAY DIFFRACTION' 
_refine_hist.cycle_id                         LAST 
_refine_hist.details                          ? 
_refine_hist.d_res_high                       1.74 
_refine_hist.d_res_low                        46.46 
_refine_hist.number_atoms_solvent             54 
_refine_hist.number_atoms_total               1407 
_refine_hist.number_reflns_all                ? 
_refine_hist.number_reflns_obs                ? 
_refine_hist.number_reflns_R_free             ? 
_refine_hist.number_reflns_R_work             ? 
_refine_hist.R_factor_all                     ? 
_refine_hist.R_factor_obs                     ? 
_refine_hist.R_factor_R_free                  ? 
_refine_hist.R_factor_R_work                  ? 
_refine_hist.pdbx_number_residues_total       ? 
_refine_hist.pdbx_B_iso_mean_ligand           ? 
_refine_hist.pdbx_B_iso_mean_solvent          ? 
_refine_hist.pdbx_number_atoms_protein        1333 
_refine_hist.pdbx_number_atoms_nucleic_acid   0 
_refine_hist.pdbx_number_atoms_ligand         20 
_refine_hist.pdbx_number_atoms_lipid          ? 
_refine_hist.pdbx_number_atoms_carb           ? 
_refine_hist.pdbx_pseudo_atom_details         ? 
# 
loop_
_refine_ls_restr.pdbx_refine_id 
_refine_ls_restr.criterion 
_refine_ls_restr.dev_ideal 
_refine_ls_restr.dev_ideal_target 
_refine_ls_restr.number 
_refine_ls_restr.rejects 
_refine_ls_restr.type 
_refine_ls_restr.weight 
_refine_ls_restr.pdbx_restraint_function 
'X-RAY DIFFRACTION' ? 0.0064  ? 1396 ? f_bond_d           ? ? 
'X-RAY DIFFRACTION' ? 0.7448  ? 1885 ? f_angle_d          ? ? 
'X-RAY DIFFRACTION' ? 0.0515  ? 195  ? f_chiral_restr     ? ? 
'X-RAY DIFFRACTION' ? 0.0087  ? 242  ? f_plane_restr      ? ? 
'X-RAY DIFFRACTION' ? 26.3989 ? 185  ? f_dihedral_angle_d ? ? 
# 
loop_
_refine_ls_shell.pdbx_refine_id 
_refine_ls_shell.d_res_high 
_refine_ls_shell.d_res_low 
_refine_ls_shell.number_reflns_all 
_refine_ls_shell.number_reflns_obs 
_refine_ls_shell.number_reflns_R_free 
_refine_ls_shell.number_reflns_R_work 
_refine_ls_shell.percent_reflns_obs 
_refine_ls_shell.percent_reflns_R_free 
_refine_ls_shell.R_factor_all 
_refine_ls_shell.R_factor_obs 
_refine_ls_shell.R_factor_R_free 
_refine_ls_shell.R_factor_R_free_error 
_refine_ls_shell.R_factor_R_work 
_refine_ls_shell.redundancy_reflns_all 
_refine_ls_shell.redundancy_reflns_obs 
_refine_ls_shell.wR_factor_all 
_refine_ls_shell.wR_factor_obs 
_refine_ls_shell.wR_factor_R_free 
_refine_ls_shell.wR_factor_R_work 
_refine_ls_shell.pdbx_R_complete 
_refine_ls_shell.pdbx_total_number_of_bins_used 
_refine_ls_shell.pdbx_phase_error 
_refine_ls_shell.pdbx_fsc_work 
_refine_ls_shell.pdbx_fsc_free 
'X-RAY DIFFRACTION' 1.74 1.85  . . 149 2536 99.48  . . . 0.3603 . 0.2659 . . . . . . . . . . . 
'X-RAY DIFFRACTION' 1.85 1.99  . . 139 2563 99.78  . . . 0.2686 . 0.2052 . . . . . . . . . . . 
'X-RAY DIFFRACTION' 1.99 2.19  . . 140 2595 99.78  . . . 0.2592 . 0.1957 . . . . . . . . . . . 
'X-RAY DIFFRACTION' 2.19 2.51  . . 152 2601 99.96  . . . 0.2381 . 0.1959 . . . . . . . . . . . 
'X-RAY DIFFRACTION' 2.51 3.16  . . 126 2677 100.00 . . . 0.2140 . 0.2107 . . . . . . . . . . . 
'X-RAY DIFFRACTION' 3.16 46.46 . . 147 2820 99.97  . . . 0.2050 . 0.1847 . . . . . . . . . . . 
# 
_struct.entry_id                     7RTS 
_struct.title                        
'Crystal structure of the TIR domain from the grapevine disease resistance protein RUN1 without the AE interface' 
_struct.pdbx_model_details           ? 
_struct.pdbx_formula_weight          ? 
_struct.pdbx_formula_weight_method   ? 
_struct.pdbx_model_type_details      ? 
_struct.pdbx_CASP_flag               N 
# 
_struct_keywords.entry_id        7RTS 
_struct_keywords.text            'NAD+ Hydrolase, Signalling Protein, TIR domain, NAD+ nucleosidase activity, SIGNALING PROTEIN' 
_struct_keywords.pdbx_keywords   'SIGNALING PROTEIN' 
# 
loop_
_struct_asym.id 
_struct_asym.pdbx_blank_PDB_chainid_flag 
_struct_asym.pdbx_modified 
_struct_asym.entity_id 
_struct_asym.details 
A N N 1 ? 
B N N 2 ? 
C N N 2 ? 
D N N 2 ? 
E N N 2 ? 
F N N 3 ? 
# 
loop_
_struct_conf.conf_type_id 
_struct_conf.id 
_struct_conf.pdbx_PDB_helix_id 
_struct_conf.beg_label_comp_id 
_struct_conf.beg_label_asym_id 
_struct_conf.beg_label_seq_id 
_struct_conf.pdbx_beg_PDB_ins_code 
_struct_conf.end_label_comp_id 
_struct_conf.end_label_asym_id 
_struct_conf.end_label_seq_id 
_struct_conf.pdbx_end_PDB_ins_code 
_struct_conf.beg_auth_comp_id 
_struct_conf.beg_auth_asym_id 
_struct_conf.beg_auth_seq_id 
_struct_conf.end_auth_comp_id 
_struct_conf.end_auth_asym_id 
_struct_conf.end_auth_seq_id 
_struct_conf.pdbx_PDB_helix_class 
_struct_conf.details 
_struct_conf.pdbx_PDB_helix_length 
HELX_P HELX_P1 AA1 ARG A 15  ? ARG A 20  ? ARG A 34  ARG A 39  1 ? 6  
HELX_P HELX_P2 AA2 ASN A 22  ? ARG A 34  ? ASN A 41  ARG A 53  1 ? 13 
HELX_P HELX_P3 AA3 ALA A 51  ? GLU A 60  ? ALA A 70  GLU A 79  1 ? 10 
HELX_P HELX_P4 AA4 ASN A 71  ? ARG A 74  ? ASN A 90  ARG A 93  5 ? 4  
HELX_P HELX_P5 AA5 SER A 75  ? LYS A 92  ? SER A 94  LYS A 111 1 ? 18 
HELX_P HELX_P6 AA6 ASP A 107 ? GLU A 115 ? ASP A 126 GLU A 134 1 ? 9  
HELX_P HELX_P7 AA7 SER A 117 ? PHE A 122 ? SER A 136 PHE A 141 1 ? 6  
HELX_P HELX_P8 AA8 LYS A 132 ? ASN A 145 ? LYS A 151 ASN A 164 1 ? 14 
HELX_P HELX_P9 AA9 TYR A 155 ? LYS A 172 ? TYR A 174 LYS A 191 1 ? 18 
# 
_struct_conf_type.id          HELX_P 
_struct_conf_type.criteria    ? 
_struct_conf_type.reference   ? 
# 
loop_
_struct_mon_prot_cis.pdbx_id 
_struct_mon_prot_cis.label_comp_id 
_struct_mon_prot_cis.label_seq_id 
_struct_mon_prot_cis.label_asym_id 
_struct_mon_prot_cis.label_alt_id 
_struct_mon_prot_cis.pdbx_PDB_ins_code 
_struct_mon_prot_cis.auth_comp_id 
_struct_mon_prot_cis.auth_seq_id 
_struct_mon_prot_cis.auth_asym_id 
_struct_mon_prot_cis.pdbx_label_comp_id_2 
_struct_mon_prot_cis.pdbx_label_seq_id_2 
_struct_mon_prot_cis.pdbx_label_asym_id_2 
_struct_mon_prot_cis.pdbx_PDB_ins_code_2 
_struct_mon_prot_cis.pdbx_auth_comp_id_2 
_struct_mon_prot_cis.pdbx_auth_seq_id_2 
_struct_mon_prot_cis.pdbx_auth_asym_id_2 
_struct_mon_prot_cis.pdbx_PDB_model_num 
_struct_mon_prot_cis.pdbx_omega_angle 
1 PHE 21 A . ? PHE 40  A ASN 22 A ? ASN 41  A 1 -4.07 
2 ASP 94 A . ? ASP 113 A PRO 95 A ? PRO 114 A 1 -1.58 
# 
_struct_sheet.id               AA1 
_struct_sheet.type             ? 
_struct_sheet.number_strands   5 
_struct_sheet.details          ? 
# 
loop_
_struct_sheet_order.sheet_id 
_struct_sheet_order.range_id_1 
_struct_sheet_order.range_id_2 
_struct_sheet_order.offset 
_struct_sheet_order.sense 
AA1 1 2 ? parallel 
AA1 2 3 ? parallel 
AA1 3 4 ? parallel 
AA1 4 5 ? parallel 
# 
loop_
_struct_sheet_range.sheet_id 
_struct_sheet_range.id 
_struct_sheet_range.beg_label_comp_id 
_struct_sheet_range.beg_label_asym_id 
_struct_sheet_range.beg_label_seq_id 
_struct_sheet_range.pdbx_beg_PDB_ins_code 
_struct_sheet_range.end_label_comp_id 
_struct_sheet_range.end_label_asym_id 
_struct_sheet_range.end_label_seq_id 
_struct_sheet_range.pdbx_end_PDB_ins_code 
_struct_sheet_range.beg_auth_comp_id 
_struct_sheet_range.beg_auth_asym_id 
_struct_sheet_range.beg_auth_seq_id 
_struct_sheet_range.end_auth_comp_id 
_struct_sheet_range.end_auth_asym_id 
_struct_sheet_range.end_auth_seq_id 
AA1 1 THR A 38  ? ARG A 40  ? THR A 57  ARG A 59  
AA1 2 TYR A 8   ? PHE A 14  ? TYR A 27  PHE A 33  
AA1 3 SER A 61  ? PHE A 68  ? SER A 80  PHE A 87  
AA1 4 ALA A 98  ? TYR A 104 ? ALA A 117 TYR A 123 
AA1 5 TRP A 149 ? LEU A 151 ? TRP A 168 LEU A 170 
# 
loop_
_pdbx_struct_sheet_hbond.sheet_id 
_pdbx_struct_sheet_hbond.range_id_1 
_pdbx_struct_sheet_hbond.range_id_2 
_pdbx_struct_sheet_hbond.range_1_label_atom_id 
_pdbx_struct_sheet_hbond.range_1_label_comp_id 
_pdbx_struct_sheet_hbond.range_1_label_asym_id 
_pdbx_struct_sheet_hbond.range_1_label_seq_id 
_pdbx_struct_sheet_hbond.range_1_PDB_ins_code 
_pdbx_struct_sheet_hbond.range_1_auth_atom_id 
_pdbx_struct_sheet_hbond.range_1_auth_comp_id 
_pdbx_struct_sheet_hbond.range_1_auth_asym_id 
_pdbx_struct_sheet_hbond.range_1_auth_seq_id 
_pdbx_struct_sheet_hbond.range_2_label_atom_id 
_pdbx_struct_sheet_hbond.range_2_label_comp_id 
_pdbx_struct_sheet_hbond.range_2_label_asym_id 
_pdbx_struct_sheet_hbond.range_2_label_seq_id 
_pdbx_struct_sheet_hbond.range_2_PDB_ins_code 
_pdbx_struct_sheet_hbond.range_2_auth_atom_id 
_pdbx_struct_sheet_hbond.range_2_auth_comp_id 
_pdbx_struct_sheet_hbond.range_2_auth_asym_id 
_pdbx_struct_sheet_hbond.range_2_auth_seq_id 
AA1 1 2 O PHE A 39  ? O PHE A 58  N LEU A 12  ? N LEU A 31  
AA1 2 3 N SER A 13  ? N SER A 32  O VAL A 67  ? O VAL A 86  
AA1 3 4 N ILE A 66  ? N ILE A 85  O ILE A 102 ? O ILE A 121 
AA1 4 5 N PHE A 103 ? N PHE A 122 O TRP A 149 ? O TRP A 168 
# 
_atom_sites.entry_id                    7RTS 
_atom_sites.Cartn_transf_matrix[1][1]   ? 
_atom_sites.Cartn_transf_matrix[1][2]   ? 
_atom_sites.Cartn_transf_matrix[1][3]   ? 
_atom_sites.Cartn_transf_matrix[2][1]   ? 
_atom_sites.Cartn_transf_matrix[2][2]   ? 
_atom_sites.Cartn_transf_matrix[2][3]   ? 
_atom_sites.Cartn_transf_matrix[3][1]   ? 
_atom_sites.Cartn_transf_matrix[3][2]   ? 
_atom_sites.Cartn_transf_matrix[3][3]   ? 
_atom_sites.Cartn_transf_vector[1]      ? 
_atom_sites.Cartn_transf_vector[2]      ? 
_atom_sites.Cartn_transf_vector[3]      ? 
_atom_sites.fract_transf_matrix[1][1]   0.00368747 
_atom_sites.fract_transf_matrix[1][2]   0.00178355 
_atom_sites.fract_transf_matrix[1][3]   -0.01942584 
_atom_sites.fract_transf_matrix[2][1]   0.01880794 
_atom_sites.fract_transf_matrix[2][2]   -0.00557208 
_atom_sites.fract_transf_matrix[2][3]   0.00305859 
_atom_sites.fract_transf_matrix[3][1]   -0.00216766 
_atom_sites.fract_transf_matrix[3][2]   -0.00794288 
_atom_sites.fract_transf_matrix[3][3]   -0.00114073 
_atom_sites.fract_transf_vector[1]      0.142703 
_atom_sites.fract_transf_vector[2]      -0.386706 
_atom_sites.fract_transf_vector[3]      0.054446 
_atom_sites.solution_primary            ? 
_atom_sites.solution_secondary          ? 
_atom_sites.solution_hydrogens          ? 
_atom_sites.special_details             ? 
# 
loop_
_atom_type.symbol 
_atom_type.scat_dispersion_real 
_atom_type.scat_dispersion_imag 
_atom_type.scat_Cromer_Mann_a1 
_atom_type.scat_Cromer_Mann_a2 
_atom_type.scat_Cromer_Mann_a3 
_atom_type.scat_Cromer_Mann_a4 
_atom_type.scat_Cromer_Mann_b1 
_atom_type.scat_Cromer_Mann_b2 
_atom_type.scat_Cromer_Mann_b3 
_atom_type.scat_Cromer_Mann_b4 
_atom_type.scat_Cromer_Mann_c 
_atom_type.scat_source 
_atom_type.scat_dispersion_source 
C ? ? 3.54356 2.42580 ? ? 25.62398 1.50364  ? ? 0.0 
;2-Gaussian fit: Grosse-Kunstleve RW, Sauter NK, Adams PD: Newsletter of the IUCr Commission on Crystallographic Computing 2004, 3, 22-31.
;
? 
N ? ? 4.01032 2.96436 ? ? 19.97189 1.75589  ? ? 0.0 
;2-Gaussian fit: Grosse-Kunstleve RW, Sauter NK, Adams PD: Newsletter of the IUCr Commission on Crystallographic Computing 2004, 3, 22-31.
;
? 
O ? ? 4.49882 3.47563 ? ? 15.80542 1.70748  ? ? 0.0 
;2-Gaussian fit: Grosse-Kunstleve RW, Sauter NK, Adams PD: Newsletter of the IUCr Commission on Crystallographic Computing 2004, 3, 22-31.
;
? 
S ? ? 9.55732 6.39887 ? ? 1.23737  29.19336 ? ? 0.0 
;2-Gaussian fit: Grosse-Kunstleve RW, Sauter NK, Adams PD: Newsletter of the IUCr Commission on Crystallographic Computing 2004, 3, 22-31.
;
? 
# 
loop_
_atom_site.group_PDB 
_atom_site.id 
_atom_site.type_symbol 
_atom_site.label_atom_id 
_atom_site.label_alt_id 
_atom_site.label_comp_id 
_atom_site.label_asym_id 
_atom_site.label_entity_id 
_atom_site.label_seq_id 
_atom_site.pdbx_PDB_ins_code 
_atom_site.Cartn_x 
_atom_site.Cartn_y 
_atom_site.Cartn_z 
_atom_site.occupancy 
_atom_site.B_iso_or_equiv 
_atom_site.pdbx_formal_charge 
_atom_site.auth_seq_id 
_atom_site.auth_comp_id 
_atom_site.auth_asym_id 
_atom_site.auth_atom_id 
_atom_site.pdbx_PDB_model_num 
ATOM   1    N N   . ALA A 1 3   ? 16.65566  12.29949  13.85688  1.000 53.76777 ? 22  ALA A N   1 
ATOM   2    C CA  . ALA A 1 3   ? 15.87027  11.52815  12.89781  1.000 51.71833 ? 22  ALA A CA  1 
ATOM   3    C C   . ALA A 1 3   ? 15.23600  12.43539  11.84427  1.000 51.35090 ? 22  ALA A C   1 
ATOM   4    O O   . ALA A 1 3   ? 15.04191  13.62688  12.08177  1.000 43.51151 ? 22  ALA A O   1 
ATOM   5    C CB  . ALA A 1 3   ? 14.80036  10.72464  13.61975  1.000 52.12216 ? 22  ALA A CB  1 
ATOM   6    N N   . ARG A 1 4   ? 14.91111  11.86617  10.68330  1.000 39.91117 ? 23  ARG A N   1 
ATOM   7    C CA  . ARG A 1 4   ? 14.25643  12.63084  9.63304   1.000 36.46774 ? 23  ARG A CA  1 
ATOM   8    C C   . ARG A 1 4   ? 12.81930  12.95534  10.04533  1.000 36.97168 ? 23  ARG A C   1 
ATOM   9    O O   . ARG A 1 4   ? 12.29368  12.43720  11.03593  1.000 35.90784 ? 23  ARG A O   1 
ATOM   10   C CB  . ARG A 1 4   ? 14.29414  11.86500  8.30914   1.000 45.36606 ? 23  ARG A CB  1 
ATOM   11   C CG  . ARG A 1 4   ? 13.39213  10.65065  8.26596   1.000 47.26905 ? 23  ARG A CG  1 
ATOM   12   C CD  . ARG A 1 4   ? 13.82096  9.65113   7.18779   1.000 46.44845 ? 23  ARG A CD  1 
ATOM   13   N NE  . ARG A 1 4   ? 13.05461  8.41532   7.27202   1.000 46.63226 ? 23  ARG A NE  1 
ATOM   14   C CZ  . ARG A 1 4   ? 11.83478  8.25450   6.78021   1.000 42.81838 ? 23  ARG A CZ  1 
ATOM   15   N NH1 . ARG A 1 4   ? 11.13887  7.15251   7.00702   1.000 42.26475 ? 23  ARG A NH1 1 
ATOM   16   N NH2 . ARG A 1 4   ? 11.30206  9.22227   6.03733   1.000 47.54405 ? 23  ARG A NH2 1 
ATOM   17   N N   . THR A 1 5   ? 12.18149  13.83421  9.27777   1.000 31.40014 ? 24  THR A N   1 
ATOM   18   C CA  . THR A 1 5   ? 10.90514  14.41434  9.67849   1.000 29.72811 ? 24  THR A CA  1 
ATOM   19   C C   . THR A 1 5   ? 9.76458   13.50295  9.24438   1.000 27.78725 ? 24  THR A C   1 
ATOM   20   O O   . THR A 1 5   ? 9.59767   13.23920  8.04963   1.000 33.59615 ? 24  THR A O   1 
ATOM   21   C CB  . THR A 1 5   ? 10.72502  15.80411  9.07413   1.000 42.64963 ? 24  THR A CB  1 
ATOM   22   O OG1 . THR A 1 5   ? 11.80123  16.66098  9.49264   1.000 44.59539 ? 24  THR A OG1 1 
ATOM   23   C CG2 . THR A 1 5   ? 9.39919   16.39687  9.53327   1.000 29.72039 ? 24  THR A CG2 1 
ATOM   24   N N   . ILE A 1 6   ? 8.97171   13.04071  10.20714  1.000 23.86412 ? 25  ILE A N   1 
ATOM   25   C CA  . ILE A 1 6   ? 7.87950   12.10753  9.94113   1.000 22.16322 ? 25  ILE A CA  1 
ATOM   26   C C   . ILE A 1 6   ? 6.56522   12.79979  10.26076  1.000 24.37851 ? 25  ILE A C   1 
ATOM   27   O O   . ILE A 1 6   ? 6.38081   13.29840  11.37738  1.000 24.93373 ? 25  ILE A O   1 
ATOM   28   C CB  . ILE A 1 6   ? 8.01617   10.81592  10.76552  1.000 24.94306 ? 25  ILE A CB  1 
ATOM   29   C CG1 . ILE A 1 6   ? 9.28274   10.05763  10.36007  1.000 28.45086 ? 25  ILE A CG1 1 
ATOM   30   C CG2 . ILE A 1 6   ? 6.77908   9.93079   10.58171  1.000 25.23126 ? 25  ILE A CG2 1 
ATOM   31   C CD1 . ILE A 1 6   ? 9.27794   9.62260   8.92039   1.000 32.65963 ? 25  ILE A CD1 1 
ATOM   32   N N   . THR A 1 7   ? 5.64871   12.82297  9.28525   1.000 18.94303 ? 26  THR A N   1 
ATOM   33   C CA  . THR A 1 7   ? 4.35298   13.45308  9.48203   1.000 15.96608 ? 26  THR A CA  1 
ATOM   34   C C   . THR A 1 7   ? 3.20696   12.46244  9.58073   1.000 18.51268 ? 26  THR A C   1 
ATOM   35   O O   . THR A 1 7   ? 2.12932   12.84625  10.04677  1.000 18.62324 ? 26  THR A O   1 
ATOM   36   C CB  . THR A 1 7   ? 4.03269   14.43778  8.34670   1.000 19.58596 ? 26  THR A CB  1 
ATOM   37   O OG1 . THR A 1 7   ? 4.13084   13.76786  7.08302   1.000 20.83834 ? 26  THR A OG1 1 
ATOM   38   C CG2 . THR A 1 7   ? 5.00869   15.61998  8.36790   1.000 21.82812 ? 26  THR A CG2 1 
ATOM   39   N N   . TYR A 1 8   ? 3.40789   11.21225  9.16536   1.000 18.38906 ? 27  TYR A N   1 
ATOM   40   C CA  . TYR A 1 8   ? 2.37045   10.18520  9.27176   1.000 17.09992 ? 27  TYR A CA  1 
ATOM   41   C C   . TYR A 1 8   ? 2.98924   8.86262   9.70154   1.000 17.78908 ? 27  TYR A C   1 
ATOM   42   O O   . TYR A 1 8   ? 4.14495   8.57082   9.39165   1.000 20.47141 ? 27  TYR A O   1 
ATOM   43   C CB  . TYR A 1 8   ? 1.61951   9.96815   7.94700   1.000 17.78018 ? 27  TYR A CB  1 
ATOM   44   C CG  . TYR A 1 8   ? 0.99215   11.23525  7.42530   1.000 18.10353 ? 27  TYR A CG  1 
ATOM   45   C CD1 . TYR A 1 8   ? -0.21860  11.69141  7.93349   1.000 20.15066 ? 27  TYR A CD1 1 
ATOM   46   C CD2 . TYR A 1 8   ? 1.63227   11.99123  6.45645   1.000 18.28986 ? 27  TYR A CD2 1 
ATOM   47   C CE1 . TYR A 1 8   ? -0.77613  12.88278  7.47805   1.000 15.69850 ? 27  TYR A CE1 1 
ATOM   48   C CE2 . TYR A 1 8   ? 1.08025   13.17887  5.99499   1.000 19.79678 ? 27  TYR A CE2 1 
ATOM   49   C CZ  . TYR A 1 8   ? -0.12203  13.61138  6.51666   1.000 15.62911 ? 27  TYR A CZ  1 
ATOM   50   O OH  . TYR A 1 8   ? -0.68022  14.78926  6.05466   1.000 18.56955 ? 27  TYR A OH  1 
ATOM   51   N N   . ASP A 1 9   ? 2.21005   8.06824   10.44072  1.000 15.82791 ? 28  ASP A N   1 
ATOM   52   C CA  . ASP A 1 9   ? 2.63479   6.70368   10.72991  1.000 19.26418 ? 28  ASP A CA  1 
ATOM   53   C C   . ASP A 1 9   ? 2.53329   5.83372   9.49017   1.000 19.52284 ? 28  ASP A C   1 
ATOM   54   O O   . ASP A 1 9   ? 3.40512   4.99221   9.23881   1.000 20.04059 ? 28  ASP A O   1 
ATOM   55   C CB  . ASP A 1 9   ? 1.77573   6.09781   11.83696  1.000 16.89042 ? 28  ASP A CB  1 
ATOM   56   C CG  . ASP A 1 9   ? 1.99276   6.75963   13.17583  1.000 22.18070 ? 28  ASP A CG  1 
ATOM   57   O OD1 . ASP A 1 9   ? 3.16988   6.98717   13.54537  1.000 21.49058 ? 28  ASP A OD1 1 
ATOM   58   O OD2 . ASP A 1 9   ? 0.98003   7.03370   13.85526  1.000 21.07152 ? 28  ASP A OD2 1 
ATOM   59   N N   . VAL A 1 10  ? 1.46969   6.02100   8.70742   1.000 17.39924 ? 29  VAL A N   1 
ATOM   60   C CA  . VAL A 1 10  ? 1.11491   5.10342   7.62899   1.000 16.77561 ? 29  VAL A CA  1 
ATOM   61   C C   . VAL A 1 10  ? 0.70031   5.89618   6.40229   1.000 18.93477 ? 29  VAL A C   1 
ATOM   62   O O   . VAL A 1 10  ? -0.18214  6.75662   6.49243   1.000 19.52402 ? 29  VAL A O   1 
ATOM   63   C CB  . VAL A 1 10  ? -0.04771  4.17363   8.03526   1.000 15.84279 ? 29  VAL A CB  1 
ATOM   64   C CG1 . VAL A 1 10  ? -0.59200  3.43225   6.79874   1.000 16.29410 ? 29  VAL A CG1 1 
ATOM   65   C CG2 . VAL A 1 10  ? 0.39333   3.18100   9.11686   1.000 18.55347 ? 29  VAL A CG2 1 
ATOM   66   N N   . PHE A 1 11  ? 1.29915   5.57508   5.25098   1.000 15.55547 ? 30  PHE A N   1 
ATOM   67   C CA  . PHE A 1 11  ? 0.77078   5.95941   3.95056   1.000 15.20938 ? 30  PHE A CA  1 
ATOM   68   C C   . PHE A 1 11  ? -0.03815  4.77864   3.43884   1.000 17.14423 ? 30  PHE A C   1 
ATOM   69   O O   . PHE A 1 11  ? 0.49312   3.67323   3.34298   1.000 17.34027 ? 30  PHE A O   1 
ATOM   70   C CB  . PHE A 1 11  ? 1.89276   6.30462   2.96924   1.000 18.90650 ? 30  PHE A CB  1 
ATOM   71   C CG  . PHE A 1 11  ? 1.40403   6.67947   1.60689   1.000 17.09120 ? 30  PHE A CG  1 
ATOM   72   C CD1 . PHE A 1 11  ? 1.22472   5.71087   0.62779   1.000 18.70467 ? 30  PHE A CD1 1 
ATOM   73   C CD2 . PHE A 1 11  ? 1.10843   7.99678   1.30588   1.000 18.97103 ? 30  PHE A CD2 1 
ATOM   74   C CE1 . PHE A 1 11  ? 0.75765   6.05845   -0.61791  1.000 17.72616 ? 30  PHE A CE1 1 
ATOM   75   C CE2 . PHE A 1 11  ? 0.65553   8.34924   0.06331   1.000 19.11134 ? 30  PHE A CE2 1 
ATOM   76   C CZ  . PHE A 1 11  ? 0.47462   7.37844   -0.89941  1.000 18.51688 ? 30  PHE A CZ  1 
ATOM   77   N N   . LEU A 1 12  ? -1.31147  5.00728   3.11986   1.000 17.73708 ? 31  LEU A N   1 
ATOM   78   C CA  . LEU A 1 12  ? -2.23265  3.93110   2.74575   1.000 16.57036 ? 31  LEU A CA  1 
ATOM   79   C C   . LEU A 1 12  ? -2.43872  3.91603   1.22820   1.000 15.27210 ? 31  LEU A C   1 
ATOM   80   O O   . LEU A 1 12  ? -3.07938  4.81237   0.67244   1.000 16.62795 ? 31  LEU A O   1 
ATOM   81   C CB  . LEU A 1 12  ? -3.55205  4.11146   3.49676   1.000 17.11653 ? 31  LEU A CB  1 
ATOM   82   C CG  . LEU A 1 12  ? -4.62812  3.03813   3.31507   1.000 17.36962 ? 31  LEU A CG  1 
ATOM   83   C CD1 . LEU A 1 12  ? -4.05493  1.66322   3.64449   1.000 15.86237 ? 31  LEU A CD1 1 
ATOM   84   C CD2 . LEU A 1 12  ? -5.81712  3.36267   4.20675   1.000 18.52429 ? 31  LEU A CD2 1 
ATOM   85   N N   . SER A 1 13  ? -1.91497  2.88396   0.56334   1.000 14.72474 ? 32  SER A N   1 
ATOM   86   C CA  . SER A 1 13  ? -1.96248  2.74147   -0.89228  1.000 17.12427 ? 32  SER A CA  1 
ATOM   87   C C   . SER A 1 13  ? -2.94665  1.64838   -1.26610  1.000 16.42705 ? 32  SER A C   1 
ATOM   88   O O   . SER A 1 13  ? -2.87797  0.55139   -0.70880  1.000 16.87043 ? 32  SER A O   1 
ATOM   89   C CB  . SER A 1 13  ? -0.58924  2.37107   -1.45313  1.000 17.02356 ? 32  SER A CB  1 
ATOM   90   O OG  . SER A 1 13  ? -0.62495  2.28369   -2.87471  1.000 18.88055 ? 32  SER A OG  1 
ATOM   91   N N   . PHE A 1 14  ? -3.83406  1.92491   -2.22174  1.000 15.88229 ? 33  PHE A N   1 
ATOM   92   C CA  . PHE A 1 14  ? -4.84516  0.93053   -2.56350  1.000 14.39379 ? 33  PHE A CA  1 
ATOM   93   C C   . PHE A 1 14  ? -5.46956  1.26216   -3.91245  1.000 16.32493 ? 33  PHE A C   1 
ATOM   94   O O   . PHE A 1 14  ? -5.29307  2.35319   -4.45438  1.000 19.00915 ? 33  PHE A O   1 
ATOM   95   C CB  . PHE A 1 14  ? -5.91186  0.83402   -1.46358  1.000 15.69036 ? 33  PHE A CB  1 
ATOM   96   C CG  . PHE A 1 14  ? -6.71810  2.10361   -1.25886  1.000 15.87387 ? 33  PHE A CG  1 
ATOM   97   C CD1 . PHE A 1 14  ? -6.17385  3.21354   -0.60727  1.000 16.51469 ? 33  PHE A CD1 1 
ATOM   98   C CD2 . PHE A 1 14  ? -8.03931  2.15935   -1.66966  1.000 20.52480 ? 33  PHE A CD2 1 
ATOM   99   C CE1 . PHE A 1 14  ? -6.94391  4.35807   -0.40067  1.000 21.73854 ? 33  PHE A CE1 1 
ATOM   100  C CE2 . PHE A 1 14  ? -8.80139  3.29618   -1.47648  1.000 22.42927 ? 33  PHE A CE2 1 
ATOM   101  C CZ  . PHE A 1 14  ? -8.25190  4.39881   -0.84405  1.000 22.90162 ? 33  PHE A CZ  1 
ATOM   102  N N   . ARG A 1 15  ? -6.19184  0.28291   -4.46365  1.000 16.35322 ? 34  ARG A N   1 
ATOM   103  C CA  . ARG A 1 15  ? -6.96353  0.47341   -5.68848  1.000 16.41564 ? 34  ARG A CA  1 
ATOM   104  C C   . ARG A 1 15  ? -8.41318  0.71806   -5.29317  1.000 18.63070 ? 34  ARG A C   1 
ATOM   105  O O   . ARG A 1 15  ? -9.09806  -0.20062  -4.82737  1.000 19.26086 ? 34  ARG A O   1 
ATOM   106  C CB  . ARG A 1 15  ? -6.84188  -0.74689  -6.60110  1.000 18.21707 ? 34  ARG A CB  1 
ATOM   107  C CG  . ARG A 1 15  ? -7.58579  -0.61419  -7.91484  1.000 21.77657 ? 34  ARG A CG  1 
ATOM   108  C CD  . ARG A 1 15  ? -6.74760  0.10317   -8.96909  1.000 25.85091 ? 34  ARG A CD  1 
ATOM   109  N NE  . ARG A 1 15  ? -7.56783  0.65103   -10.04482 1.000 29.17946 ? 34  ARG A NE  1 
ATOM   110  C CZ  . ARG A 1 15  ? -7.59237  0.17979   -11.28531 1.000 26.64056 ? 34  ARG A CZ  1 
ATOM   111  N NH1 . ARG A 1 15  ? -6.88037  -0.87967  -11.63931 1.000 23.45265 ? 34  ARG A NH1 1 
ATOM   112  N NH2 . ARG A 1 15  ? -8.34175  0.79388   -12.19652 1.000 29.21566 ? 34  ARG A NH2 1 
ATOM   113  N N   . GLY A 1 16  ? -8.86976  1.96109   -5.46848  1.000 20.57227 ? 35  GLY A N   1 
ATOM   114  C CA  . GLY A 1 16  ? -10.17003 2.34145   -4.94069  1.000 26.15020 ? 35  GLY A CA  1 
ATOM   115  C C   . GLY A 1 16  ? -11.31354 1.54014   -5.53260  1.000 22.98227 ? 35  GLY A C   1 
ATOM   116  O O   . GLY A 1 16  ? -12.25786 1.18291   -4.82659  1.000 24.54934 ? 35  GLY A O   1 
ATOM   117  N N   . GLU A 1 17  ? -11.25001 1.25040   -6.83752  1.000 21.00821 ? 36  GLU A N   1 
ATOM   118  C CA  . GLU A 1 17  ? -12.34205 0.50871   -7.46797  1.000 17.89453 ? 36  GLU A CA  1 
ATOM   119  C C   . GLU A 1 17  ? -12.47802 -0.88825  -6.88477  1.000 24.14476 ? 36  GLU A C   1 
ATOM   120  O O   . GLU A 1 17  ? -13.55080 -1.50042  -6.98871  1.000 22.53348 ? 36  GLU A O   1 
ATOM   121  C CB  . GLU A 1 17  ? -12.13400 0.42111   -8.98317  1.000 28.35212 ? 36  GLU A CB  1 
ATOM   122  C CG  . GLU A 1 17  ? -10.98692 -0.49057  -9.38974  1.000 25.67585 ? 36  GLU A CG  1 
ATOM   123  C CD  . GLU A 1 17  ? -11.04163 -0.89960  -10.84570 1.000 34.02603 ? 36  GLU A CD  1 
ATOM   124  O OE1 . GLU A 1 17  ? -10.29986 -1.83287  -11.22417 1.000 28.54450 ? 36  GLU A OE1 1 
ATOM   125  O OE2 . GLU A 1 17  ? -11.80956 -0.28255  -11.61272 1.000 34.27996 ? 36  GLU A OE2 1 
ATOM   126  N N   . ASP A 1 18  ? -11.41433 -1.40283  -6.27251  1.000 18.03603 ? 37  ASP A N   1 
ATOM   127  C CA  . ASP A 1 18  ? -11.42893 -2.72181  -5.65712  1.000 16.22896 ? 37  ASP A CA  1 
ATOM   128  C C   . ASP A 1 18  ? -11.88041 -2.68293  -4.20197  1.000 21.21749 ? 37  ASP A C   1 
ATOM   129  O O   . ASP A 1 18  ? -12.72287 -3.48565  -3.79365  1.000 24.30115 ? 37  ASP A O   1 
ATOM   130  C CB  . ASP A 1 18  ? -10.03287 -3.35030  -5.71872  1.000 19.02839 ? 37  ASP A CB  1 
ATOM   131  C CG  . ASP A 1 18  ? -9.65092  -3.83224  -7.10804  1.000 26.41915 ? 37  ASP A CG  1 
ATOM   132  O OD1 . ASP A 1 18  ? -10.52450 -3.89150  -8.00084  1.000 21.81203 ? 37  ASP A OD1 1 
ATOM   133  O OD2 . ASP A 1 18  ? -8.45266  -4.15372  -7.30131  1.000 21.07640 ? 37  ASP A OD2 1 
ATOM   134  N N   . THR A 1 19  ? -11.30298 -1.78917  -3.38928  1.000 19.98286 ? 38  THR A N   1 
ATOM   135  C CA  . THR A 1 19  ? -11.40260 -1.94244  -1.94407  1.000 17.27838 ? 38  THR A CA  1 
ATOM   136  C C   . THR A 1 19  ? -11.88395 -0.72047  -1.17488  1.000 17.15735 ? 38  THR A C   1 
ATOM   137  O O   . THR A 1 19  ? -11.93950 -0.78400  0.05929   1.000 21.85308 ? 38  THR A O   1 
ATOM   138  C CB  . THR A 1 19  ? -10.04183 -2.35040  -1.35453  1.000 19.41187 ? 38  THR A CB  1 
ATOM   139  O OG1 . THR A 1 19  ? -9.05871  -1.35377  -1.68821  1.000 21.11022 ? 38  THR A OG1 1 
ATOM   140  C CG2 . THR A 1 19  ? -9.62157  -3.68786  -1.90617  1.000 21.55717 ? 38  THR A CG2 1 
ATOM   141  N N   . ARG A 1 20  ? -12.22095 0.38455   -1.83399  1.000 18.00316 ? 39  ARG A N   1 
ATOM   142  C CA  . ARG A 1 20  ? -12.70533 1.51886   -1.05416  1.000 20.66102 ? 39  ARG A CA  1 
ATOM   143  C C   . ARG A 1 20  ? -13.96725 1.15266   -0.27496  1.000 24.11865 ? 39  ARG A C   1 
ATOM   144  O O   . ARG A 1 20  ? -14.09623 1.48242   0.91013   1.000 23.76400 ? 39  ARG A O   1 
ATOM   145  C CB  . ARG A 1 20  ? -12.98358 2.71509   -1.94794  1.000 20.60686 ? 39  ARG A CB  1 
ATOM   146  C CG  . ARG A 1 20  ? -13.68348 3.77437   -1.12726  1.000 26.40232 ? 39  ARG A CG  1 
ATOM   147  C CD  . ARG A 1 20  ? -13.64291 5.11272   -1.71158  1.000 33.60717 ? 39  ARG A CD  1 
ATOM   148  N NE  . ARG A 1 20  ? -14.47749 5.97752   -0.89223  1.000 32.17010 ? 39  ARG A NE  1 
ATOM   149  C CZ  . ARG A 1 20  ? -15.11665 7.03987   -1.35142  1.000 42.66963 ? 39  ARG A CZ  1 
ATOM   150  N NH1 . ARG A 1 20  ? -15.95286 7.72238   -0.58635  1.000 39.48395 ? 39  ARG A NH1 1 
ATOM   151  N NH2 . ARG A 1 20  ? -14.91471 7.42193   -2.61107  1.000 40.15168 ? 39  ARG A NH2 1 
ATOM   152  N N   . PHE A 1 21  ? -14.90505 0.46576   -0.92073  1.000 20.65219 ? 40  PHE A N   1 
ATOM   153  C CA  . PHE A 1 21  ? -16.19465 0.10817   -0.32283  1.000 21.29887 ? 40  PHE A CA  1 
ATOM   154  C C   . PHE A 1 21  ? -16.20334 -1.38297  0.01408   1.000 23.28628 ? 40  PHE A C   1 
ATOM   155  O O   . PHE A 1 21  ? -16.34302 -2.21784  -0.88187  1.000 22.24285 ? 40  PHE A O   1 
ATOM   156  C CB  . PHE A 1 21  ? -17.32845 0.45260   -1.29086  1.000 21.69382 ? 40  PHE A CB  1 
ATOM   157  C CG  . PHE A 1 21  ? -17.34508 1.89363   -1.72149  1.000 23.04531 ? 40  PHE A CG  1 
ATOM   158  C CD1 . PHE A 1 21  ? -16.96728 2.25421   -3.00530  1.000 24.14441 ? 40  PHE A CD1 1 
ATOM   159  C CD2 . PHE A 1 21  ? -17.73120 2.89136   -0.84148  1.000 23.02686 ? 40  PHE A CD2 1 
ATOM   160  C CE1 . PHE A 1 21  ? -16.97674 3.57337   -3.40215  1.000 25.43847 ? 40  PHE A CE1 1 
ATOM   161  C CE2 . PHE A 1 21  ? -17.74979 4.20597   -1.23541  1.000 30.17292 ? 40  PHE A CE2 1 
ATOM   162  C CZ  . PHE A 1 21  ? -17.36542 4.55133   -2.51914  1.000 28.40838 ? 40  PHE A CZ  1 
ATOM   163  N N   . ASN A 1 22  ? -16.06836 -1.73147  1.29680   1.000 20.86763 ? 41  ASN A N   1 
ATOM   164  C CA  . ASN A 1 22  ? -15.82804 -0.77681  2.37972   1.000 22.83963 ? 41  ASN A CA  1 
ATOM   165  C C   . ASN A 1 22  ? -14.50867 -1.06685  3.09356   1.000 23.70257 ? 41  ASN A C   1 
ATOM   166  O O   . ASN A 1 22  ? -14.18085 -0.41417  4.09219   1.000 21.95062 ? 41  ASN A O   1 
ATOM   167  C CB  . ASN A 1 22  ? -16.96116 -0.80978  3.41064   1.000 22.62250 ? 41  ASN A CB  1 
ATOM   168  C CG  . ASN A 1 22  ? -18.24170 -0.19138  2.89729   1.000 22.82839 ? 41  ASN A CG  1 
ATOM   169  O OD1 . ASN A 1 22  ? -18.21787 0.80706   2.16937   1.000 26.15637 ? 41  ASN A OD1 1 
ATOM   170  N ND2 . ASN A 1 22  ? -19.37754 -0.78153  3.28178   1.000 32.06249 ? 41  ASN A ND2 1 
ATOM   171  N N   . PHE A 1 23  ? -13.74789 -2.04733  2.59998   1.000 18.50536 ? 42  PHE A N   1 
ATOM   172  C CA  . PHE A 1 23  ? -12.59129 -2.50518  3.35682   1.000 17.22200 ? 42  PHE A CA  1 
ATOM   173  C C   . PHE A 1 23  ? -11.62214 -1.36694  3.66101   1.000 18.17591 ? 42  PHE A C   1 
ATOM   174  O O   . PHE A 1 23  ? -11.22806 -1.16818  4.81585   1.000 19.16050 ? 42  PHE A O   1 
ATOM   175  C CB  . PHE A 1 23  ? -11.85174 -3.60986  2.60641   1.000 20.72065 ? 42  PHE A CB  1 
ATOM   176  C CG  . PHE A 1 23  ? -10.60998 -4.05726  3.30917   1.000 19.26772 ? 42  PHE A CG  1 
ATOM   177  C CD1 . PHE A 1 23  ? -10.68453 -4.93722  4.37295   1.000 18.73142 ? 42  PHE A CD1 1 
ATOM   178  C CD2 . PHE A 1 23  ? -9.36847  -3.55728  2.94530   1.000 17.91659 ? 42  PHE A CD2 1 
ATOM   179  C CE1 . PHE A 1 23  ? -9.54797  -5.33394  5.03459   1.000 17.58274 ? 42  PHE A CE1 1 
ATOM   180  C CE2 . PHE A 1 23  ? -8.22694  -3.95589  3.61063   1.000 19.91790 ? 42  PHE A CE2 1 
ATOM   181  C CZ  . PHE A 1 23  ? -8.31688  -4.84262  4.64575   1.000 18.79078 ? 42  PHE A CZ  1 
ATOM   182  N N   . THR A 1 24  ? -11.19244 -0.62792  2.63640   1.000 16.70065 ? 43  THR A N   1 
ATOM   183  C CA  . THR A 1 24  ? -10.14460 0.35519   2.90475   1.000 16.81654 ? 43  THR A CA  1 
ATOM   184  C C   . THR A 1 24  ? -10.69146 1.57034   3.64372   1.000 18.70629 ? 43  THR A C   1 
ATOM   185  O O   . THR A 1 24  ? -9.98770  2.14478   4.48655   1.000 20.31228 ? 43  THR A O   1 
ATOM   186  C CB  . THR A 1 24  ? -9.44110  0.75521   1.60564   1.000 18.16751 ? 43  THR A CB  1 
ATOM   187  O OG1 . THR A 1 24  ? -8.80778  -0.40984  1.05648   1.000 18.68307 ? 43  THR A OG1 1 
ATOM   188  C CG2 . THR A 1 24  ? -8.38334  1.81102   1.88059   1.000 22.28710 ? 43  THR A CG2 1 
ATOM   189  N N   . ASP A 1 25  ? -11.94375 1.95308   3.37604   1.000 19.23229 ? 44  ASP A N   1 
ATOM   190  C CA  . ASP A 1 25  ? -12.57262 3.01333   4.16547   1.000 20.04104 ? 44  ASP A CA  1 
ATOM   191  C C   . ASP A 1 25  ? -12.59655 2.62709   5.63990   1.000 20.22458 ? 44  ASP A C   1 
ATOM   192  O O   . ASP A 1 25  ? -12.21963 3.41665   6.51060   1.000 18.89864 ? 44  ASP A O   1 
ATOM   193  C CB  . ASP A 1 25  ? -14.00148 3.27030   3.67123   1.000 22.62228 ? 44  ASP A CB  1 
ATOM   194  C CG  . ASP A 1 25  ? -14.08372 4.32127   2.57717   1.000 28.63405 ? 44  ASP A CG  1 
ATOM   195  O OD1 . ASP A 1 25  ? -13.08578 5.02875   2.32533   1.000 26.15622 ? 44  ASP A OD1 1 
ATOM   196  O OD2 . ASP A 1 25  ? -15.17664 4.43467   1.96326   1.000 28.14880 ? 44  ASP A OD2 1 
ATOM   197  N N   . HIS A 1 26  ? -13.02142 1.39168   5.93731   1.000 19.96780 ? 45  HIS A N   1 
ATOM   198  C CA  . HIS A 1 26  ? -13.07776 0.94938   7.32826   1.000 17.26065 ? 45  HIS A CA  1 
ATOM   199  C C   . HIS A 1 26  ? -11.69171 0.77952   7.92188   1.000 20.13390 ? 45  HIS A C   1 
ATOM   200  O O   . HIS A 1 26  ? -11.50020 1.01320   9.11967   1.000 20.85682 ? 45  HIS A O   1 
ATOM   201  C CB  . HIS A 1 26  ? -13.85995 -0.36450  7.42695   1.000 20.31544 ? 45  HIS A CB  1 
ATOM   202  C CG  . HIS A 1 26  ? -15.33269 -0.18632  7.26694   1.000 24.44434 ? 45  HIS A CG  1 
ATOM   203  N ND1 . HIS A 1 26  ? -16.21056 -1.24675  7.19834   1.000 30.40550 ? 45  HIS A ND1 1 
ATOM   204  C CD2 . HIS A 1 26  ? -16.08303 0.93438   7.15579   1.000 28.60881 ? 45  HIS A CD2 1 
ATOM   205  C CE1 . HIS A 1 26  ? -17.43971 -0.78517  7.05998   1.000 29.25791 ? 45  HIS A CE1 1 
ATOM   206  N NE2 . HIS A 1 26  ? -17.38995 0.53354   7.02914   1.000 30.43105 ? 45  HIS A NE2 1 
ATOM   207  N N   . LEU A 1 27  ? -10.72107 0.34840   7.11589   1.000 16.09812 ? 46  LEU A N   1 
ATOM   208  C CA  . LEU A 1 27  ? -9.35678  0.23154   7.62124   1.000 15.59345 ? 46  LEU A CA  1 
ATOM   209  C C   . LEU A 1 27  ? -8.79195  1.60513   7.98168   1.000 17.76077 ? 46  LEU A C   1 
ATOM   210  O O   . LEU A 1 27  ? -8.16782  1.77554   9.03824   1.000 18.98143 ? 46  LEU A O   1 
ATOM   211  C CB  . LEU A 1 27  ? -8.48346  -0.45894  6.57718   1.000 16.56150 ? 46  LEU A CB  1 
ATOM   212  C CG  . LEU A 1 27  ? -6.98187  -0.51499  6.81794   1.000 19.09687 ? 46  LEU A CG  1 
ATOM   213  C CD1 . LEU A 1 27  ? -6.65294  -1.42692  7.97670   1.000 21.36472 ? 46  LEU A CD1 1 
ATOM   214  C CD2 . LEU A 1 27  ? -6.32333  -0.99906  5.53967   1.000 19.84104 ? 46  LEU A CD2 1 
ATOM   215  N N   . TYR A 1 28  ? -9.00770  2.59396   7.11160   1.000 15.54160 ? 47  TYR A N   1 
ATOM   216  C CA  . TYR A 1 28  ? -8.54811  3.95516   7.39104   1.000 14.84639 ? 47  TYR A CA  1 
ATOM   217  C C   . TYR A 1 28  ? -9.11698  4.46492   8.70846   1.000 19.99544 ? 47  TYR A C   1 
ATOM   218  O O   . TYR A 1 28  ? -8.38589  5.00212   9.54971   1.000 18.61070 ? 47  TYR A O   1 
ATOM   219  C CB  . TYR A 1 28  ? -8.95720  4.86595   6.24051   1.000 13.80042 ? 47  TYR A CB  1 
ATOM   220  C CG  . TYR A 1 28  ? -8.59739  6.33041   6.42025   1.000 16.63514 ? 47  TYR A CG  1 
ATOM   221  C CD1 . TYR A 1 28  ? -7.28475  6.75668   6.26686   1.000 17.37509 ? 47  TYR A CD1 1 
ATOM   222  C CD2 . TYR A 1 28  ? -9.57665  7.27657   6.69706   1.000 21.20397 ? 47  TYR A CD2 1 
ATOM   223  C CE1 . TYR A 1 28  ? -6.94304  8.10034   6.39327   1.000 21.30876 ? 47  TYR A CE1 1 
ATOM   224  C CE2 . TYR A 1 28  ? -9.23656  8.62816   6.83855   1.000 21.89955 ? 47  TYR A CE2 1 
ATOM   225  C CZ  . TYR A 1 28  ? -7.92178  9.02101   6.68205   1.000 25.55293 ? 47  TYR A CZ  1 
ATOM   226  O OH  . TYR A 1 28  ? -7.57080  10.35234  6.81068   1.000 31.02205 ? 47  TYR A OH  1 
ATOM   227  N N   A SER A 1 29  ? -10.42408 4.29681   8.91629   0.254 18.86192 ? 48  SER A N   1 
ATOM   228  N N   B SER A 1 29  ? -10.42725 4.30613   8.90413   0.746 18.82516 ? 48  SER A N   1 
ATOM   229  C CA  A SER A 1 29  ? -11.02962 4.79442   10.14809  0.254 19.10749 ? 48  SER A CA  1 
ATOM   230  C CA  B SER A 1 29  ? -11.04112 4.77822   10.14083  0.746 18.99706 ? 48  SER A CA  1 
ATOM   231  C C   A SER A 1 29  ? -10.53857 4.01402   11.36177  0.254 22.05650 ? 48  SER A C   1 
ATOM   232  C C   B SER A 1 29  ? -10.49565 4.02333   11.34363  0.746 22.05922 ? 48  SER A C   1 
ATOM   233  O O   A SER A 1 29  ? -10.34687 4.58960   12.44043  0.254 23.28856 ? 48  SER A O   1 
ATOM   234  O O   B SER A 1 29  ? -10.22594 4.62057   12.39557  0.746 23.29284 ? 48  SER A O   1 
ATOM   235  C CB  A SER A 1 29  ? -12.55293 4.73480   10.04758  0.254 21.78277 ? 48  SER A CB  1 
ATOM   236  C CB  B SER A 1 29  ? -12.55902 4.63260   10.05631  0.746 21.69740 ? 48  SER A CB  1 
ATOM   237  O OG  A SER A 1 29  ? -13.02425 3.40983   10.19749  0.254 22.48058 ? 48  SER A OG  1 
ATOM   238  O OG  B SER A 1 29  ? -13.08308 5.44758   9.02179   0.746 27.71342 ? 48  SER A OG  1 
ATOM   239  N N   . ALA A 1 30  ? -10.32542 2.70354   11.20594  1.000 20.29046 ? 49  ALA A N   1 
ATOM   240  C CA  . ALA A 1 30  ? -9.85603  1.89241   12.32371  1.000 18.67403 ? 49  ALA A CA  1 
ATOM   241  C C   . ALA A 1 30  ? -8.43284  2.25814   12.71845  1.000 21.22529 ? 49  ALA A C   1 
ATOM   242  O O   . ALA A 1 30  ? -8.09150  2.23621   13.90689  1.000 20.45878 ? 49  ALA A O   1 
ATOM   243  C CB  . ALA A 1 30  ? -9.94489  0.39803   11.97415  1.000 17.53894 ? 49  ALA A CB  1 
ATOM   244  N N   . LEU A 1 31  ? -7.58195  2.57937   11.73971  1.000 16.66680 ? 50  LEU A N   1 
ATOM   245  C CA  . LEU A 1 31  ? -6.22901  3.00955   12.06526  1.000 17.44898 ? 50  LEU A CA  1 
ATOM   246  C C   . LEU A 1 31  ? -6.26705  4.29184   12.89350  1.000 21.34594 ? 50  LEU A C   1 
ATOM   247  O O   . LEU A 1 31  ? -5.58931  4.40314   13.92168  1.000 22.39601 ? 50  LEU A O   1 
ATOM   248  C CB  . LEU A 1 31  ? -5.41670  3.21625   10.78456  1.000 19.98221 ? 50  LEU A CB  1 
ATOM   249  C CG  . LEU A 1 31  ? -5.00090  1.95155   10.01807  1.000 19.27813 ? 50  LEU A CG  1 
ATOM   250  C CD1 . LEU A 1 31  ? -4.58331  2.30675   8.57497   1.000 19.92480 ? 50  LEU A CD1 1 
ATOM   251  C CD2 . LEU A 1 31  ? -3.87115  1.22797   10.73756  1.000 19.79850 ? 50  LEU A CD2 1 
ATOM   252  N N   . GLY A 1 32  ? -7.08919  5.25458   12.47562  1.000 20.55860 ? 51  GLY A N   1 
ATOM   253  C CA  . GLY A 1 32  ? -7.15214  6.52394   13.19447  1.000 18.06182 ? 51  GLY A CA  1 
ATOM   254  C C   . GLY A 1 32  ? -7.69761  6.37666   14.60284  1.000 28.42750 ? 51  GLY A C   1 
ATOM   255  O O   . GLY A 1 32  ? -7.20082  7.01064   15.53832  1.000 27.12157 ? 51  GLY A O   1 
ATOM   256  N N   . ARG A 1 33  ? -8.72274  5.53505   14.77673  1.000 26.31943 ? 52  ARG A N   1 
ATOM   257  C CA  . ARG A 1 33  ? -9.25733  5.26992   16.11031  1.000 26.77515 ? 52  ARG A CA  1 
ATOM   258  C C   . ARG A 1 33  ? -8.20458  4.68111   17.03678  1.000 29.78681 ? 52  ARG A C   1 
ATOM   259  O O   . ARG A 1 33  ? -8.32663  4.79309   18.26136  1.000 30.86457 ? 52  ARG A O   1 
ATOM   260  C CB  . ARG A 1 33  ? -10.44969 4.31224   16.03418  1.000 30.16263 ? 52  ARG A CB  1 
ATOM   261  C CG  . ARG A 1 33  ? -11.70646 4.87065   15.39348  1.000 39.97769 ? 52  ARG A CG  1 
ATOM   262  C CD  . ARG A 1 33  ? -12.92558 4.03499   15.82950  1.000 35.72242 ? 52  ARG A CD  1 
ATOM   263  N NE  . ARG A 1 33  ? -12.93199 2.69738   15.24117  1.000 41.67452 ? 52  ARG A NE  1 
ATOM   264  C CZ  . ARG A 1 33  ? -13.33165 2.41790   14.00591  1.000 37.26683 ? 52  ARG A CZ  1 
ATOM   265  N NH1 . ARG A 1 33  ? -13.82930 3.35309   13.20982  1.000 40.31447 ? 52  ARG A NH1 1 
ATOM   266  N NH2 . ARG A 1 33  ? -13.23169 1.16819   13.55801  1.000 40.38296 ? 52  ARG A NH2 1 
ATOM   267  N N   . ARG A 1 34  ? -7.19975  4.00365   16.49115  1.000 24.61827 ? 53  ARG A N   1 
ATOM   268  C CA  . ARG A 1 34  ? -6.09277  3.51742   17.30261  1.000 25.26618 ? 53  ARG A CA  1 
ATOM   269  C C   . ARG A 1 34  ? -4.96335  4.53673   17.41541  1.000 29.41092 ? 53  ARG A C   1 
ATOM   270  O O   . ARG A 1 34  ? -3.88316  4.19357   17.90423  1.000 32.72599 ? 53  ARG A O   1 
ATOM   271  C CB  . ARG A 1 34  ? -5.55032  2.19710   16.73929  1.000 29.31549 ? 53  ARG A CB  1 
ATOM   272  C CG  . ARG A 1 34  ? -6.34698  0.97126   17.17998  1.000 34.22872 ? 53  ARG A CG  1 
ATOM   273  C CD  . ARG A 1 34  ? -6.23829  -0.16558  16.17068  1.000 35.33433 ? 53  ARG A CD  1 
ATOM   274  N NE  . ARG A 1 34  ? -7.17887  -1.25411  16.43493  1.000 37.44467 ? 53  ARG A NE  1 
ATOM   275  C CZ  . ARG A 1 34  ? -8.49222  -1.18117  16.25365  1.000 43.39996 ? 53  ARG A CZ  1 
ATOM   276  N NH1 . ARG A 1 34  ? -9.07026  -0.07789  15.79917  1.000 43.50335 ? 53  ARG A NH1 1 
ATOM   277  N NH2 . ARG A 1 34  ? -9.24551  -2.24369  16.53013  1.000 41.02171 ? 53  ARG A NH2 1 
ATOM   278  N N   . GLY A 1 35  ? -5.18958  5.77203   16.97278  1.000 26.84353 ? 54  GLY A N   1 
ATOM   279  C CA  . GLY A 1 35  ? -4.15086  6.78625   16.99855  1.000 28.99135 ? 54  GLY A CA  1 
ATOM   280  C C   . GLY A 1 35  ? -3.03301  6.55491   16.01155  1.000 28.47454 ? 54  GLY A C   1 
ATOM   281  O O   . GLY A 1 35  ? -1.93825  7.08663   16.19485  1.000 29.86355 ? 54  GLY A O   1 
ATOM   282  N N   . ILE A 1 36  ? -3.27297  5.77399   14.96198  1.000 20.61623 ? 55  ILE A N   1 
ATOM   283  C CA  . ILE A 1 36  ? -2.26861  5.52496   13.93360  1.000 18.81655 ? 55  ILE A CA  1 
ATOM   284  C C   . ILE A 1 36  ? -2.51299  6.55874   12.84400  1.000 21.11084 ? 55  ILE A C   1 
ATOM   285  O O   . ILE A 1 36  ? -3.51561  6.49201   12.13314  1.000 21.55309 ? 55  ILE A O   1 
ATOM   286  C CB  . ILE A 1 36  ? -2.35083  4.08971   13.39144  1.000 16.83954 ? 55  ILE A CB  1 
ATOM   287  C CG1 . ILE A 1 36  ? -2.02017  3.08364   14.49061  1.000 19.21422 ? 55  ILE A CG1 1 
ATOM   288  C CG2 . ILE A 1 36  ? -1.41103  3.88519   12.21371  1.000 18.41162 ? 55  ILE A CG2 1 
ATOM   289  C CD1 . ILE A 1 36  ? -2.50333  1.66104   14.15754  1.000 25.24894 ? 55  ILE A CD1 1 
ATOM   290  N N   . ARG A 1 37  ? -1.62919  7.55666   12.75317  1.000 21.14690 ? 56  ARG A N   1 
ATOM   291  C CA  . ARG A 1 37  ? -1.86981  8.71052   11.89608  1.000 16.74154 ? 56  ARG A CA  1 
ATOM   292  C C   . ARG A 1 37  ? -1.61666  8.33477   10.43960  1.000 16.53847 ? 56  ARG A C   1 
ATOM   293  O O   . ARG A 1 37  ? -0.49297  7.97701   10.07198  1.000 19.15111 ? 56  ARG A O   1 
ATOM   294  C CB  . ARG A 1 37  ? -0.98568  9.86943   12.35674  1.000 21.83231 ? 56  ARG A CB  1 
ATOM   295  C CG  . ARG A 1 37  ? -0.91653  9.93147   13.89619  1.000 26.65677 ? 56  ARG A CG  1 
ATOM   296  C CD  . ARG A 1 37  ? -0.73859  11.34359  14.44922  1.000 33.29592 ? 56  ARG A CD  1 
ATOM   297  N NE  . ARG A 1 37  ? -0.73895  11.34483  15.91214  1.000 30.08131 ? 56  ARG A NE  1 
ATOM   298  C CZ  . ARG A 1 37  ? -0.68321  12.43900  16.65861  1.000 35.91878 ? 56  ARG A CZ  1 
ATOM   299  N NH1 . ARG A 1 37  ? -0.61666  12.37382  17.97859  1.000 32.79167 ? 56  ARG A NH1 1 
ATOM   300  N NH2 . ARG A 1 37  ? -0.69125  13.62969  16.06498  1.000 34.88584 ? 56  ARG A NH2 1 
ATOM   301  N N   . THR A 1 38  ? -2.66184  8.42170   9.60951   1.000 16.30427 ? 57  THR A N   1 
ATOM   302  C CA  . THR A 1 38  ? -2.66931  7.80059   8.29342   1.000 15.47778 ? 57  THR A CA  1 
ATOM   303  C C   . THR A 1 38  ? -2.97847  8.81497   7.20121   1.000 16.44474 ? 57  THR A C   1 
ATOM   304  O O   . THR A 1 38  ? -3.91150  9.61423   7.32261   1.000 18.42367 ? 57  THR A O   1 
ATOM   305  C CB  . THR A 1 38  ? -3.69505  6.65745   8.25534   1.000 19.36163 ? 57  THR A CB  1 
ATOM   306  O OG1 . THR A 1 38  ? -3.40054  5.73851   9.31904   1.000 18.62391 ? 57  THR A OG1 1 
ATOM   307  C CG2 . THR A 1 38  ? -3.63011  5.89068   6.92013   1.000 17.59481 ? 57  THR A CG2 1 
ATOM   308  N N   . PHE A 1 39  ? -2.21485  8.74807   6.11557   1.000 17.79263 ? 58  PHE A N   1 
ATOM   309  C CA  . PHE A 1 39  ? -2.46875  9.53288   4.91081   1.000 17.00662 ? 58  PHE A CA  1 
ATOM   310  C C   . PHE A 1 39  ? -2.98924  8.57019   3.85023   1.000 17.32101 ? 58  PHE A C   1 
ATOM   311  O O   . PHE A 1 39  ? -2.24163  7.70639   3.38375   1.000 18.11595 ? 58  PHE A O   1 
ATOM   312  C CB  . PHE A 1 39  ? -1.19777  10.23041  4.43496   1.000 16.29940 ? 58  PHE A CB  1 
ATOM   313  C CG  . PHE A 1 39  ? -1.40613  11.14501  3.25433   1.000 15.83621 ? 58  PHE A CG  1 
ATOM   314  C CD1 . PHE A 1 39  ? -1.47451  10.63218  1.96288   1.000 16.20141 ? 58  PHE A CD1 1 
ATOM   315  C CD2 . PHE A 1 39  ? -1.51777  12.51354  3.43285   1.000 19.11298 ? 58  PHE A CD2 1 
ATOM   316  C CE1 . PHE A 1 39  ? -1.65231  11.46404  0.87391   1.000 20.73598 ? 58  PHE A CE1 1 
ATOM   317  C CE2 . PHE A 1 39  ? -1.71284  13.36559  2.34832   1.000 18.24726 ? 58  PHE A CE2 1 
ATOM   318  C CZ  . PHE A 1 39  ? -1.76933  12.84228  1.06262   1.000 19.94461 ? 58  PHE A CZ  1 
ATOM   319  N N   . ARG A 1 40  ? -4.25705  8.71031   3.46295   1.000 17.72068 ? 59  ARG A N   1 
ATOM   320  C CA  . ARG A 1 40  ? -4.80266  7.84703   2.41979   1.000 18.12531 ? 59  ARG A CA  1 
ATOM   321  C C   . ARG A 1 40  ? -4.58692  8.48590   1.05303   1.000 20.29583 ? 59  ARG A C   1 
ATOM   322  O O   . ARG A 1 40  ? -4.69548  9.70749   0.89790   1.000 20.40280 ? 59  ARG A O   1 
ATOM   323  C CB  . ARG A 1 40  ? -6.28805  7.55897   2.64804   1.000 21.43927 ? 59  ARG A CB  1 
ATOM   324  C CG  . ARG A 1 40  ? -7.16507  8.79776   2.72929   1.000 20.05850 ? 59  ARG A CG  1 
ATOM   325  C CD  . ARG A 1 40  ? -8.59170  8.42821   3.14720   1.000 24.46815 ? 59  ARG A CD  1 
ATOM   326  N NE  . ARG A 1 40  ? -9.29135  7.70984   2.08719   1.000 25.41807 ? 59  ARG A NE  1 
ATOM   327  C CZ  . ARG A 1 40  ? -10.38011 6.96957   2.26365   1.000 29.33266 ? 59  ARG A CZ  1 
ATOM   328  N NH1 . ARG A 1 40  ? -10.92555 6.81301   3.46265   1.000 26.04380 ? 59  ARG A NH1 1 
ATOM   329  N NH2 . ARG A 1 40  ? -10.94602 6.38537   1.20631   1.000 24.18678 ? 59  ARG A NH2 1 
ATOM   330  N N   . ASP A 1 41  ? -4.30196  7.64482   0.05560   1.000 17.09864 ? 60  ASP A N   1 
ATOM   331  C CA  . ASP A 1 41  ? -3.73395  8.09849   -1.20949  1.000 19.03140 ? 60  ASP A CA  1 
ATOM   332  C C   . ASP A 1 41  ? -4.77792  8.60731   -2.19983  1.000 24.56648 ? 60  ASP A C   1 
ATOM   333  O O   . ASP A 1 41  ? -4.41200  8.91767   -3.33785  1.000 25.65923 ? 60  ASP A O   1 
ATOM   334  C CB  . ASP A 1 41  ? -2.92514  6.94988   -1.85625  1.000 21.30738 ? 60  ASP A CB  1 
ATOM   335  C CG  . ASP A 1 41  ? -3.80399  5.83011   -2.42945  1.000 23.33394 ? 60  ASP A CG  1 
ATOM   336  O OD1 . ASP A 1 41  ? -5.00822  5.77019   -2.11222  1.000 25.59594 ? 60  ASP A OD1 1 
ATOM   337  O OD2 . ASP A 1 41  ? -3.25265  4.92560   -3.11269  1.000 22.55062 ? 60  ASP A OD2 1 
ATOM   338  N N   . ASP A 1 42  ? -6.05866  8.68115   -1.82834  1.000 23.86722 ? 61  ASP A N   1 
ATOM   339  C CA  . ASP A 1 42  ? -7.11899  8.89925   -2.81202  1.000 23.84900 ? 61  ASP A CA  1 
ATOM   340  C C   . ASP A 1 42  ? -7.83083  10.23738  -2.65506  1.000 35.11344 ? 61  ASP A C   1 
ATOM   341  O O   . ASP A 1 42  ? -8.90038  10.43455  -3.24494  1.000 29.08421 ? 61  ASP A O   1 
ATOM   342  C CB  . ASP A 1 42  ? -8.14423  7.76234   -2.75558  1.000 24.20687 ? 61  ASP A CB  1 
ATOM   343  C CG  . ASP A 1 42  ? -8.89491  7.71420   -1.43753  1.000 32.69461 ? 61  ASP A CG  1 
ATOM   344  O OD1 . ASP A 1 42  ? -8.31251  8.11754   -0.40919  1.000 23.41230 ? 61  ASP A OD1 1 
ATOM   345  O OD2 . ASP A 1 42  ? -10.06946 7.26628   -1.42759  1.000 27.42637 ? 61  ASP A OD2 1 
ATOM   346  N N   . LYS A 1 43  ? -7.26464  11.16516  -1.89593  1.000 30.15544 ? 62  LYS A N   1 
ATOM   347  C CA  . LYS A 1 43  ? -7.92979  12.43381  -1.62618  1.000 36.49373 ? 62  LYS A CA  1 
ATOM   348  C C   . LYS A 1 43  ? -7.54981  13.52981  -2.61187  1.000 46.15871 ? 62  LYS A C   1 
ATOM   349  O O   . LYS A 1 43  ? -8.09192  14.63876  -2.52828  1.000 50.78185 ? 62  LYS A O   1 
ATOM   350  C CB  . LYS A 1 43  ? -7.61742  12.88557  -0.19726  1.000 39.76585 ? 62  LYS A CB  1 
ATOM   351  C CG  . LYS A 1 43  ? -8.43546  12.16774  0.86886   1.000 36.66014 ? 62  LYS A CG  1 
ATOM   352  C CD  . LYS A 1 43  ? -9.75623  11.66485  0.31627   1.000 37.96066 ? 62  LYS A CD  1 
ATOM   353  C CE  . LYS A 1 43  ? -10.75663 11.38145  1.42995   1.000 38.25579 ? 62  LYS A CE  1 
ATOM   354  N NZ  . LYS A 1 43  ? -12.09958 11.04581  0.87043   1.000 49.87712 ? 62  LYS A NZ  1 
ATOM   355  N N   . LEU A 1 44  ? -6.64115  13.25241  -3.53730  1.000 41.51348 ? 63  LEU A N   1 
ATOM   356  C CA  . LEU A 1 44  ? -6.17209  14.24383  -4.48933  1.000 41.98512 ? 63  LEU A CA  1 
ATOM   357  C C   . LEU A 1 44  ? -6.76646  13.95089  -5.85982  1.000 48.31562 ? 63  LEU A C   1 
ATOM   358  O O   . LEU A 1 44  ? -6.97354  12.79012  -6.22895  1.000 50.96892 ? 63  LEU A O   1 
ATOM   359  C CB  . LEU A 1 44  ? -4.63960  14.25208  -4.56093  1.000 42.19294 ? 63  LEU A CB  1 
ATOM   360  C CG  . LEU A 1 44  ? -3.94183  14.94041  -3.38038  1.000 39.19474 ? 63  LEU A CG  1 
ATOM   361  C CD1 . LEU A 1 44  ? -2.59770  15.51836  -3.79485  1.000 51.53414 ? 63  LEU A CD1 1 
ATOM   362  C CD2 . LEU A 1 44  ? -4.82992  16.01997  -2.76757  1.000 42.93661 ? 63  LEU A CD2 1 
ATOM   363  N N   . ARG A 1 45  ? -7.06022  15.01936  -6.59866  1.000 57.04682 ? 64  ARG A N   1 
ATOM   364  C CA  . ARG A 1 45  ? -7.58454  14.87707  -7.94913  1.000 59.76373 ? 64  ARG A CA  1 
ATOM   365  C C   . ARG A 1 45  ? -6.61149  14.07265  -8.79793  1.000 60.45808 ? 64  ARG A C   1 
ATOM   366  O O   . ARG A 1 45  ? -5.41038  14.35685  -8.82432  1.000 57.42222 ? 64  ARG A O   1 
ATOM   367  C CB  . ARG A 1 45  ? -7.82832  16.25264  -8.57248  1.000 55.37584 ? 64  ARG A CB  1 
ATOM   368  N N   . ARG A 1 46  ? -7.13012  13.05026  -9.47217  1.000 55.51468 ? 65  ARG A N   1 
ATOM   369  C CA  . ARG A 1 46  ? -6.30006  12.17969  -10.28975 1.000 55.62947 ? 65  ARG A CA  1 
ATOM   370  C C   . ARG A 1 46  ? -5.94318  12.89724  -11.58969 1.000 64.34374 ? 65  ARG A C   1 
ATOM   371  O O   . ARG A 1 46  ? -6.26205  14.07247  -11.79547 1.000 65.70328 ? 65  ARG A O   1 
ATOM   372  C CB  . ARG A 1 46  ? -7.00952  10.85153  -10.53913 1.000 52.50327 ? 65  ARG A CB  1 
ATOM   373  N N   . GLY A 1 47  ? -5.28162  12.18266  -12.48612 1.000 66.86577 ? 66  GLY A N   1 
ATOM   374  C CA  . GLY A 1 47  ? -4.80552  12.76585  -13.72118 1.000 63.05900 ? 66  GLY A CA  1 
ATOM   375  C C   . GLY A 1 47  ? -3.71410  11.89062  -14.30088 1.000 62.19488 ? 66  GLY A C   1 
ATOM   376  O O   . GLY A 1 47  ? -3.43128  10.80403  -13.79827 1.000 67.65785 ? 66  GLY A O   1 
ATOM   377  N N   . GLU A 1 48  ? -3.09989  12.39415  -15.36896 1.000 53.35766 ? 67  GLU A N   1 
ATOM   378  C CA  . GLU A 1 48  ? -2.09671  11.58741  -16.05244 1.000 55.10916 ? 67  GLU A CA  1 
ATOM   379  C C   . GLU A 1 48  ? -0.83224  11.42831  -15.22160 1.000 57.68729 ? 67  GLU A C   1 
ATOM   380  O O   . GLU A 1 48  ? -0.18292  10.37758  -15.28249 1.000 58.44368 ? 67  GLU A O   1 
ATOM   381  C CB  . GLU A 1 48  ? -1.77581  12.19191  -17.41356 1.000 49.14450 ? 67  GLU A CB  1 
ATOM   382  C CG  . GLU A 1 48  ? -3.00980  12.43032  -18.25351 1.000 46.10886 ? 67  GLU A CG  1 
ATOM   383  C CD  . GLU A 1 48  ? -2.73209  12.27625  -19.72774 1.000 42.34017 ? 67  GLU A CD  1 
ATOM   384  O OE1 . GLU A 1 48  ? -3.68261  11.98695  -20.48450 1.000 42.20816 ? 67  GLU A OE1 1 
ATOM   385  O OE2 . GLU A 1 48  ? -1.55922  12.44184  -20.12247 1.000 47.80375 ? 67  GLU A OE2 1 
ATOM   386  N N   . ALA A 1 49  ? -0.47237  12.44100  -14.44098 1.000 60.44967 ? 68  ALA A N   1 
ATOM   387  C CA  . ALA A 1 49  ? 0.71209   12.40105  -13.59798 1.000 56.32985 ? 68  ALA A CA  1 
ATOM   388  C C   . ALA A 1 49  ? 0.29745   12.31275  -12.13708 1.000 48.93860 ? 68  ALA A C   1 
ATOM   389  O O   . ALA A 1 49  ? -0.66087  12.96831  -11.71582 1.000 55.78009 ? 68  ALA A O   1 
ATOM   390  C CB  . ALA A 1 49  ? 1.58916   13.63886  -13.81966 1.000 59.11893 ? 68  ALA A CB  1 
ATOM   391  N N   . ILE A 1 50  ? 1.01425   11.48935  -11.36965 1.000 50.81251 ? 69  ILE A N   1 
ATOM   392  C CA  . ILE A 1 50  ? 0.78700   11.43562  -9.93156  1.000 53.07326 ? 69  ILE A CA  1 
ATOM   393  C C   . ILE A 1 50  ? 1.16631   12.77002  -9.30925  1.000 45.79576 ? 69  ILE A C   1 
ATOM   394  O O   . ILE A 1 50  ? 2.16886   13.39125  -9.68714  1.000 44.89143 ? 69  ILE A O   1 
ATOM   395  C CB  . ILE A 1 50  ? 1.56801   10.27548  -9.28939  1.000 50.50407 ? 69  ILE A CB  1 
ATOM   396  C CG1 . ILE A 1 50  ? 1.15949   8.94589   -9.92747  1.000 54.16454 ? 69  ILE A CG1 1 
ATOM   397  C CG2 . ILE A 1 50  ? 1.37071   10.25554  -7.77016  1.000 52.38930 ? 69  ILE A CG2 1 
ATOM   398  C CD1 . ILE A 1 50  ? 1.30505   7.76751   -9.00006  1.000 48.83539 ? 69  ILE A CD1 1 
ATOM   399  N N   . ALA A 1 51  ? 0.35679   13.21743  -8.35498  1.000 47.62205 ? 70  ALA A N   1 
ATOM   400  C CA  . ALA A 1 51  ? 0.59879   14.49910  -7.71693  1.000 45.61309 ? 70  ALA A CA  1 
ATOM   401  C C   . ALA A 1 51  ? 1.92541   14.46791  -6.96281  1.000 39.64903 ? 70  ALA A C   1 
ATOM   402  O O   . ALA A 1 51  ? 2.23325   13.48096  -6.28340  1.000 43.60656 ? 70  ALA A O   1 
ATOM   403  C CB  . ALA A 1 51  ? -0.54212  14.84793  -6.75928  1.000 49.26645 ? 70  ALA A CB  1 
ATOM   404  N N   . PRO A 1 52  ? 2.73987   15.51580  -7.07260  1.000 35.92070 ? 71  PRO A N   1 
ATOM   405  C CA  . PRO A 1 52  ? 3.95757   15.57642  -6.25229  1.000 38.46341 ? 71  PRO A CA  1 
ATOM   406  C C   . PRO A 1 52  ? 3.67177   15.52657  -4.76383  1.000 37.25571 ? 71  PRO A C   1 
ATOM   407  O O   . PRO A 1 52  ? 4.52561   15.07379  -3.99063  1.000 37.94366 ? 71  PRO A O   1 
ATOM   408  C CB  . PRO A 1 52  ? 4.59107   16.91238  -6.66579  1.000 36.82925 ? 71  PRO A CB  1 
ATOM   409  C CG  . PRO A 1 52  ? 4.07193   17.16970  -8.02933  1.000 43.93014 ? 71  PRO A CG  1 
ATOM   410  C CD  . PRO A 1 52  ? 2.68093   16.59899  -8.06621  1.000 41.03737 ? 71  PRO A CD  1 
ATOM   411  N N   . GLU A 1 53  ? 2.48738   15.97023  -4.33733  1.000 39.93946 ? 72  GLU A N   1 
ATOM   412  C CA  . GLU A 1 53  ? 2.16654   15.95006  -2.91416  1.000 42.65338 ? 72  GLU A CA  1 
ATOM   413  C C   . GLU A 1 53  ? 1.98987   14.52695  -2.40095  1.000 35.33243 ? 72  GLU A C   1 
ATOM   414  O O   . GLU A 1 53  ? 2.23249   14.26395  -1.21644  1.000 30.78350 ? 72  GLU A O   1 
ATOM   415  C CB  . GLU A 1 53  ? 0.91123   16.78336  -2.64098  1.000 42.48501 ? 72  GLU A CB  1 
ATOM   416  C CG  . GLU A 1 53  ? 1.06349   18.28051  -2.94407  1.000 45.28983 ? 72  GLU A CG  1 
ATOM   417  C CD  . GLU A 1 53  ? 0.70097   18.63695  -4.38104  1.000 51.55879 ? 72  GLU A CD  1 
ATOM   418  O OE1 . GLU A 1 53  ? 0.41418   17.71369  -5.17804  1.000 49.34475 ? 72  GLU A OE1 1 
ATOM   419  O OE2 . GLU A 1 53  ? 0.69356   19.84524  -4.70905  1.000 59.10322 ? 72  GLU A OE2 1 
ATOM   420  N N   . LEU A 1 54  ? 1.56734   13.60494  -3.27182  1.000 30.11220 ? 73  LEU A N   1 
ATOM   421  C CA  . LEU A 1 54  ? 1.50531   12.19581  -2.90517  1.000 32.68989 ? 73  LEU A CA  1 
ATOM   422  C C   . LEU A 1 54  ? 2.89854   11.64946  -2.63617  1.000 28.81901 ? 73  LEU A C   1 
ATOM   423  O O   . LEU A 1 54  ? 3.13630   10.98870  -1.62099  1.000 28.86011 ? 73  LEU A O   1 
ATOM   424  C CB  . LEU A 1 54  ? 0.82568   11.40448  -4.02430  1.000 34.56397 ? 73  LEU A CB  1 
ATOM   425  C CG  . LEU A 1 54  ? -0.67954  11.15193  -3.94842  1.000 35.30972 ? 73  LEU A CG  1 
ATOM   426  C CD1 . LEU A 1 54  ? -1.02875  9.89554   -4.72058  1.000 46.71375 ? 73  LEU A CD1 1 
ATOM   427  C CD2 . LEU A 1 54  ? -1.14271  11.01413  -2.51997  1.000 35.80766 ? 73  LEU A CD2 1 
ATOM   428  N N   . LEU A 1 55  ? 3.83438   11.90905  -3.55301  1.000 27.67855 ? 74  LEU A N   1 
ATOM   429  C CA  . LEU A 1 55  ? 5.20963   11.45642  -3.37094  1.000 26.54441 ? 74  LEU A CA  1 
ATOM   430  C C   . LEU A 1 55  ? 5.80865   12.00528  -2.08034  1.000 25.53904 ? 74  LEU A C   1 
ATOM   431  O O   . LEU A 1 55  ? 6.54943   11.30683  -1.38088  1.000 26.71078 ? 74  LEU A O   1 
ATOM   432  C CB  . LEU A 1 55  ? 6.05018   11.87795  -4.57939  1.000 32.41665 ? 74  LEU A CB  1 
ATOM   433  C CG  . LEU A 1 55  ? 5.55037   11.35333  -5.92705  1.000 34.30924 ? 74  LEU A CG  1 
ATOM   434  C CD1 . LEU A 1 55  ? 6.47092   11.78299  -7.05275  1.000 39.24913 ? 74  LEU A CD1 1 
ATOM   435  C CD2 . LEU A 1 55  ? 5.44119   9.83964   -5.89097  1.000 35.42797 ? 74  LEU A CD2 1 
ATOM   436  N N   . LYS A 1 56  ? 5.50753   13.25605  -1.74434  1.000 25.28734 ? 75  LYS A N   1 
ATOM   437  C CA  . LYS A 1 56  ? 6.09083   13.82248  -0.53349  1.000 22.92370 ? 75  LYS A CA  1 
ATOM   438  C C   . LYS A 1 56  ? 5.50236   13.15791  0.70665   1.000 25.41627 ? 75  LYS A C   1 
ATOM   439  O O   . LYS A 1 56  ? 6.21087   12.92610  1.69619   1.000 23.19602 ? 75  LYS A O   1 
ATOM   440  C CB  . LYS A 1 56  ? 5.87589   15.33946  -0.51760  1.000 28.19488 ? 75  LYS A CB  1 
ATOM   441  C CG  . LYS A 1 56  ? 6.39526   16.04345  0.73129   1.000 40.28641 ? 75  LYS A CG  1 
ATOM   442  C CD  . LYS A 1 56  ? 7.72228   16.74079  0.45369   1.000 46.97264 ? 75  LYS A CD  1 
ATOM   443  C CE  . LYS A 1 56  ? 8.05795   17.78373  1.52446   1.000 47.53609 ? 75  LYS A CE  1 
ATOM   444  N NZ  . LYS A 1 56  ? 8.90391   17.22949  2.61981   1.000 54.41807 ? 75  LYS A NZ  1 
ATOM   445  N N   . ALA A 1 57  ? 4.21112   12.81371  0.65982   1.000 24.88354 ? 76  ALA A N   1 
ATOM   446  C CA  . ALA A 1 57  ? 3.59594   12.12393  1.78749   1.000 21.70234 ? 76  ALA A CA  1 
ATOM   447  C C   . ALA A 1 57  ? 4.25589   10.77324  2.03293   1.000 18.51438 ? 76  ALA A C   1 
ATOM   448  O O   . ALA A 1 57  ? 4.42718   10.36049  3.18707   1.000 23.52156 ? 76  ALA A O   1 
ATOM   449  C CB  . ALA A 1 57  ? 2.09229   11.94537  1.54535   1.000 21.62152 ? 76  ALA A CB  1 
ATOM   450  N N   . ILE A 1 58  ? 4.61330   10.05365  0.96181   1.000 18.51081 ? 77  ILE A N   1 
ATOM   451  C CA  . ILE A 1 58  ? 5.29148   8.76729   1.14362   1.000 18.78545 ? 77  ILE A CA  1 
ATOM   452  C C   . ILE A 1 58  ? 6.62517   8.97343   1.85254   1.000 20.76000 ? 77  ILE A C   1 
ATOM   453  O O   . ILE A 1 58  ? 6.95380   8.27948   2.82472   1.000 20.65277 ? 77  ILE A O   1 
ATOM   454  C CB  . ILE A 1 58  ? 5.47439   8.05774   -0.20987  1.000 23.64795 ? 77  ILE A CB  1 
ATOM   455  C CG1 . ILE A 1 58  ? 4.11195   7.77064   -0.84969  1.000 22.15151 ? 77  ILE A CG1 1 
ATOM   456  C CG2 . ILE A 1 58  ? 6.29012   6.77587   -0.03320  1.000 22.96421 ? 77  ILE A CG2 1 
ATOM   457  C CD1 . ILE A 1 58  ? 4.19152   7.27536   -2.30392  1.000 23.99782 ? 77  ILE A CD1 1 
ATOM   458  N N   . GLU A 1 59  ? 7.41032   9.94131   1.37283   1.000 22.53694 ? 78  GLU A N   1 
ATOM   459  C CA  . GLU A 1 59  ? 8.70646   10.23535  1.97886   1.000 23.99888 ? 78  GLU A CA  1 
ATOM   460  C C   . GLU A 1 59  ? 8.58012   10.61038  3.44736   1.000 28.17817 ? 78  GLU A C   1 
ATOM   461  O O   . GLU A 1 59  ? 9.49760   10.34993  4.23130   1.000 29.23498 ? 78  GLU A O   1 
ATOM   462  C CB  . GLU A 1 59  ? 9.39337   11.37716  1.22437   1.000 24.44337 ? 78  GLU A CB  1 
ATOM   463  C CG  . GLU A 1 59  ? 9.60664   11.07957  -0.24901  1.000 29.88074 ? 78  GLU A CG  1 
ATOM   464  C CD  . GLU A 1 59  ? 10.19898  12.24603  -1.02102  1.000 42.97902 ? 78  GLU A CD  1 
ATOM   465  O OE1 . GLU A 1 59  ? 9.89412   13.41969  -0.69680  1.000 44.96584 ? 78  GLU A OE1 1 
ATOM   466  O OE2 . GLU A 1 59  ? 10.96737  11.98211  -1.96789  1.000 43.98477 ? 78  GLU A OE2 1 
ATOM   467  N N   . GLU A 1 60  ? 7.46724   11.22987  3.83339   1.000 19.95283 ? 79  GLU A N   1 
ATOM   468  C CA  . GLU A 1 60  ? 7.26503   11.69415  5.19833   1.000 22.45027 ? 79  GLU A CA  1 
ATOM   469  C C   . GLU A 1 60  ? 6.60346   10.66421  6.10590   1.000 23.04201 ? 79  GLU A C   1 
ATOM   470  O O   . GLU A 1 60  ? 6.34271   10.97666  7.26981   1.000 21.29855 ? 79  GLU A O   1 
ATOM   471  C CB  . GLU A 1 60  ? 6.40591   12.96390  5.20056   1.000 22.79478 ? 79  GLU A CB  1 
ATOM   472  C CG  . GLU A 1 60  ? 7.05953   14.19517  4.61835   1.000 36.70958 ? 79  GLU A CG  1 
ATOM   473  C CD  . GLU A 1 60  ? 6.09277   15.37674  4.53658   1.000 36.32357 ? 79  GLU A CD  1 
ATOM   474  O OE1 . GLU A 1 60  ? 4.90337   15.22144  4.89811   1.000 39.71839 ? 79  GLU A OE1 1 
ATOM   475  O OE2 . GLU A 1 60  ? 6.51139   16.44691  4.07302   1.000 39.94380 ? 79  GLU A OE2 1 
ATOM   476  N N   . SER A 1 61  ? 6.29272   9.46305   5.61635   1.000 19.85611 ? 80  SER A N   1 
ATOM   477  C CA  . SER A 1 61  ? 5.63059   8.46865   6.44898   1.000 20.61848 ? 80  SER A CA  1 
ATOM   478  C C   . SER A 1 61  ? 6.59269   7.41599   6.98176   1.000 19.65137 ? 80  SER A C   1 
ATOM   479  O O   . SER A 1 61  ? 7.56963   7.03653   6.32966   1.000 21.31610 ? 80  SER A O   1 
ATOM   480  C CB  . SER A 1 61  ? 4.47463   7.78842   5.70055   1.000 19.04600 ? 80  SER A CB  1 
ATOM   481  O OG  . SER A 1 61  ? 3.64763   8.75734   5.07286   1.000 19.67882 ? 80  SER A OG  1 
ATOM   482  N N   . ARG A 1 62  ? 6.28199   6.94147   8.18960   1.000 18.62161 ? 81  ARG A N   1 
ATOM   483  C CA  . ARG A 1 62  ? 7.08617   5.90727   8.82567   1.000 18.42603 ? 81  ARG A CA  1 
ATOM   484  C C   . ARG A 1 62  ? 6.95541   4.58450   8.08913   1.000 25.70574 ? 81  ARG A C   1 
ATOM   485  O O   . ARG A 1 62  ? 7.86978   3.75450   8.12193   1.000 24.87782 ? 81  ARG A O   1 
ATOM   486  C CB  . ARG A 1 62  ? 6.65646   5.75492   10.28249  1.000 21.25274 ? 81  ARG A CB  1 
ATOM   487  C CG  . ARG A 1 62  ? 7.37136   4.66136   11.05450  1.000 30.99444 ? 81  ARG A CG  1 
ATOM   488  C CD  . ARG A 1 62  ? 8.85219   4.95722   11.20230  1.000 43.01606 ? 81  ARG A CD  1 
ATOM   489  N NE  . ARG A 1 62  ? 9.54509   3.87796   11.90039  1.000 46.57364 ? 81  ARG A NE  1 
ATOM   490  C CZ  . ARG A 1 62  ? 10.06221  2.80995   11.30560  1.000 51.39586 ? 81  ARG A CZ  1 
ATOM   491  N NH1 . ARG A 1 62  ? 10.68578  1.86747   11.99569  1.000 53.87171 ? 81  ARG A NH1 1 
ATOM   492  N NH2 . ARG A 1 62  ? 9.95134   2.68385   9.98487   1.000 33.76322 ? 81  ARG A NH2 1 
ATOM   493  N N   . SER A 1 63  ? 5.83044   4.38151   7.41773   1.000 19.26439 ? 82  SER A N   1 
ATOM   494  C CA  . SER A 1 63  ? 5.53362   3.09415   6.81027   1.000 19.02519 ? 82  SER A CA  1 
ATOM   495  C C   . SER A 1 63  ? 4.46390   3.29262   5.75445   1.000 18.56112 ? 82  SER A C   1 
ATOM   496  O O   . SER A 1 63  ? 3.78995   4.33022   5.71743   1.000 17.65984 ? 82  SER A O   1 
ATOM   497  C CB  . SER A 1 63  ? 5.06643   2.08593   7.86037   1.000 21.27543 ? 82  SER A CB  1 
ATOM   498  O OG  . SER A 1 63  ? 3.70783   2.33693   8.20109   1.000 20.98609 ? 82  SER A OG  1 
ATOM   499  N N   . SER A 1 64  ? 4.32691   2.28534   4.88711   1.000 16.49718 ? 83  SER A N   1 
ATOM   500  C CA  . SER A 1 64  ? 3.19839   2.19355   3.96920   1.000 16.45404 ? 83  SER A CA  1 
ATOM   501  C C   . SER A 1 64  ? 2.45035   0.88962   4.18926   1.000 20.73752 ? 83  SER A C   1 
ATOM   502  O O   . SER A 1 64  ? 3.05344   -0.15228  4.46633   1.000 20.33333 ? 83  SER A O   1 
ATOM   503  C CB  . SER A 1 64  ? 3.62975   2.29035   2.50276   1.000 16.42996 ? 83  SER A CB  1 
ATOM   504  O OG  . SER A 1 64  ? 4.28646   3.53428   2.23489   1.000 19.68601 ? 83  SER A OG  1 
ATOM   505  N N   . VAL A 1 65  ? 1.13078   0.95997   4.06607   1.000 14.82202 ? 84  VAL A N   1 
ATOM   506  C CA  . VAL A 1 65  ? 0.27994   -0.22518  4.02806   1.000 16.61200 ? 84  VAL A CA  1 
ATOM   507  C C   . VAL A 1 65  ? -0.23067  -0.31913  2.60469   1.000 16.60698 ? 84  VAL A C   1 
ATOM   508  O O   . VAL A 1 65  ? -0.83104  0.63344   2.09665   1.000 18.45103 ? 84  VAL A O   1 
ATOM   509  C CB  . VAL A 1 65  ? -0.88608  -0.14414  5.02806   1.000 17.83691 ? 84  VAL A CB  1 
ATOM   510  C CG1 . VAL A 1 65  ? -1.91550  -1.25544  4.72918   1.000 20.46279 ? 84  VAL A CG1 1 
ATOM   511  C CG2 . VAL A 1 65  ? -0.39162  -0.25306  6.47330   1.000 19.64381 ? 84  VAL A CG2 1 
ATOM   512  N N   A ILE A 1 66  ? 0.00414   -1.45667  1.95010   0.534 17.11326 ? 85  ILE A N   1 
ATOM   513  N N   B ILE A 1 66  ? 0.03180   -1.45239  1.95867   0.466 17.13243 ? 85  ILE A N   1 
ATOM   514  C CA  A ILE A 1 66  ? -0.43690  -1.67671  0.57657   0.534 16.67719 ? 85  ILE A CA  1 
ATOM   515  C CA  B ILE A 1 66  ? -0.42542  -1.72290  0.60408   0.466 16.66290 ? 85  ILE A CA  1 
ATOM   516  C C   A ILE A 1 66  ? -1.59769  -2.65165  0.60705   0.534 18.14958 ? 85  ILE A C   1 
ATOM   517  C C   B ILE A 1 66  ? -1.63912  -2.62617  0.71284   0.466 18.19361 ? 85  ILE A C   1 
ATOM   518  O O   A ILE A 1 66  ? -1.43838  -3.79670  1.04289   0.534 17.87451 ? 85  ILE A O   1 
ATOM   519  O O   B ILE A 1 66  ? -1.56615  -3.69195  1.33529   0.466 17.77363 ? 85  ILE A O   1 
ATOM   520  C CB  A ILE A 1 66  ? 0.68463   -2.23328  -0.30977  0.534 18.71302 ? 85  ILE A CB  1 
ATOM   521  C CB  B ILE A 1 66  ? 0.67254   -2.39550  -0.23557  0.466 18.30570 ? 85  ILE A CB  1 
ATOM   522  C CG1 A ILE A 1 66  ? 1.93032   -1.35208  -0.21554  0.534 17.47386 ? 85  ILE A CG1 1 
ATOM   523  C CG1 B ILE A 1 66  ? 2.02811   -1.72414  0.02755   0.466 17.71079 ? 85  ILE A CG1 1 
ATOM   524  C CG2 A ILE A 1 66  ? 0.20268   -2.36893  -1.76004  0.534 19.04911 ? 85  ILE A CG2 1 
ATOM   525  C CG2 B ILE A 1 66  ? 0.30233   -2.37400  -1.72243  0.466 19.07925 ? 85  ILE A CG2 1 
ATOM   526  C CD1 A ILE A 1 66  ? 3.15502   -2.07263  -0.65006  0.534 15.40502 ? 85  ILE A CD1 1 
ATOM   527  C CD1 B ILE A 1 66  ? 2.08207   -0.29363  -0.41854  0.466 17.25427 ? 85  ILE A CD1 1 
ATOM   528  N N   . VAL A 1 67  ? -2.76091  -2.20935  0.13713   1.000 16.24734 ? 86  VAL A N   1 
ATOM   529  C CA  . VAL A 1 67  ? -3.92392  -3.09097  0.02315   1.000 15.27700 ? 86  VAL A CA  1 
ATOM   530  C C   . VAL A 1 67  ? -3.84973  -3.66442  -1.38454  1.000 17.67125 ? 86  VAL A C   1 
ATOM   531  O O   . VAL A 1 67  ? -4.39004  -3.10141  -2.34110  1.000 16.73256 ? 86  VAL A O   1 
ATOM   532  C CB  . VAL A 1 67  ? -5.24833  -2.38339  0.28988   1.000 16.67030 ? 86  VAL A CB  1 
ATOM   533  C CG1 . VAL A 1 67  ? -6.37094  -3.44133  0.36880   1.000 14.89617 ? 86  VAL A CG1 1 
ATOM   534  C CG2 . VAL A 1 67  ? -5.19791  -1.60272  1.57828   1.000 17.92959 ? 86  VAL A CG2 1 
ATOM   535  N N   . PHE A 1 68  ? -3.17678  -4.80900  -1.51396  1.000 15.06224 ? 87  PHE A N   1 
ATOM   536  C CA  . PHE A 1 68  ? -3.18996  -5.49778  -2.79255  1.000 16.30793 ? 87  PHE A CA  1 
ATOM   537  C C   . PHE A 1 68  ? -4.59170  -6.02620  -3.04246  1.000 18.87205 ? 87  PHE A C   1 
ATOM   538  O O   . PHE A 1 68  ? -5.26154  -6.49990  -2.12116  1.000 20.48413 ? 87  PHE A O   1 
ATOM   539  C CB  . PHE A 1 68  ? -2.20319  -6.66351  -2.80049  1.000 16.46616 ? 87  PHE A CB  1 
ATOM   540  C CG  . PHE A 1 68  ? -0.77419  -6.25290  -3.03721  1.000 19.56248 ? 87  PHE A CG  1 
ATOM   541  C CD1 . PHE A 1 68  ? -0.40074  -5.61248  -4.21368  1.000 18.85918 ? 87  PHE A CD1 1 
ATOM   542  C CD2 . PHE A 1 68  ? 0.19957   -6.53351  -2.08665  1.000 20.92441 ? 87  PHE A CD2 1 
ATOM   543  C CE1 . PHE A 1 68  ? 0.92411   -5.24439  -4.42423  1.000 26.47977 ? 87  PHE A CE1 1 
ATOM   544  C CE2 . PHE A 1 68  ? 1.51740   -6.16129  -2.28779  1.000 22.03061 ? 87  PHE A CE2 1 
ATOM   545  C CZ  . PHE A 1 68  ? 1.88479   -5.53212  -3.44884  1.000 21.09000 ? 87  PHE A CZ  1 
ATOM   546  N N   . SER A 1 69  ? -5.02410  -5.94595  -4.29599  1.000 20.04672 ? 88  SER A N   1 
ATOM   547  C CA  . SER A 1 69  ? -6.30658  -6.47104  -4.72786  1.000 16.27898 ? 88  SER A CA  1 
ATOM   548  C C   . SER A 1 69  ? -6.15990  -6.82958  -6.19641  1.000 19.95020 ? 88  SER A C   1 
ATOM   549  O O   . SER A 1 69  ? -5.13025  -6.54969  -6.81557  1.000 19.38328 ? 88  SER A O   1 
ATOM   550  C CB  . SER A 1 69  ? -7.43144  -5.45517  -4.54576  1.000 16.41570 ? 88  SER A CB  1 
ATOM   551  O OG  . SER A 1 69  ? -7.07533  -4.21334  -5.13553  1.000 17.82139 ? 88  SER A OG  1 
ATOM   552  N N   . GLU A 1 70  ? -7.22538  -7.40970  -6.76493  1.000 23.28244 ? 89  GLU A N   1 
ATOM   553  C CA  . GLU A 1 70  ? -7.15474  -7.95620  -8.11915  1.000 24.24035 ? 89  GLU A CA  1 
ATOM   554  C C   . GLU A 1 70  ? -6.54928  -6.97501  -9.11456  1.000 20.51149 ? 89  GLU A C   1 
ATOM   555  O O   . GLU A 1 70  ? -5.72245  -7.35679  -9.95251  1.000 22.90360 ? 89  GLU A O   1 
ATOM   556  C CB  . GLU A 1 70  ? -8.55045  -8.36484  -8.59336  1.000 23.50137 ? 89  GLU A CB  1 
ATOM   557  C CG  . GLU A 1 70  ? -8.61510  -8.98925  -10.00034 1.000 35.84400 ? 89  GLU A CG  1 
ATOM   558  C CD  . GLU A 1 70  ? -7.35341  -9.74667  -10.42616 1.000 46.71646 ? 89  GLU A CD  1 
ATOM   559  O OE1 . GLU A 1 70  ? -6.93911  -9.61156  -11.60098 1.000 47.90573 ? 89  GLU A OE1 1 
ATOM   560  O OE2 . GLU A 1 70  ? -6.81530  -10.53255 -9.61802  1.000 47.55828 ? 89  GLU A OE2 1 
ATOM   561  N N   . ASN A 1 71  ? -6.94761  -5.70664  -9.04908  1.000 18.88478 ? 90  ASN A N   1 
ATOM   562  C CA  . ASN A 1 71  ? -6.57194  -4.73499  -10.06813 1.000 21.83119 ? 90  ASN A CA  1 
ATOM   563  C C   . ASN A 1 71  ? -5.52088  -3.72856  -9.60957  1.000 17.05919 ? 90  ASN A C   1 
ATOM   564  O O   . ASN A 1 71  ? -5.24152  -2.77103  -10.34077 1.000 21.01323 ? 90  ASN A O   1 
ATOM   565  C CB  . ASN A 1 71  ? -7.82654  -4.01925  -10.56367 1.000 21.15757 ? 90  ASN A CB  1 
ATOM   566  C CG  . ASN A 1 71  ? -8.82181  -4.99161  -11.18021 1.000 25.20937 ? 90  ASN A CG  1 
ATOM   567  O OD1 . ASN A 1 71  ? -8.50931  -5.65152  -12.16446 1.000 27.18999 ? 90  ASN A OD1 1 
ATOM   568  N ND2 . ASN A 1 71  ? -9.99168  -5.13090  -10.56829 1.000 23.72509 ? 90  ASN A ND2 1 
ATOM   569  N N   . TYR A 1 72  ? -4.91769  -3.92424  -8.43153  1.000 19.19533 ? 91  TYR A N   1 
ATOM   570  C CA  . TYR A 1 72  ? -3.86330  -3.01613  -7.97742  1.000 17.37814 ? 91  TYR A CA  1 
ATOM   571  C C   . TYR A 1 72  ? -2.70382  -2.99891  -8.96556  1.000 20.89838 ? 91  TYR A C   1 
ATOM   572  O O   . TYR A 1 72  ? -2.25783  -1.93266  -9.40358  1.000 21.21204 ? 91  TYR A O   1 
ATOM   573  C CB  . TYR A 1 72  ? -3.38071  -3.42830  -6.57924  1.000 15.87196 ? 91  TYR A CB  1 
ATOM   574  C CG  . TYR A 1 72  ? -2.38443  -2.45857  -5.95629  1.000 17.47776 ? 91  TYR A CG  1 
ATOM   575  C CD1 . TYR A 1 72  ? -1.02953  -2.52788  -6.26821  1.000 20.82769 ? 91  TYR A CD1 1 
ATOM   576  C CD2 . TYR A 1 72  ? -2.80271  -1.47993  -5.07606  1.000 15.56989 ? 91  TYR A CD2 1 
ATOM   577  C CE1 . TYR A 1 72  ? -0.11107  -1.64047  -5.71931  1.000 19.51853 ? 91  TYR A CE1 1 
ATOM   578  C CE2 . TYR A 1 72  ? -1.88260  -0.58144  -4.50862  1.000 19.45133 ? 91  TYR A CE2 1 
ATOM   579  C CZ  . TYR A 1 72  ? -0.54209  -0.68201  -4.83148  1.000 21.43800 ? 91  TYR A CZ  1 
ATOM   580  O OH  . TYR A 1 72  ? 0.37207   0.18900   -4.28437  1.000 19.09142 ? 91  TYR A OH  1 
ATOM   581  N N   . ALA A 1 73  ? -2.22054  -4.17887  -9.35325  1.000 16.61771 ? 92  ALA A N   1 
ATOM   582  C CA  . ALA A 1 73  ? -1.11936  -4.27316  -10.30693 1.000 20.47933 ? 92  ALA A CA  1 
ATOM   583  C C   . ALA A 1 73  ? -1.56583  -4.06182  -11.75266 1.000 30.69143 ? 92  ALA A C   1 
ATOM   584  O O   . ALA A 1 73  ? -0.78051  -4.31290  -12.67328 1.000 30.83408 ? 92  ALA A O   1 
ATOM   585  C CB  . ALA A 1 73  ? -0.41611  -5.63042  -10.17340 1.000 25.29269 ? 92  ALA A CB  1 
ATOM   586  N N   . ARG A 1 74  ? -2.80017  -3.60974  -11.97298 1.000 21.12512 ? 93  ARG A N   1 
ATOM   587  C CA  . ARG A 1 74  ? -3.29683  -3.28132  -13.30385 1.000 23.17680 ? 93  ARG A CA  1 
ATOM   588  C C   . ARG A 1 74  ? -3.52832  -1.78154  -13.46755 1.000 30.19935 ? 93  ARG A C   1 
ATOM   589  O O   . ARG A 1 74  ? -4.19957  -1.35591  -14.41472 1.000 34.25671 ? 93  ARG A O   1 
ATOM   590  C CB  . ARG A 1 74  ? -4.57704  -4.06694  -13.60307 1.000 27.22121 ? 93  ARG A CB  1 
ATOM   591  C CG  . ARG A 1 74  ? -4.40387  -5.57912  -13.46844 1.000 26.21253 ? 93  ARG A CG  1 
ATOM   592  C CD  . ARG A 1 74  ? -5.68023  -6.34484  -13.82202 1.000 40.28743 ? 93  ARG A CD  1 
ATOM   593  N NE  . ARG A 1 74  ? -6.16235  -6.00120  -15.15460 1.000 38.83622 ? 93  ARG A NE  1 
ATOM   594  C CZ  . ARG A 1 74  ? -5.78669  -6.61517  -16.26769 1.000 55.63617 ? 93  ARG A CZ  1 
ATOM   595  N NH1 . ARG A 1 74  ? -4.94276  -7.63548  -16.24406 1.000 53.96801 ? 93  ARG A NH1 1 
ATOM   596  N NH2 . ARG A 1 74  ? -6.26662  -6.19299  -17.43443 1.000 59.62241 ? 93  ARG A NH2 1 
ATOM   597  N N   . SER A 1 75  ? -2.97277  -0.97573  -12.56403 1.000 23.59260 ? 94  SER A N   1 
ATOM   598  C CA  . SER A 1 75  ? -3.11758  0.47569   -12.56819 1.000 27.53458 ? 94  SER A CA  1 
ATOM   599  C C   . SER A 1 75  ? -1.73389  1.11112   -12.61942 1.000 30.21975 ? 94  SER A C   1 
ATOM   600  O O   . SER A 1 75  ? -0.89982  0.84852   -11.74709 1.000 26.92285 ? 94  SER A O   1 
ATOM   601  C CB  . SER A 1 75  ? -3.87963  0.94302   -11.32438 1.000 27.64543 ? 94  SER A CB  1 
ATOM   602  O OG  . SER A 1 75  ? -3.57058  2.28433   -10.99099 1.000 29.67933 ? 94  SER A OG  1 
ATOM   603  N N   . ARG A 1 76  ? -1.48733  1.94009   -13.64250 1.000 32.14084 ? 95  ARG A N   1 
ATOM   604  C CA  . ARG A 1 76  ? -0.22927  2.68477   -13.69643 1.000 30.12387 ? 95  ARG A CA  1 
ATOM   605  C C   . ARG A 1 76  ? -0.06275  3.57389   -12.47325 1.000 30.39927 ? 95  ARG A C   1 
ATOM   606  O O   . ARG A 1 76  ? 1.04463   3.72109   -11.93963 1.000 28.13173 ? 95  ARG A O   1 
ATOM   607  C CB  . ARG A 1 76  ? -0.15875  3.53759   -14.96891 1.000 38.72556 ? 95  ARG A CB  1 
ATOM   608  C CG  . ARG A 1 76  ? -0.33836  2.78930   -16.27823 1.000 44.73275 ? 95  ARG A CG  1 
ATOM   609  C CD  . ARG A 1 76  ? -0.88733  3.70912   -17.37357 1.000 48.54510 ? 95  ARG A CD  1 
ATOM   610  N NE  . ARG A 1 76  ? -1.27921  2.95691   -18.56107 1.000 59.45891 ? 95  ARG A NE  1 
ATOM   611  C CZ  . ARG A 1 76  ? -2.52553  2.62199   -18.86693 1.000 59.08954 ? 95  ARG A CZ  1 
ATOM   612  N NH1 . ARG A 1 76  ? -3.54406  2.97739   -18.10200 1.000 61.08860 ? 95  ARG A NH1 1 
ATOM   613  N NH2 . ARG A 1 76  ? -2.75457  1.91049   -19.96785 1.000 56.45314 ? 95  ARG A NH2 1 
ATOM   614  N N   . TRP A 1 77  ? -1.15795  4.19140   -12.03326 1.000 35.84487 ? 96  TRP A N   1 
ATOM   615  C CA  . TRP A 1 77  ? -1.13924  5.04694   -10.85562 1.000 29.97311 ? 96  TRP A CA  1 
ATOM   616  C C   . TRP A 1 77  ? -0.68437  4.28310   -9.61995  1.000 30.09122 ? 96  TRP A C   1 
ATOM   617  O O   . TRP A 1 77  ? 0.20470   4.72503   -8.88383  1.000 28.79392 ? 96  TRP A O   1 
ATOM   618  C CB  . TRP A 1 77  ? -2.53963  5.61416   -10.64155 1.000 30.14217 ? 96  TRP A CB  1 
ATOM   619  C CG  . TRP A 1 77  ? -2.59153  6.70487   -9.66639  1.000 37.63048 ? 96  TRP A CG  1 
ATOM   620  C CD1 . TRP A 1 77  ? -2.71736  6.58689   -8.31286  1.000 45.13750 ? 96  TRP A CD1 1 
ATOM   621  C CD2 . TRP A 1 77  ? -2.56742  8.10513   -9.95198  1.000 47.10603 ? 96  TRP A CD2 1 
ATOM   622  N NE1 . TRP A 1 77  ? -2.74667  7.83273   -7.73057  1.000 50.86193 ? 96  TRP A NE1 1 
ATOM   623  C CE2 . TRP A 1 77  ? -2.65986  8.78322   -8.71678  1.000 55.98793 ? 96  TRP A CE2 1 
ATOM   624  C CE3 . TRP A 1 77  ? -2.46702  8.85256   -11.12908 1.000 46.52291 ? 96  TRP A CE3 1 
ATOM   625  C CZ2 . TRP A 1 77  ? -2.65863  10.17420  -8.62682  1.000 51.54315 ? 96  TRP A CZ2 1 
ATOM   626  C CZ3 . TRP A 1 77  ? -2.46382  10.23049  -11.03792 1.000 53.93536 ? 96  TRP A CZ3 1 
ATOM   627  C CH2 . TRP A 1 77  ? -2.56422  10.87872  -9.79522  1.000 57.69030 ? 96  TRP A CH2 1 
ATOM   628  N N   . CYS A 1 78  ? -1.30538  3.13533   -9.36370  1.000 28.35850 ? 97  CYS A N   1 
ATOM   629  C CA  . CYS A 1 78  ? -0.94848  2.35698   -8.18826  1.000 21.56578 ? 97  CYS A CA  1 
ATOM   630  C C   . CYS A 1 78  ? 0.49710   1.88533   -8.26895  1.000 18.89931 ? 97  CYS A C   1 
ATOM   631  O O   . CYS A 1 78  ? 1.22000   1.89548   -7.26785  1.000 21.16909 ? 97  CYS A O   1 
ATOM   632  C CB  . CYS A 1 78  ? -1.88055  1.15038   -8.08198  1.000 21.48099 ? 97  CYS A CB  1 
ATOM   633  S SG  . CYS A 1 78  ? -3.54477  1.59732   -7.51097  1.000 26.78358 ? 97  CYS A SG  1 
ATOM   634  N N   . LEU A 1 79  ? 0.92381   1.43800   -9.44982  1.000 21.18095 ? 98  LEU A N   1 
ATOM   635  C CA  . LEU A 1 79  ? 2.28354   0.92393   -9.58693  1.000 21.41301 ? 98  LEU A CA  1 
ATOM   636  C C   . LEU A 1 79  ? 3.31161   2.03892   -9.42265  1.000 28.10459 ? 98  LEU A C   1 
ATOM   637  O O   . LEU A 1 79  ? 4.37261   1.83125   -8.82507  1.000 22.81301 ? 98  LEU A O   1 
ATOM   638  C CB  . LEU A 1 79  ? 2.44885   0.22326   -10.93484 1.000 17.12295 ? 98  LEU A CB  1 
ATOM   639  C CG  . LEU A 1 79  ? 1.68172   -1.09039  -11.11439 1.000 20.82687 ? 98  LEU A CG  1 
ATOM   640  C CD1 . LEU A 1 79  ? 1.55065   -1.49597  -12.57011 1.000 24.79133 ? 98  LEU A CD1 1 
ATOM   641  C CD2 . LEU A 1 79  ? 2.35473   -2.19327  -10.31199 1.000 22.71612 ? 98  LEU A CD2 1 
ATOM   642  N N   . ASP A 1 80  ? 3.01202   3.23954   -9.92468  1.000 28.99045 ? 99  ASP A N   1 
ATOM   643  C CA  . ASP A 1 80  ? 3.93629   4.35023   -9.72027  1.000 28.30104 ? 99  ASP A CA  1 
ATOM   644  C C   . ASP A 1 80  ? 4.05732   4.70093   -8.24115  1.000 24.73142 ? 99  ASP A C   1 
ATOM   645  O O   . ASP A 1 80  ? 5.15687   4.98504   -7.75426  1.000 25.90035 ? 99  ASP A O   1 
ATOM   646  C CB  . ASP A 1 80  ? 3.48979   5.55784   -10.54233 1.000 31.04684 ? 99  ASP A CB  1 
ATOM   647  C CG  . ASP A 1 80  ? 3.84285   5.42037   -12.01685 1.000 38.94892 ? 99  ASP A CG  1 
ATOM   648  O OD1 . ASP A 1 80  ? 4.69571   4.56714   -12.35710 1.000 30.88129 ? 99  ASP A OD1 1 
ATOM   649  O OD2 . ASP A 1 80  ? 3.26967   6.16857   -12.84106 1.000 38.09976 ? 99  ASP A OD2 1 
ATOM   650  N N   . GLU A 1 81  ? 2.94322   4.66011   -7.49876  1.000 24.32267 ? 100 GLU A N   1 
ATOM   651  C CA  . GLU A 1 81  ? 3.01927   4.82017   -6.04835  1.000 22.34126 ? 100 GLU A CA  1 
ATOM   652  C C   . GLU A 1 81  ? 3.88674   3.73868   -5.42908  1.000 24.96192 ? 100 GLU A C   1 
ATOM   653  O O   . GLU A 1 81  ? 4.72587   4.01168   -4.56441  1.000 23.87702 ? 100 GLU A O   1 
ATOM   654  C CB  . GLU A 1 81  ? 1.62490   4.75362   -5.41665  1.000 31.18419 ? 100 GLU A CB  1 
ATOM   655  C CG  . GLU A 1 81  ? 0.84568   6.02209   -5.38494  1.000 38.00043 ? 100 GLU A CG  1 
ATOM   656  C CD  . GLU A 1 81  ? -0.46178  5.86492   -4.62952  1.000 30.57135 ? 100 GLU A CD  1 
ATOM   657  O OE1 . GLU A 1 81  ? -0.64184  4.84592   -3.91400  1.000 28.37711 ? 100 GLU A OE1 1 
ATOM   658  O OE2 . GLU A 1 81  ? -1.31949  6.75313   -4.77020  1.000 40.39310 ? 100 GLU A OE2 1 
ATOM   659  N N   . LEU A 1 82  ? 3.65849   2.48546   -5.83382  1.000 21.90441 ? 101 LEU A N   1 
ATOM   660  C CA  . LEU A 1 82  ? 4.41534   1.37779   -5.27106  1.000 21.59050 ? 101 LEU A CA  1 
ATOM   661  C C   . LEU A 1 82  ? 5.91094   1.56395   -5.49380  1.000 19.30423 ? 101 LEU A C   1 
ATOM   662  O O   . LEU A 1 82  ? 6.72000   1.25707   -4.61325  1.000 21.15875 ? 101 LEU A O   1 
ATOM   663  C CB  . LEU A 1 82  ? 3.93850   0.06274   -5.89425  1.000 17.54117 ? 101 LEU A CB  1 
ATOM   664  C CG  . LEU A 1 82  ? 4.47587   -1.19463  -5.22002  1.000 21.43730 ? 101 LEU A CG  1 
ATOM   665  C CD1 . LEU A 1 82  ? 4.18662   -1.15953  -3.73661  1.000 21.18578 ? 101 LEU A CD1 1 
ATOM   666  C CD2 . LEU A 1 82  ? 3.87887   -2.42687  -5.83979  1.000 21.86027 ? 101 LEU A CD2 1 
ATOM   667  N N   . VAL A 1 83  ? 6.29802   2.03994   -6.67682  1.000 23.90660 ? 102 VAL A N   1 
ATOM   668  C CA  . VAL A 1 83  ? 7.71969   2.23852   -6.95286  1.000 21.84621 ? 102 VAL A CA  1 
ATOM   669  C C   . VAL A 1 83  ? 8.31059   3.23036   -5.96093  1.000 22.42052 ? 102 VAL A C   1 
ATOM   670  O O   . VAL A 1 83  ? 9.37072   2.98727   -5.37422  1.000 24.76194 ? 102 VAL A O   1 
ATOM   671  C CB  . VAL A 1 83  ? 7.92300   2.69605   -8.40854  1.000 25.50645 ? 102 VAL A CB  1 
ATOM   672  C CG1 . VAL A 1 83  ? 9.29063   3.37008   -8.59007  1.000 29.59505 ? 102 VAL A CG1 1 
ATOM   673  C CG2 . VAL A 1 83  ? 7.77716   1.52975   -9.34881  1.000 22.63155 ? 102 VAL A CG2 1 
ATOM   674  N N   . LYS A 1 84  ? 7.59676   4.33274   -5.70762  1.000 21.59602 ? 103 LYS A N   1 
ATOM   675  C CA  . LYS A 1 84  ? 8.09785   5.32461   -4.75745  1.000 24.49458 ? 103 LYS A CA  1 
ATOM   676  C C   . LYS A 1 84  ? 8.16834   4.74259   -3.35695  1.000 22.65519 ? 103 LYS A C   1 
ATOM   677  O O   . LYS A 1 84  ? 9.14821   4.95898   -2.63832  1.000 22.21313 ? 103 LYS A O   1 
ATOM   678  C CB  . LYS A 1 84  ? 7.21498   6.57264   -4.78117  1.000 26.75968 ? 103 LYS A CB  1 
ATOM   679  C CG  . LYS A 1 84  ? 7.65719   7.66152   -3.80352  1.000 27.78178 ? 103 LYS A CG  1 
ATOM   680  C CD  . LYS A 1 84  ? 8.98103   8.27571   -4.24254  1.000 29.00307 ? 103 LYS A CD  1 
ATOM   681  C CE  . LYS A 1 84  ? 9.52594   9.19092   -3.18814  1.000 35.71379 ? 103 LYS A CE  1 
ATOM   682  N NZ  . LYS A 1 84  ? 10.78767  9.84122   -3.64717  1.000 45.34009 ? 103 LYS A NZ  1 
ATOM   683  N N   . ILE A 1 85  ? 7.15200   3.96144   -2.96658  1.000 20.86814 ? 104 ILE A N   1 
ATOM   684  C CA  . ILE A 1 85  ? 7.13655   3.35496   -1.64082  1.000 19.07914 ? 104 ILE A CA  1 
ATOM   685  C C   . ILE A 1 85  ? 8.33588   2.43653   -1.45635  1.000 22.13739 ? 104 ILE A C   1 
ATOM   686  O O   . ILE A 1 85  ? 8.99588   2.44935   -0.41125  1.000 24.35263 ? 104 ILE A O   1 
ATOM   687  C CB  . ILE A 1 85  ? 5.81364   2.59334   -1.42430  1.000 18.85430 ? 104 ILE A CB  1 
ATOM   688  C CG1 . ILE A 1 85  ? 4.66326   3.58585   -1.23592  1.000 20.20960 ? 104 ILE A CG1 1 
ATOM   689  C CG2 . ILE A 1 85  ? 5.92951   1.63513   -0.24861  1.000 21.33585 ? 104 ILE A CG2 1 
ATOM   690  C CD1 . ILE A 1 85  ? 3.26770   2.92100   -1.33059  1.000 23.10375 ? 104 ILE A CD1 1 
ATOM   691  N N   . MET A 1 86  ? 8.60609   1.58225   -2.45072  1.000 21.86658 ? 105 MET A N   1 
ATOM   692  C CA  . MET A 1 86  ? 9.70519   0.63094   -2.31062  1.000 22.36657 ? 105 MET A CA  1 
ATOM   693  C C   . MET A 1 86  ? 11.07127  1.29657   -2.43207  1.000 25.39398 ? 105 MET A C   1 
ATOM   694  O O   . MET A 1 86  ? 12.05106  0.78296   -1.87931  1.000 28.34098 ? 105 MET A O   1 
ATOM   695  C CB  . MET A 1 86  ? 9.55221   -0.50107  -3.33126  1.000 21.15570 ? 105 MET A CB  1 
ATOM   696  C CG  . MET A 1 86  ? 8.30145   -1.37175  -3.13348  1.000 21.98918 ? 105 MET A CG  1 
ATOM   697  S SD  . MET A 1 86  ? 7.89289   -1.72124  -1.40790  1.000 26.60946 ? 105 MET A SD  1 
ATOM   698  C CE  . MET A 1 86  ? 9.13116   -2.94233  -0.99148  1.000 25.43314 ? 105 MET A CE  1 
ATOM   699  N N   . GLU A 1 87  ? 11.16517  2.41430   -3.15202  1.000 23.70590 ? 106 GLU A N   1 
ATOM   700  C CA  . GLU A 1 87  ? 12.39934  3.19745   -3.11728  1.000 28.34969 ? 106 GLU A CA  1 
ATOM   701  C C   . GLU A 1 87  ? 12.66128  3.73355   -1.71527  1.000 34.51601 ? 106 GLU A C   1 
ATOM   702  O O   . GLU A 1 87  ? 13.79276  3.67403   -1.21892  1.000 30.42584 ? 106 GLU A O   1 
ATOM   703  C CB  . GLU A 1 87  ? 12.33651  4.34816   -4.12672  1.000 36.62726 ? 106 GLU A CB  1 
ATOM   704  C CG  . GLU A 1 87  ? 12.48656  3.91622   -5.58376  1.000 37.99129 ? 106 GLU A CG  1 
ATOM   705  C CD  . GLU A 1 87  ? 12.31156  5.06354   -6.57166  1.000 41.67801 ? 106 GLU A CD  1 
ATOM   706  O OE1 . GLU A 1 87  ? 12.65720  4.88386   -7.76020  1.000 47.20599 ? 106 GLU A OE1 1 
ATOM   707  O OE2 . GLU A 1 87  ? 11.82622  6.14405   -6.16490  1.000 48.98542 ? 106 GLU A OE2 1 
ATOM   708  N N   . CYS A 1 88  ? 11.62402  4.25687   -1.05630  1.000 30.79590 ? 107 CYS A N   1 
ATOM   709  C CA  . CYS A 1 88  ? 11.79159  4.71729   0.31583   1.000 27.13925 ? 107 CYS A CA  1 
ATOM   710  C C   . CYS A 1 88  ? 12.12979  3.55533   1.24178   1.000 26.90674 ? 107 CYS A C   1 
ATOM   711  O O   . CYS A 1 88  ? 12.96193  3.69052   2.14306   1.000 30.95160 ? 107 CYS A O   1 
ATOM   712  C CB  . CYS A 1 88  ? 10.52956  5.43929   0.78592   1.000 28.64070 ? 107 CYS A CB  1 
ATOM   713  S SG  . CYS A 1 88  ? 10.20723  7.00688   -0.04446  1.000 31.02670 ? 107 CYS A SG  1 
ATOM   714  N N   . HIS A 1 89  ? 11.49955  2.39428   1.03056   1.000 24.24674 ? 108 HIS A N   1 
ATOM   715  C CA  . HIS A 1 89  ? 11.80575  1.23737   1.86055   1.000 21.85963 ? 108 HIS A CA  1 
ATOM   716  C C   . HIS A 1 89  ? 13.27075  0.83526   1.73200   1.000 24.94895 ? 108 HIS A C   1 
ATOM   717  O O   . HIS A 1 89  ? 13.87621  0.36881   2.70320   1.000 28.89747 ? 108 HIS A O   1 
ATOM   718  C CB  . HIS A 1 89  ? 10.89324  0.06977   1.46360   1.000 25.40546 ? 108 HIS A CB  1 
ATOM   719  C CG  . HIS A 1 89  ? 11.13735  -1.19281  2.22773   1.000 27.09281 ? 108 HIS A CG  1 
ATOM   720  N ND1 . HIS A 1 89  ? 10.89140  -1.30389  3.57900   1.000 25.15588 ? 108 HIS A ND1 1 
ATOM   721  C CD2 . HIS A 1 89  ? 11.54954  -2.41829  1.81879   1.000 27.64376 ? 108 HIS A CD2 1 
ATOM   722  C CE1 . HIS A 1 89  ? 11.16431  -2.53443  3.97576   1.000 27.52656 ? 108 HIS A CE1 1 
ATOM   723  N NE2 . HIS A 1 89  ? 11.56495  -3.23091  2.92702   1.000 28.14208 ? 108 HIS A NE2 1 
ATOM   724  N N   . LYS A 1 90  ? 13.85105  1.01665   0.54532   1.000 30.01975 ? 109 LYS A N   1 
ATOM   725  C CA  . LYS A 1 90  ? 15.24436  0.66027   0.31949   1.000 34.99753 ? 109 LYS A CA  1 
ATOM   726  C C   . LYS A 1 90  ? 16.19637  1.75683   0.78062   1.000 42.58743 ? 109 LYS A C   1 
ATOM   727  O O   . LYS A 1 90  ? 17.29026  1.45190   1.26825   1.000 47.07872 ? 109 LYS A O   1 
ATOM   728  C CB  . LYS A 1 90  ? 15.46319  0.35002   -1.16682  1.000 42.41536 ? 109 LYS A CB  1 
ATOM   729  C CG  . LYS A 1 90  ? 16.90621  0.04833   -1.56321  1.000 45.87218 ? 109 LYS A CG  1 
ATOM   730  C CD  . LYS A 1 90  ? 17.04259  -0.19804  -3.06489  1.000 52.88541 ? 109 LYS A CD  1 
ATOM   731  C CE  . LYS A 1 90  ? 17.56644  1.01978   -3.81527  1.000 53.90671 ? 109 LYS A CE  1 
ATOM   732  N NZ  . LYS A 1 90  ? 16.52018  2.06093   -4.02166  1.000 53.91191 ? 109 LYS A NZ  1 
ATOM   733  N N   . ASP A 1 91  ? 15.79301  3.02147   0.66687   1.000 37.89296 ? 110 ASP A N   1 
ATOM   734  C CA  . ASP A 1 91  ? 16.70242  4.15290   0.83813   1.000 34.60777 ? 110 ASP A CA  1 
ATOM   735  C C   . ASP A 1 91  ? 16.57528  4.86241   2.18132   1.000 43.45316 ? 110 ASP A C   1 
ATOM   736  O O   . ASP A 1 91  ? 17.59462  5.25613   2.75511   1.000 49.97611 ? 110 ASP A O   1 
ATOM   737  C CB  . ASP A 1 91  ? 16.48568  5.17351   -0.28285  1.000 41.98978 ? 110 ASP A CB  1 
ATOM   738  C CG  . ASP A 1 91  ? 16.89269  4.64002   -1.64569  1.000 52.19511 ? 110 ASP A CG  1 
ATOM   739  O OD1 . ASP A 1 91  ? 17.50591  3.55109   -1.69883  1.000 51.89756 ? 110 ASP A OD1 1 
ATOM   740  O OD2 . ASP A 1 91  ? 16.59918  5.30807   -2.66372  1.000 56.16695 ? 110 ASP A OD2 1 
ATOM   741  N N   . LYS A 1 92  ? 15.36321  5.06930   2.69310   1.000 40.72078 ? 111 LYS A N   1 
ATOM   742  C CA  . LYS A 1 92  ? 15.20676  5.88588   3.89243   1.000 36.94876 ? 111 LYS A CA  1 
ATOM   743  C C   . LYS A 1 92  ? 15.84712  5.21117   5.09997   1.000 46.67070 ? 111 LYS A C   1 
ATOM   744  O O   . LYS A 1 92  ? 15.90056  3.98274   5.20193   1.000 37.75714 ? 111 LYS A O   1 
ATOM   745  C CB  . LYS A 1 92  ? 13.73108  6.16250   4.17760   1.000 36.41744 ? 111 LYS A CB  1 
ATOM   746  C CG  . LYS A 1 92  ? 13.04797  7.01776   3.12958   1.000 32.89111 ? 111 LYS A CG  1 
ATOM   747  C CD  . LYS A 1 92  ? 13.60359  8.43337   3.10171   1.000 38.58833 ? 111 LYS A CD  1 
ATOM   748  C CE  . LYS A 1 92  ? 12.80440  9.29928   2.13814   1.000 40.98351 ? 111 LYS A CE  1 
ATOM   749  N NZ  . LYS A 1 92  ? 13.41674  10.64278  1.89711   1.000 44.04131 ? 111 LYS A NZ  1 
ATOM   750  N N   . LYS A 1 93  ? 16.32799  6.03999   6.02501   1.000 46.00065 ? 112 LYS A N   1 
ATOM   751  C CA  . LYS A 1 93  ? 17.05786  5.58416   7.19687   1.000 45.36217 ? 112 LYS A CA  1 
ATOM   752  C C   . LYS A 1 93  ? 16.79739  6.54712   8.34637   1.000 42.85155 ? 112 LYS A C   1 
ATOM   753  O O   . LYS A 1 93  ? 16.57972  7.74235   8.13224   1.000 46.45220 ? 112 LYS A O   1 
ATOM   754  C CB  . LYS A 1 93  ? 18.55684  5.48828   6.89191   1.000 53.87335 ? 112 LYS A CB  1 
ATOM   755  C CG  . LYS A 1 93  ? 19.06286  6.69176   6.11160   1.000 60.43347 ? 112 LYS A CG  1 
ATOM   756  C CD  . LYS A 1 93  ? 20.18492  6.34302   5.14598   1.000 60.01981 ? 112 LYS A CD  1 
ATOM   757  C CE  . LYS A 1 93  ? 20.16942  7.28932   3.94544   1.000 65.33907 ? 112 LYS A CE  1 
ATOM   758  N NZ  . LYS A 1 93  ? 20.63789  8.66362   4.28573   1.000 59.21012 ? 112 LYS A NZ  1 
ATOM   759  N N   . ASP A 1 94  ? 16.79879  6.00298   9.56843   1.000 45.12035 ? 113 ASP A N   1 
ATOM   760  C CA  . ASP A 1 94  ? 16.61928  6.72666   10.83079  1.000 53.20884 ? 113 ASP A CA  1 
ATOM   761  C C   . ASP A 1 94  ? 15.43042  7.68559   10.82940  1.000 50.21354 ? 113 ASP A C   1 
ATOM   762  O O   . ASP A 1 94  ? 15.61662  8.90803   10.88956  1.000 48.23684 ? 113 ASP A O   1 
ATOM   763  C CB  . ASP A 1 94  ? 17.89131  7.49849   11.18168  1.000 52.91682 ? 113 ASP A CB  1 
ATOM   764  C CG  . ASP A 1 94  ? 19.05767  6.58161   11.48660  1.000 68.87324 ? 113 ASP A CG  1 
ATOM   765  O OD1 . ASP A 1 94  ? 20.14594  6.79220   10.90804  1.000 72.67886 ? 113 ASP A OD1 1 
ATOM   766  O OD2 . ASP A 1 94  ? 18.88090  5.64286   12.29625  1.000 72.85110 ? 113 ASP A OD2 1 
ATOM   767  N N   . PRO A 1 95  ? 14.19071  7.17548   10.78658  1.000 47.42214 ? 114 PRO A N   1 
ATOM   768  C CA  . PRO A 1 95  ? 13.89347  5.74802   10.70719  1.000 39.94996 ? 114 PRO A CA  1 
ATOM   769  C C   . PRO A 1 95  ? 13.75361  5.24881   9.27233   1.000 36.12561 ? 114 PRO A C   1 
ATOM   770  O O   . PRO A 1 95  ? 13.76203  6.04420   8.32755   1.000 39.34561 ? 114 PRO A O   1 
ATOM   771  C CB  . PRO A 1 95  ? 12.57936  5.66236   11.47239  1.000 38.04040 ? 114 PRO A CB  1 
ATOM   772  C CG  . PRO A 1 95  ? 11.85921  6.97435   11.08388  1.000 46.55263 ? 114 PRO A CG  1 
ATOM   773  C CD  . PRO A 1 95  ? 12.95125  7.94259   10.56457  1.000 45.24891 ? 114 PRO A CD  1 
ATOM   774  N N   . GLY A 1 96  ? 13.65988  3.93818   9.10198   1.000 35.30556 ? 115 GLY A N   1 
ATOM   775  C CA  . GLY A 1 96  ? 13.39363  3.38916   7.79301   1.000 38.54494 ? 115 GLY A CA  1 
ATOM   776  C C   . GLY A 1 96  ? 11.96741  3.67841   7.36503   1.000 34.91994 ? 115 GLY A C   1 
ATOM   777  O O   . GLY A 1 96  ? 11.20435  4.37846   8.03229   1.000 33.35663 ? 115 GLY A O   1 
ATOM   778  N N   . HIS A 1 97  ? 11.60979  3.13153   6.20668   1.000 27.92891 ? 116 HIS A N   1 
ATOM   779  C CA  . HIS A 1 97  ? 10.23496  3.15908   5.70721   1.000 23.21461 ? 116 HIS A CA  1 
ATOM   780  C C   . HIS A 1 97  ? 9.75813   1.70878   5.63946   1.000 24.75240 ? 116 HIS A C   1 
ATOM   781  O O   . HIS A 1 97  ? 10.11571  0.97980   4.71044   1.000 28.52866 ? 116 HIS A O   1 
ATOM   782  C CB  . HIS A 1 97  ? 10.15233  3.82953   4.34672   1.000 22.11386 ? 116 HIS A CB  1 
ATOM   783  C CG  . HIS A 1 97  ? 8.75232   4.00652   3.84193   1.000 23.54364 ? 116 HIS A CG  1 
ATOM   784  N ND1 . HIS A 1 97  ? 7.97231   5.08980   4.18398   1.000 24.39148 ? 116 HIS A ND1 1 
ATOM   785  C CD2 . HIS A 1 97  ? 7.99597   3.24396   3.01853   1.000 26.67175 ? 116 HIS A CD2 1 
ATOM   786  C CE1 . HIS A 1 97  ? 6.79365   4.98693   3.59359   1.000 26.59339 ? 116 HIS A CE1 1 
ATOM   787  N NE2 . HIS A 1 97  ? 6.78237   3.87520   2.88046   1.000 24.17562 ? 116 HIS A NE2 1 
ATOM   788  N N   . ALA A 1 98  ? 8.96888   1.29186   6.62367   1.000 23.46842 ? 117 ALA A N   1 
ATOM   789  C CA  . ALA A 1 98  ? 8.45790   -0.06927  6.67148   1.000 24.94192 ? 117 ALA A CA  1 
ATOM   790  C C   . ALA A 1 98  ? 7.31842   -0.23241  5.67414   1.000 24.17768 ? 117 ALA A C   1 
ATOM   791  O O   . ALA A 1 98  ? 6.64623   0.73023   5.30714   1.000 21.47402 ? 117 ALA A O   1 
ATOM   792  C CB  . ALA A 1 98  ? 7.96961   -0.41653  8.07793   1.000 24.92249 ? 117 ALA A CB  1 
ATOM   793  N N   . VAL A 1 99  ? 7.09795   -1.47262  5.23076   1.000 23.70035 ? 118 VAL A N   1 
ATOM   794  C CA  . VAL A 1 99  ? 6.04618   -1.74279  4.25392   1.000 22.03330 ? 118 VAL A CA  1 
ATOM   795  C C   . VAL A 1 99  ? 5.28162   -2.97865  4.70479   1.000 21.90195 ? 118 VAL A C   1 
ATOM   796  O O   . VAL A 1 99  ? 5.89130   -4.00181  5.03570   1.000 22.59962 ? 118 VAL A O   1 
ATOM   797  C CB  . VAL A 1 99  ? 6.61853   -1.92000  2.83326   1.000 20.71017 ? 118 VAL A CB  1 
ATOM   798  C CG1 . VAL A 1 99  ? 5.50626   -2.21446  1.86118   1.000 22.86399 ? 118 VAL A CG1 1 
ATOM   799  C CG2 . VAL A 1 99  ? 7.37197   -0.65599  2.38980   1.000 22.30414 ? 118 VAL A CG2 1 
ATOM   800  N N   . PHE A 1 100 ? 3.95493   -2.87436  4.74642   1.000 20.98406 ? 119 PHE A N   1 
ATOM   801  C CA  . PHE A 1 100 ? 3.08512   -3.93123  5.26981   1.000 19.31690 ? 119 PHE A CA  1 
ATOM   802  C C   . PHE A 1 100 ? 2.03412   -4.24813  4.21903   1.000 18.42396 ? 119 PHE A C   1 
ATOM   803  O O   . PHE A 1 100 ? 1.08965   -3.45073  4.04475   1.000 20.32935 ? 119 PHE A O   1 
ATOM   804  C CB  . PHE A 1 100 ? 2.38007   -3.51074  6.56065   1.000 24.91723 ? 119 PHE A CB  1 
ATOM   805  C CG  . PHE A 1 100 ? 3.29920   -3.00366  7.64955   1.000 26.03220 ? 119 PHE A CG  1 
ATOM   806  C CD1 . PHE A 1 100 ? 3.15261   -1.71443  8.14448   1.000 24.63930 ? 119 PHE A CD1 1 
ATOM   807  C CD2 . PHE A 1 100 ? 4.27250   -3.82349  8.20161   1.000 33.41652 ? 119 PHE A CD2 1 
ATOM   808  C CE1 . PHE A 1 100 ? 3.98405   -1.24084  9.16701   1.000 27.26801 ? 119 PHE A CE1 1 
ATOM   809  C CE2 . PHE A 1 100 ? 5.10716   -3.35953  9.20963   1.000 34.12013 ? 119 PHE A CE2 1 
ATOM   810  C CZ  . PHE A 1 100 ? 4.96046   -2.06541  9.69428   1.000 30.38192 ? 119 PHE A CZ  1 
ATOM   811  N N   . PRO A 1 101 ? 2.11360   -5.38734  3.53236   1.000 19.71011 ? 120 PRO A N   1 
ATOM   812  C CA  . PRO A 1 101 ? 1.10364   -5.69322  2.50925   1.000 16.56292 ? 120 PRO A CA  1 
ATOM   813  C C   . PRO A 1 101 ? -0.07989  -6.48416  3.04256   1.000 18.35211 ? 120 PRO A C   1 
ATOM   814  O O   . PRO A 1 101 ? 0.05148   -7.44053  3.81113   1.000 19.99004 ? 120 PRO A O   1 
ATOM   815  C CB  . PRO A 1 101 ? 1.89758   -6.51905  1.49077   1.000 17.53072 ? 120 PRO A CB  1 
ATOM   816  C CG  . PRO A 1 101 ? 2.86028   -7.29401  2.35095   1.000 19.46827 ? 120 PRO A CG  1 
ATOM   817  C CD  . PRO A 1 101 ? 3.23116   -6.35281  3.51136   1.000 20.72300 ? 120 PRO A CD  1 
ATOM   818  N N   . ILE A 1 102 ? -1.25971  -6.04461  2.63287   1.000 15.67854 ? 121 ILE A N   1 
ATOM   819  C CA  . ILE A 1 102 ? -2.50800  -6.76831  2.83705   1.000 13.74151 ? 121 ILE A CA  1 
ATOM   820  C C   . ILE A 1 102 ? -2.87919  -7.36278  1.49295   1.000 16.24725 ? 121 ILE A C   1 
ATOM   821  O O   . ILE A 1 102 ? -2.84209  -6.66051  0.48372   1.000 18.03902 ? 121 ILE A O   1 
ATOM   822  C CB  . ILE A 1 102 ? -3.62488  -5.82856  3.33521   1.000 17.15869 ? 121 ILE A CB  1 
ATOM   823  C CG1 . ILE A 1 102 ? -3.27063  -5.22662  4.68971   1.000 17.19311 ? 121 ILE A CG1 1 
ATOM   824  C CG2 . ILE A 1 102 ? -4.96929  -6.57851  3.42827   1.000 15.74920 ? 121 ILE A CG2 1 
ATOM   825  C CD1 . ILE A 1 102 ? -4.17855  -4.02275  5.08694   1.000 15.63842 ? 121 ILE A CD1 1 
ATOM   826  N N   . PHE A 1 103 ? -3.23897  -8.64809  1.46300   1.000 17.90175 ? 122 PHE A N   1 
ATOM   827  C CA  . PHE A 1 103 ? -3.70091  -9.27106  0.22587   1.000 16.41486 ? 122 PHE A CA  1 
ATOM   828  C C   . PHE A 1 103 ? -5.20077  -9.47003  0.36836   1.000 19.39742 ? 122 PHE A C   1 
ATOM   829  O O   . PHE A 1 103 ? -5.64915  -10.41244 1.02180   1.000 20.14344 ? 122 PHE A O   1 
ATOM   830  C CB  . PHE A 1 103 ? -2.97693  -10.59478 -0.04241  1.000 17.73376 ? 122 PHE A CB  1 
ATOM   831  C CG  . PHE A 1 103 ? -1.49230  -10.44291 -0.17906  1.000 18.02575 ? 122 PHE A CG  1 
ATOM   832  C CD1 . PHE A 1 103 ? -0.91445  -10.24437 -1.42422  1.000 20.71079 ? 122 PHE A CD1 1 
ATOM   833  C CD2 . PHE A 1 103 ? -0.67473  -10.47281 0.92978   1.000 18.45733 ? 122 PHE A CD2 1 
ATOM   834  C CE1 . PHE A 1 103 ? 0.45719   -10.08558 -1.54993  1.000 25.25251 ? 122 PHE A CE1 1 
ATOM   835  C CE2 . PHE A 1 103 ? 0.70290   -10.31481 0.80404   1.000 21.63960 ? 122 PHE A CE2 1 
ATOM   836  C CZ  . PHE A 1 103 ? 1.25977   -10.12092 -0.43310  1.000 21.05073 ? 122 PHE A CZ  1 
ATOM   837  N N   . TYR A 1 104 ? -5.97601  -8.58499  -0.24504  1.000 16.41621 ? 123 TYR A N   1 
ATOM   838  C CA  . TYR A 1 104 ? -7.41691  -8.55104  -0.02264  1.000 17.18363 ? 123 TYR A CA  1 
ATOM   839  C C   . TYR A 1 104 ? -8.07704  -9.42570  -1.07076  1.000 21.47279 ? 123 TYR A C   1 
ATOM   840  O O   . TYR A 1 104 ? -8.21760  -9.02093  -2.22367  1.000 20.51634 ? 123 TYR A O   1 
ATOM   841  C CB  . TYR A 1 104 ? -7.93800  -7.11983  -0.08598  1.000 18.51986 ? 123 TYR A CB  1 
ATOM   842  C CG  . TYR A 1 104 ? -9.42323  -7.03709  0.13626   1.000 18.72714 ? 123 TYR A CG  1 
ATOM   843  C CD1 . TYR A 1 104 ? -9.95066  -7.08601  1.41304   1.000 20.03564 ? 123 TYR A CD1 1 
ATOM   844  C CD2 . TYR A 1 104 ? -10.29682 -6.92512  -0.93226  1.000 19.78736 ? 123 TYR A CD2 1 
ATOM   845  C CE1 . TYR A 1 104 ? -11.32609 -7.01352  1.62585   1.000 23.42413 ? 123 TYR A CE1 1 
ATOM   846  C CE2 . TYR A 1 104 ? -11.67108 -6.85540  -0.72914  1.000 21.90299 ? 123 TYR A CE2 1 
ATOM   847  C CZ  . TYR A 1 104 ? -12.17504 -6.88684  0.54957   1.000 25.35499 ? 123 TYR A CZ  1 
ATOM   848  O OH  . TYR A 1 104 ? -13.54187 -6.81450  0.75118   1.000 30.44203 ? 123 TYR A OH  1 
ATOM   849  N N   . HIS A 1 105 ? -8.47868  -10.63077 -0.65868  1.000 23.69260 ? 124 HIS A N   1 
ATOM   850  C CA  . HIS A 1 105 ? -9.23460  -11.56213 -1.50765  1.000 22.98080 ? 124 HIS A CA  1 
ATOM   851  C C   . HIS A 1 105 ? -8.50311  -11.84968 -2.81039  1.000 33.55443 ? 124 HIS A C   1 
ATOM   852  O O   . HIS A 1 105 ? -9.12283  -12.12402 -3.84344  1.000 36.30210 ? 124 HIS A O   1 
ATOM   853  C CB  . HIS A 1 105 ? -10.64606 -11.04562 -1.78952  1.000 24.88812 ? 124 HIS A CB  1 
ATOM   854  C CG  . HIS A 1 105 ? -11.46584 -10.83068 -0.55389  1.000 25.67744 ? 124 HIS A CG  1 
ATOM   855  N ND1 . HIS A 1 105 ? -12.75186 -10.33376 -0.59009  1.000 26.39823 ? 124 HIS A ND1 1 
ATOM   856  C CD2 . HIS A 1 105 ? -11.17826 -11.03515 0.75582   1.000 26.90536 ? 124 HIS A CD2 1 
ATOM   857  C CE1 . HIS A 1 105 ? -13.22398 -10.24455 0.64218   1.000 28.93284 ? 124 HIS A CE1 1 
ATOM   858  N NE2 . HIS A 1 105 ? -12.28731 -10.65750 1.47876   1.000 29.59264 ? 124 HIS A NE2 1 
ATOM   859  N N   . VAL A 1 106 ? -7.18023  -11.75969 -2.76120  1.000 24.75602 ? 125 VAL A N   1 
ATOM   860  C CA  . VAL A 1 106 ? -6.30411  -12.14913 -3.85501  1.000 23.65629 ? 125 VAL A CA  1 
ATOM   861  C C   . VAL A 1 106 ? -5.14812  -12.91268 -3.22702  1.000 30.73843 ? 125 VAL A C   1 
ATOM   862  O O   . VAL A 1 106 ? -4.67662  -12.56166 -2.13865  1.000 22.14130 ? 125 VAL A O   1 
ATOM   863  C CB  . VAL A 1 106 ? -5.82685  -10.92697 -4.67296  1.000 24.06408 ? 125 VAL A CB  1 
ATOM   864  C CG1 . VAL A 1 106 ? -4.98794  -9.96295  -3.81125  1.000 22.08884 ? 125 VAL A CG1 1 
ATOM   865  C CG2 . VAL A 1 106 ? -5.04558  -11.35310 -5.88707  1.000 31.39096 ? 125 VAL A CG2 1 
ATOM   866  N N   . ASP A 1 107 ? -4.72767  -13.99015 -3.88211  1.000 29.40870 ? 126 ASP A N   1 
ATOM   867  C CA  . ASP A 1 107 ? -3.62874  -14.78024 -3.34798  1.000 26.52023 ? 126 ASP A CA  1 
ATOM   868  C C   . ASP A 1 107 ? -2.30002  -14.08632 -3.62338  1.000 24.75371 ? 126 ASP A C   1 
ATOM   869  O O   . ASP A 1 107 ? -2.12401  -13.48746 -4.68599  1.000 29.54579 ? 126 ASP A O   1 
ATOM   870  C CB  . ASP A 1 107 ? -3.61572  -16.16996 -3.97936  1.000 34.96422 ? 126 ASP A CB  1 
ATOM   871  C CG  . ASP A 1 107 ? -4.86416  -16.96168 -3.65462  1.000 47.21085 ? 126 ASP A CG  1 
ATOM   872  O OD1 . ASP A 1 107 ? -5.36148  -17.69382 -4.54427  1.000 49.07209 ? 126 ASP A OD1 1 
ATOM   873  O OD2 . ASP A 1 107 ? -5.35126  -16.83913 -2.50557  1.000 45.26740 ? 126 ASP A OD2 1 
ATOM   874  N N   . PRO A 1 108 ? -1.35002  -14.14810 -2.68902  1.000 27.64919 ? 127 PRO A N   1 
ATOM   875  C CA  . PRO A 1 108 ? -0.01325  -13.61646 -2.99039  1.000 30.34845 ? 127 PRO A CA  1 
ATOM   876  C C   . PRO A 1 108 ? 0.57660   -14.21297 -4.25856  1.000 26.39437 ? 127 PRO A C   1 
ATOM   877  O O   . PRO A 1 108 ? 1.20454   -13.49330 -5.04582  1.000 28.43891 ? 127 PRO A O   1 
ATOM   878  C CB  . PRO A 1 108 ? 0.80217   -13.97748 -1.74123  1.000 32.21707 ? 127 PRO A CB  1 
ATOM   879  C CG  . PRO A 1 108 ? -0.20650  -14.17154 -0.65998  1.000 32.06669 ? 127 PRO A CG  1 
ATOM   880  C CD  . PRO A 1 108 ? -1.49095  -14.58835 -1.28912  1.000 28.91571 ? 127 PRO A CD  1 
ATOM   881  N N   . SER A 1 109 ? 0.35835   -15.51039 -4.49857  1.000 30.55446 ? 128 SER A N   1 
ATOM   882  C CA  . SER A 1 109 ? 0.84432   -16.10567 -5.73776  1.000 32.29059 ? 128 SER A CA  1 
ATOM   883  C C   . SER A 1 109 ? 0.23095   -15.42491 -6.95043  1.000 30.05192 ? 128 SER A C   1 
ATOM   884  O O   . SER A 1 109 ? 0.90422   -15.25653 -7.97335  1.000 30.89158 ? 128 SER A O   1 
ATOM   885  C CB  . SER A 1 109 ? 0.54832   -17.60716 -5.76164  1.000 26.56679 ? 128 SER A CB  1 
ATOM   886  O OG  . SER A 1 109 ? -0.84764  -17.84935 -5.83768  1.000 32.74134 ? 128 SER A OG  1 
ATOM   887  N N   . HIS A 1 110 ? -1.02920  -14.99306 -6.84747  1.000 25.78198 ? 129 HIS A N   1 
ATOM   888  C CA  . HIS A 1 110 ? -1.65489  -14.31551 -7.97578  1.000 28.37467 ? 129 HIS A CA  1 
ATOM   889  C C   . HIS A 1 110 ? -1.02666  -12.95318 -8.23047  1.000 29.18892 ? 129 HIS A C   1 
ATOM   890  O O   . HIS A 1 110 ? -0.81339  -12.57712 -9.38724  1.000 23.60099 ? 129 HIS A O   1 
ATOM   891  C CB  . HIS A 1 110 ? -3.15725  -14.17254 -7.75292  1.000 27.86664 ? 129 HIS A CB  1 
ATOM   892  C CG  . HIS A 1 110 ? -3.87418  -13.59305 -8.93026  1.000 39.62341 ? 129 HIS A CG  1 
ATOM   893  N ND1 . HIS A 1 110 ? -4.17259  -14.33513 -10.05286 1.000 32.59531 ? 129 HIS A ND1 1 
ATOM   894  C CD2 . HIS A 1 110 ? -4.31800  -12.33596 -9.17904  1.000 34.91960 ? 129 HIS A CD2 1 
ATOM   895  C CE1 . HIS A 1 110 ? -4.78729  -13.56575 -10.93464 1.000 46.56539 ? 129 HIS A CE1 1 
ATOM   896  N NE2 . HIS A 1 110 ? -4.88814  -12.34865 -10.42960 1.000 37.65671 ? 129 HIS A NE2 1 
ATOM   897  N N   . VAL A 1 111 ? -0.75165  -12.18473 -7.16662  1.000 24.57259 ? 130 VAL A N   1 
ATOM   898  C CA  . VAL A 1 111 ? -0.05787  -10.91503 -7.33531  1.000 23.22974 ? 130 VAL A CA  1 
ATOM   899  C C   . VAL A 1 111 ? 1.31790   -11.14691 -7.94201  1.000 23.33970 ? 130 VAL A C   1 
ATOM   900  O O   . VAL A 1 111 ? 1.74620   -10.41577 -8.83541  1.000 22.56156 ? 130 VAL A O   1 
ATOM   901  C CB  . VAL A 1 111 ? 0.03405   -10.16732 -5.99087  1.000 23.92690 ? 130 VAL A CB  1 
ATOM   902  C CG1 . VAL A 1 111 ? 0.80580   -8.87074  -6.15298  1.000 24.92050 ? 130 VAL A CG1 1 
ATOM   903  C CG2 . VAL A 1 111 ? -1.35891  -9.90533  -5.44556  1.000 24.83718 ? 130 VAL A CG2 1 
ATOM   904  N N   . ARG A 1 112 ? 2.02282   -12.18091 -7.47816  1.000 28.32855 ? 131 ARG A N   1 
ATOM   905  C CA  . ARG A 1 112 ? 3.32826   -12.49040 -8.04950  1.000 30.53006 ? 131 ARG A CA  1 
ATOM   906  C C   . ARG A 1 112 ? 3.21517   -12.78646 -9.53786  1.000 27.82485 ? 131 ARG A C   1 
ATOM   907  O O   . ARG A 1 112 ? 4.03391   -12.32107 -10.33693 1.000 33.12283 ? 131 ARG A O   1 
ATOM   908  C CB  . ARG A 1 112 ? 3.95224   -13.67230 -7.31062  1.000 28.86925 ? 131 ARG A CB  1 
ATOM   909  C CG  . ARG A 1 112 ? 4.43921   -13.31837 -5.91562  1.000 33.08106 ? 131 ARG A CG  1 
ATOM   910  C CD  . ARG A 1 112 ? 5.35094   -14.40141 -5.35591  1.000 38.64363 ? 131 ARG A CD  1 
ATOM   911  N NE  . ARG A 1 112 ? 4.62003   -15.32363 -4.49723  1.000 45.21050 ? 131 ARG A NE  1 
ATOM   912  C CZ  . ARG A 1 112 ? 4.48476   -15.15956 -3.18854  1.000 47.79442 ? 131 ARG A CZ  1 
ATOM   913  N NH1 . ARG A 1 112 ? 5.02070   -14.11865 -2.56498  1.000 35.37149 ? 131 ARG A NH1 1 
ATOM   914  N NH2 . ARG A 1 112 ? 3.79457   -16.05883 -2.48923  1.000 49.18452 ? 131 ARG A NH2 1 
ATOM   915  N N   . LYS A 1 113 ? 2.17864   -13.52400 -9.93234  1.000 24.47660 ? 132 LYS A N   1 
ATOM   916  C CA  . LYS A 1 113 ? 1.99013   -13.83700 -11.34240 1.000 27.64209 ? 132 LYS A CA  1 
ATOM   917  C C   . LYS A 1 113 ? 1.74972   -12.58026 -12.16298 1.000 31.25325 ? 132 LYS A C   1 
ATOM   918  O O   . LYS A 1 113 ? 2.10730   -12.53138 -13.34543 1.000 29.64420 ? 132 LYS A O   1 
ATOM   919  C CB  . LYS A 1 113 ? 0.83294   -14.83232 -11.49383 1.000 28.01996 ? 132 LYS A CB  1 
ATOM   920  C CG  . LYS A 1 113 ? 0.67806   -15.43199 -12.87805 1.000 37.63997 ? 132 LYS A CG  1 
ATOM   921  C CD  . LYS A 1 113 ? -0.26509  -16.63342 -12.83601 1.000 45.05148 ? 132 LYS A CD  1 
ATOM   922  C CE  . LYS A 1 113 ? -1.73607  -16.20230 -12.87221 1.000 50.26805 ? 132 LYS A CE  1 
ATOM   923  N NZ  . LYS A 1 113 ? -2.38799  -16.38413 -14.20608 1.000 52.23621 ? 132 LYS A NZ  1 
ATOM   924  N N   . GLN A 1 114 ? 1.18759   -11.53201 -11.55023 1.000 26.15124 ? 133 GLN A N   1 
ATOM   925  C CA  . GLN A 1 114 ? 1.01153   -10.29183 -12.28210 1.000 27.19838 ? 133 GLN A CA  1 
ATOM   926  C C   . GLN A 1 114 ? 2.33998   -9.60226  -12.57070 1.000 24.39667 ? 133 GLN A C   1 
ATOM   927  O O   . GLN A 1 114 ? 2.37494   -8.72134  -13.43297 1.000 32.62548 ? 133 GLN A O   1 
ATOM   928  C CB  . GLN A 1 114 ? 0.07241   -9.36174  -11.50450 1.000 24.64895 ? 133 GLN A CB  1 
ATOM   929  C CG  . GLN A 1 114 ? -1.31489  -9.96672  -11.25212 1.000 23.21038 ? 133 GLN A CG  1 
ATOM   930  C CD  . GLN A 1 114 ? -2.21179  -9.04337  -10.44567 1.000 29.96605 ? 133 GLN A CD  1 
ATOM   931  O OE1 . GLN A 1 114 ? -1.94172  -8.76246  -9.27762  1.000 25.65184 ? 133 GLN A OE1 1 
ATOM   932  N NE2 . GLN A 1 114 ? -3.27364  -8.55109  -11.07281 1.000 30.54142 ? 133 GLN A NE2 1 
ATOM   933  N N   . GLU A 1 115 ? 3.43166   -10.00487 -11.89295 1.000 26.30448 ? 134 GLU A N   1 
ATOM   934  C CA  . GLU A 1 115 ? 4.75930   -9.47240  -12.20899 1.000 31.68772 ? 134 GLU A CA  1 
ATOM   935  C C   . GLU A 1 115 ? 5.13572   -9.74099  -13.65888 1.000 33.04593 ? 134 GLU A C   1 
ATOM   936  O O   . GLU A 1 115 ? 5.86257   -8.95003  -14.26944 1.000 40.07819 ? 134 GLU A O   1 
ATOM   937  C CB  . GLU A 1 115 ? 5.83658   -10.08195 -11.29539 1.000 27.99477 ? 134 GLU A CB  1 
ATOM   938  C CG  . GLU A 1 115 ? 5.78655   -9.65373  -9.82869  1.000 28.42764 ? 134 GLU A CG  1 
ATOM   939  C CD  . GLU A 1 115 ? 6.34680   -10.71802 -8.89054  1.000 33.38169 ? 134 GLU A CD  1 
ATOM   940  O OE1 . GLU A 1 115 ? 7.14046   -11.57794 -9.34869  1.000 26.51035 ? 134 GLU A OE1 1 
ATOM   941  O OE2 . GLU A 1 115 ? 5.98316   -10.70691 -7.69195  1.000 26.75358 ? 134 GLU A OE2 1 
ATOM   942  N N   . GLY A 1 116 ? 4.67582   -10.85300 -14.21383 1.000 31.75906 ? 135 GLY A N   1 
ATOM   943  C CA  . GLY A 1 116 ? 4.96743   -11.20300 -15.58462 1.000 37.39517 ? 135 GLY A CA  1 
ATOM   944  C C   . GLY A 1 116 ? 3.88169   -10.85808 -16.56791 1.000 41.90083 ? 135 GLY A C   1 
ATOM   945  O O   . GLY A 1 116 ? 4.05075   -11.10832 -17.76471 1.000 55.02367 ? 135 GLY A O   1 
ATOM   946  N N   . SER A 1 117 ? 2.77848   -10.26896 -16.10160 1.000 42.18490 ? 136 SER A N   1 
ATOM   947  C CA  . SER A 1 117 ? 1.57743   -10.05431 -16.89767 1.000 44.93771 ? 136 SER A CA  1 
ATOM   948  C C   . SER A 1 117 ? 1.37048   -8.59353  -17.27522 1.000 46.19772 ? 136 SER A C   1 
ATOM   949  O O   . SER A 1 117 ? 0.26016   -8.21812  -17.65849 1.000 41.91602 ? 136 SER A O   1 
ATOM   950  C CB  . SER A 1 117 ? 0.34868   -10.56213 -16.14210 1.000 42.80282 ? 136 SER A CB  1 
ATOM   951  O OG  . SER A 1 117 ? 0.59493   -11.81864 -15.53836 1.000 50.22137 ? 136 SER A OG  1 
ATOM   952  N N   . PHE A 1 118 ? 2.40811   -7.75758  -17.17009 1.000 47.14581 ? 137 PHE A N   1 
ATOM   953  C CA  . PHE A 1 118 ? 2.25523   -6.34484  -17.51260 1.000 50.28495 ? 137 PHE A CA  1 
ATOM   954  C C   . PHE A 1 118 ? 1.93007   -6.12771  -18.98624 1.000 61.67206 ? 137 PHE A C   1 
ATOM   955  O O   . PHE A 1 118 ? 1.55948   -5.00938  -19.36014 1.000 52.43340 ? 137 PHE A O   1 
ATOM   956  C CB  . PHE A 1 118 ? 3.51762   -5.55951  -17.15081 1.000 46.90392 ? 137 PHE A CB  1 
ATOM   957  C CG  . PHE A 1 118 ? 3.72727   -5.39604  -15.67536 1.000 42.60055 ? 137 PHE A CG  1 
ATOM   958  C CD1 . PHE A 1 118 ? 2.69620   -4.96481  -14.85698 1.000 50.08534 ? 137 PHE A CD1 1 
ATOM   959  C CD2 . PHE A 1 118 ? 4.95142   -5.67781  -15.10323 1.000 41.42510 ? 137 PHE A CD2 1 
ATOM   960  C CE1 . PHE A 1 118 ? 2.88773   -4.81865  -13.49358 1.000 36.39158 ? 137 PHE A CE1 1 
ATOM   961  C CE2 . PHE A 1 118 ? 5.14825   -5.53039  -13.73942 1.000 39.77078 ? 137 PHE A CE2 1 
ATOM   962  C CZ  . PHE A 1 118 ? 4.11242   -5.09713  -12.93633 1.000 33.10939 ? 137 PHE A CZ  1 
ATOM   963  N N   . GLY A 1 119 ? 2.06014   -7.15668  -19.82444 1.000 61.58205 ? 138 GLY A N   1 
ATOM   964  C CA  . GLY A 1 119 ? 1.65184   -7.06709  -21.21236 1.000 59.38970 ? 138 GLY A CA  1 
ATOM   965  C C   . GLY A 1 119 ? 0.14508   -7.07154  -21.37267 1.000 62.10169 ? 138 GLY A C   1 
ATOM   966  O O   . GLY A 1 119 ? -0.42440  -6.12763  -21.92694 1.000 72.50114 ? 138 GLY A O   1 
ATOM   967  N N   . GLU A 1 120 ? -0.51296  -8.12809  -20.88015 1.000 63.71834 ? 139 GLU A N   1 
ATOM   968  C CA  . GLU A 1 120 ? -1.96772  -8.23777  -20.97291 1.000 62.57929 ? 139 GLU A CA  1 
ATOM   969  C C   . GLU A 1 120 ? -2.69444  -7.19363  -20.13271 1.000 64.76185 ? 139 GLU A C   1 
ATOM   970  O O   . GLU A 1 120 ? -3.87717  -6.93417  -20.37928 1.000 58.62750 ? 139 GLU A O   1 
ATOM   971  C CB  . GLU A 1 120 ? -2.42070  -9.63781  -20.54863 1.000 68.45352 ? 139 GLU A CB  1 
ATOM   972  C CG  . GLU A 1 120 ? -1.68717  -10.77472 -21.25149 1.000 67.31564 ? 139 GLU A CG  1 
ATOM   973  C CD  . GLU A 1 120 ? -1.27266  -11.88060 -20.29789 1.000 69.20994 ? 139 GLU A CD  1 
ATOM   974  O OE1 . GLU A 1 120 ? -0.21781  -11.73504 -19.64056 1.000 70.38569 ? 139 GLU A OE1 1 
ATOM   975  O OE2 . GLU A 1 120 ? -2.00074  -12.89207 -20.20282 1.000 67.01329 ? 139 GLU A OE2 1 
ATOM   976  N N   . ALA A 1 121 ? -2.02460  -6.60233  -19.14079 1.000 63.40776 ? 140 ALA A N   1 
ATOM   977  C CA  . ALA A 1 121 ? -2.64991  -5.55518  -18.34396 1.000 58.92547 ? 140 ALA A CA  1 
ATOM   978  C C   . ALA A 1 121 ? -2.60260  -4.20544  -19.04832 1.000 57.38880 ? 140 ALA A C   1 
ATOM   979  O O   . ALA A 1 121 ? -3.47167  -3.35737  -18.81485 1.000 54.92725 ? 140 ALA A O   1 
ATOM   980  C CB  . ALA A 1 121 ? -1.97592  -5.46193  -16.97189 1.000 47.78326 ? 140 ALA A CB  1 
ATOM   981  N N   . PHE A 1 122 ? -1.60916  -3.98991  -19.90496 1.000 59.76755 ? 141 PHE A N   1 
ATOM   982  C CA  . PHE A 1 122 ? -1.48434  -2.73670  -20.63927 1.000 54.40360 ? 141 PHE A CA  1 
ATOM   983  C C   . PHE A 1 122 ? -1.15253  -3.00785  -22.10329 1.000 65.57759 ? 141 PHE A C   1 
ATOM   984  O O   . PHE A 1 122 ? -1.72284  -3.90612  -22.72257 1.000 67.76050 ? 141 PHE A O   1 
ATOM   985  C CB  . PHE A 1 122 ? -0.41008  -1.84516  -20.01702 1.000 55.01864 ? 141 PHE A CB  1 
ATOM   986  C CG  . PHE A 1 122 ? -0.48244  -1.75851  -18.51988 1.000 52.69077 ? 141 PHE A CG  1 
ATOM   987  C CD1 . PHE A 1 122 ? 0.26608   -2.61547  -17.72464 1.000 51.45422 ? 141 PHE A CD1 1 
ATOM   988  C CD2 . PHE A 1 122 ? -1.29224  -0.81852  -17.90510 1.000 54.24929 ? 141 PHE A CD2 1 
ATOM   989  C CE1 . PHE A 1 122 ? 0.20644   -2.53689  -16.34345 1.000 45.70719 ? 141 PHE A CE1 1 
ATOM   990  C CE2 . PHE A 1 122 ? -1.35645  -0.73428  -16.52386 1.000 47.32394 ? 141 PHE A CE2 1 
ATOM   991  C CZ  . PHE A 1 122 ? -0.60585  -1.59581  -15.74263 1.000 36.80008 ? 141 PHE A CZ  1 
ATOM   992  N N   . LYS A 1 130 ? 7.16547   0.51940   -21.51757 1.000 43.11446 ? 149 LYS A N   1 
ATOM   993  C CA  . LYS A 1 130 ? 8.17640   -0.52349  -21.64704 1.000 46.46269 ? 149 LYS A CA  1 
ATOM   994  C C   . LYS A 1 130 ? 9.44344   -0.13476  -20.88161 1.000 44.47950 ? 149 LYS A C   1 
ATOM   995  O O   . LYS A 1 130 ? 10.23746  -0.99739  -20.51284 1.000 57.08456 ? 149 LYS A O   1 
ATOM   996  C CB  . LYS A 1 130 ? 8.52920   -0.82373  -23.11895 1.000 58.65160 ? 149 LYS A CB  1 
ATOM   997  C CG  . LYS A 1 130 ? 7.38424   -1.20675  -24.10015 1.000 62.85595 ? 149 LYS A CG  1 
ATOM   998  C CD  . LYS A 1 130 ? 6.27514   -0.16617  -24.23327 1.000 74.80132 ? 149 LYS A CD  1 
ATOM   999  C CE  . LYS A 1 130 ? 5.85017   0.03531   -25.68230 1.000 68.21994 ? 149 LYS A CE  1 
ATOM   1000 N NZ  . LYS A 1 130 ? 4.51825   0.70682   -25.76687 1.000 63.28737 ? 149 LYS A NZ  1 
ATOM   1001 N N   . ASP A 1 131 ? 9.64365   1.16490   -20.65883 1.000 39.52325 ? 150 ASP A N   1 
ATOM   1002 C CA  . ASP A 1 131 ? 10.69146  1.61940   -19.75222 1.000 42.04212 ? 150 ASP A CA  1 
ATOM   1003 C C   . ASP A 1 131 ? 10.24206  1.65942   -18.30287 1.000 47.61972 ? 150 ASP A C   1 
ATOM   1004 O O   . ASP A 1 131 ? 11.09286  1.66959   -17.40373 1.000 51.77821 ? 150 ASP A O   1 
ATOM   1005 C CB  . ASP A 1 131 ? 11.19086  3.01583   -20.13331 1.000 45.05940 ? 150 ASP A CB  1 
ATOM   1006 C CG  . ASP A 1 131 ? 11.94155  3.02989   -21.43804 1.000 52.71439 ? 150 ASP A CG  1 
ATOM   1007 O OD1 . ASP A 1 131 ? 12.07184  4.12881   -22.02054 1.000 59.75313 ? 150 ASP A OD1 1 
ATOM   1008 O OD2 . ASP A 1 131 ? 12.41173  1.95416   -21.87015 1.000 55.22849 ? 150 ASP A OD2 1 
ATOM   1009 N N   . LYS A 1 132 ? 8.93567   1.70581   -18.05392 1.000 35.55014 ? 151 LYS A N   1 
ATOM   1010 C CA  . LYS A 1 132 ? 8.44479   1.69776   -16.68571 1.000 36.41565 ? 151 LYS A CA  1 
ATOM   1011 C C   . LYS A 1 132 ? 8.29927   0.28279   -16.14150 1.000 36.37050 ? 151 LYS A C   1 
ATOM   1012 O O   . LYS A 1 132 ? 8.45700   0.07272   -14.93297 1.000 33.55868 ? 151 LYS A O   1 
ATOM   1013 C CB  . LYS A 1 132 ? 7.10538   2.43835   -16.61220 1.000 35.15909 ? 151 LYS A CB  1 
ATOM   1014 C CG  . LYS A 1 132 ? 7.17884   3.73505   -15.81054 1.000 47.22429 ? 151 LYS A CG  1 
ATOM   1015 C CD  . LYS A 1 132 ? 5.80488   4.32711   -15.53325 1.000 41.80793 ? 151 LYS A CD  1 
ATOM   1016 C CE  . LYS A 1 132 ? 5.70349   5.76942   -16.00775 1.000 50.60897 ? 151 LYS A CE  1 
ATOM   1017 N NZ  . LYS A 1 132 ? 4.31068   6.29558   -15.88773 1.000 45.39806 ? 151 LYS A NZ  1 
ATOM   1018 N N   . ILE A 1 133 ? 8.03827   -0.68895  -17.02365 1.000 30.53237 ? 152 ILE A N   1 
ATOM   1019 C CA  . ILE A 1 133 ? 7.75053   -2.05396  -16.56684 1.000 31.40541 ? 152 ILE A CA  1 
ATOM   1020 C C   . ILE A 1 133 ? 8.89122   -2.64340  -15.74654 1.000 33.55500 ? 152 ILE A C   1 
ATOM   1021 O O   . ILE A 1 133 ? 8.61449   -3.29528  -14.72779 1.000 33.03103 ? 152 ILE A O   1 
ATOM   1022 C CB  . ILE A 1 133 ? 7.34337   -2.93105  -17.75852 1.000 36.19189 ? 152 ILE A CB  1 
ATOM   1023 C CG1 . ILE A 1 133 ? 5.90117   -2.62837  -18.16566 1.000 33.05217 ? 152 ILE A CG1 1 
ATOM   1024 C CG2 . ILE A 1 133 ? 7.48475   -4.40623  -17.41655 1.000 41.63827 ? 152 ILE A CG2 1 
ATOM   1025 C CD1 . ILE A 1 133 ? 5.52254   -3.18241  -19.52388 1.000 40.73240 ? 152 ILE A CD1 1 
ATOM   1026 N N   . PRO A 1 134 ? 10.17328  -2.47421  -16.10735 1.000 40.41394 ? 153 PRO A N   1 
ATOM   1027 C CA  . PRO A 1 134 ? 11.24951  -2.96482  -15.21810 1.000 35.31724 ? 153 PRO A CA  1 
ATOM   1028 C C   . PRO A 1 134 ? 11.13661  -2.48891  -13.77918 1.000 39.46694 ? 153 PRO A C   1 
ATOM   1029 O O   . PRO A 1 134 ? 11.29690  -3.28754  -12.84327 1.000 33.06663 ? 153 PRO A O   1 
ATOM   1030 C CB  . PRO A 1 134 ? 12.52923  -2.42075  -15.87347 1.000 47.57582 ? 153 PRO A CB  1 
ATOM   1031 C CG  . PRO A 1 134 ? 12.15221  -1.92498  -17.22670 1.000 45.31105 ? 153 PRO A CG  1 
ATOM   1032 C CD  . PRO A 1 134 ? 10.68452  -2.10028  -17.43942 1.000 43.20762 ? 153 PRO A CD  1 
ATOM   1033 N N   . ARG A 1 135 ? 10.88390  -1.19230  -13.57807 1.000 29.67723 ? 154 ARG A N   1 
ATOM   1034 C CA  . ARG A 1 135 ? 10.80607  -0.65491  -12.22603 1.000 27.65002 ? 154 ARG A CA  1 
ATOM   1035 C C   . ARG A 1 135 ? 9.53059   -1.10427  -11.52220 1.000 24.86905 ? 154 ARG A C   1 
ATOM   1036 O O   . ARG A 1 135 ? 9.55101   -1.39876  -10.31963 1.000 22.68617 ? 154 ARG A O   1 
ATOM   1037 C CB  . ARG A 1 135 ? 10.89354  0.86835   -12.27111 1.000 36.12199 ? 154 ARG A CB  1 
ATOM   1038 C CG  . ARG A 1 135 ? 12.31831  1.36218   -12.35677 1.000 41.25803 ? 154 ARG A CG  1 
ATOM   1039 C CD  . ARG A 1 135 ? 12.43165  2.65208   -13.16171 1.000 48.62562 ? 154 ARG A CD  1 
ATOM   1040 N NE  . ARG A 1 135 ? 11.70233  3.77621   -12.57957 1.000 51.65623 ? 154 ARG A NE  1 
ATOM   1041 C CZ  . ARG A 1 135 ? 11.89623  4.27426   -11.36370 1.000 45.71095 ? 154 ARG A CZ  1 
ATOM   1042 N NH1 . ARG A 1 135 ? 12.75536  3.72863   -10.51602 1.000 46.07039 ? 154 ARG A NH1 1 
ATOM   1043 N NH2 . ARG A 1 135 ? 11.21252  5.35367   -10.98967 1.000 44.46057 ? 154 ARG A NH2 1 
ATOM   1044 N N   . TRP A 1 136 ? 8.41212   -1.14784  -12.25039 1.000 23.86248 ? 155 TRP A N   1 
ATOM   1045 C CA  . TRP A 1 136 ? 7.17787   -1.70173  -11.69631 1.000 22.02459 ? 155 TRP A CA  1 
ATOM   1046 C C   . TRP A 1 136 ? 7.38709   -3.13680  -11.23523 1.000 23.81389 ? 155 TRP A C   1 
ATOM   1047 O O   . TRP A 1 136 ? 6.92477   -3.53792  -10.16120 1.000 25.62211 ? 155 TRP A O   1 
ATOM   1048 C CB  . TRP A 1 136 ? 6.07388   -1.68580  -12.74899 1.000 25.08315 ? 155 TRP A CB  1 
ATOM   1049 C CG  . TRP A 1 136 ? 5.47578   -0.36369  -13.05406 1.000 25.26652 ? 155 TRP A CG  1 
ATOM   1050 C CD1 . TRP A 1 136 ? 5.64399   0.79836   -12.37440 1.000 24.29907 ? 155 TRP A CD1 1 
ATOM   1051 C CD2 . TRP A 1 136 ? 4.61137   -0.07339  -14.15403 1.000 28.31625 ? 155 TRP A CD2 1 
ATOM   1052 N NE1 . TRP A 1 136 ? 4.91830   1.80641   -12.97985 1.000 27.73045 ? 155 TRP A NE1 1 
ATOM   1053 C CE2 . TRP A 1 136 ? 4.27834   1.29087   -14.07653 1.000 26.69199 ? 155 TRP A CE2 1 
ATOM   1054 C CE3 . TRP A 1 136 ? 4.08408   -0.83975  -15.19709 1.000 27.07150 ? 155 TRP A CE3 1 
ATOM   1055 C CZ2 . TRP A 1 136 ? 3.43950   1.90566   -15.00459 1.000 32.39526 ? 155 TRP A CZ2 1 
ATOM   1056 C CZ3 . TRP A 1 136 ? 3.24675   -0.23035  -16.11348 1.000 35.62878 ? 155 TRP A CZ3 1 
ATOM   1057 C CH2 . TRP A 1 136 ? 2.93404   1.12842   -16.01078 1.000 29.40107 ? 155 TRP A CH2 1 
ATOM   1058 N N   . ARG A 1 137 ? 8.04138   -3.94310  -12.06818 1.000 22.89571 ? 156 ARG A N   1 
ATOM   1059 C CA  . ARG A 1 137 ? 8.20416   -5.35434  -11.73201 1.000 20.23881 ? 156 ARG A CA  1 
ATOM   1060 C C   . ARG A 1 137 ? 9.03423   -5.51999  -10.47033 1.000 22.90006 ? 156 ARG A C   1 
ATOM   1061 O O   . ARG A 1 137 ? 8.70691   -6.34201  -9.60192  1.000 25.88608 ? 156 ARG A O   1 
ATOM   1062 C CB  . ARG A 1 137 ? 8.84902   -6.09705  -12.89749 1.000 30.61777 ? 156 ARG A CB  1 
ATOM   1063 C CG  . ARG A 1 137 ? 8.90304   -7.60829  -12.68501 1.000 28.00044 ? 156 ARG A CG  1 
ATOM   1064 C CD  . ARG A 1 137 ? 9.33877   -8.32067  -13.95405 1.000 32.23318 ? 156 ARG A CD  1 
ATOM   1065 N NE  . ARG A 1 137 ? 8.24810   -8.47955  -14.91227 1.000 36.14723 ? 156 ARG A NE  1 
ATOM   1066 C CZ  . ARG A 1 137 ? 8.30770   -8.10821  -16.18430 1.000 34.46920 ? 156 ARG A CZ  1 
ATOM   1067 N NH1 . ARG A 1 137 ? 9.39230   -7.54331  -16.68791 1.000 42.14564 ? 156 ARG A NH1 1 
ATOM   1068 N NH2 . ARG A 1 137 ? 7.25228   -8.30588  -16.96908 1.000 41.45513 ? 156 ARG A NH2 1 
ATOM   1069 N N   . THR A 1 138 ? 10.10776  -4.74033  -10.34813 1.000 23.98835 ? 157 THR A N   1 
ATOM   1070 C CA  . THR A 1 138 ? 10.94862  -4.81473  -9.16058  1.000 21.77118 ? 157 THR A CA  1 
ATOM   1071 C C   . THR A 1 138 ? 10.16989  -4.42577  -7.91057  1.000 22.03013 ? 157 THR A C   1 
ATOM   1072 O O   . THR A 1 138 ? 10.22223  -5.11906  -6.89041  1.000 22.58892 ? 157 THR A O   1 
ATOM   1073 C CB  . THR A 1 138 ? 12.17460  -3.92113  -9.33969  1.000 33.66350 ? 157 THR A CB  1 
ATOM   1074 O OG1 . THR A 1 138 ? 13.03044  -4.49360  -10.33780 1.000 31.60666 ? 157 THR A OG1 1 
ATOM   1075 C CG2 . THR A 1 138 ? 12.93725  -3.79612  -8.02386  1.000 32.30093 ? 157 THR A CG2 1 
ATOM   1076 N N   . ALA A 1 139 ? 9.43303   -3.31402  -7.96754  1.000 23.63801 ? 158 ALA A N   1 
ATOM   1077 C CA  . ALA A 1 139 ? 8.71973   -2.87195  -6.77189  1.000 21.74634 ? 158 ALA A CA  1 
ATOM   1078 C C   . ALA A 1 139 ? 7.61861   -3.85212  -6.39537  1.000 19.93181 ? 158 ALA A C   1 
ATOM   1079 O O   . ALA A 1 139 ? 7.41838   -4.14895  -5.21151  1.000 20.83114 ? 158 ALA A O   1 
ATOM   1080 C CB  . ALA A 1 139 ? 8.13489   -1.48052  -6.98940  1.000 20.66893 ? 158 ALA A CB  1 
ATOM   1081 N N   . LEU A 1 140 ? 6.88101   -4.34716  -7.38879  1.000 19.65176 ? 159 LEU A N   1 
ATOM   1082 C CA  . LEU A 1 140 ? 5.82033   -5.30578  -7.11330  1.000 19.01741 ? 159 LEU A CA  1 
ATOM   1083 C C   . LEU A 1 140 ? 6.39270   -6.59456  -6.53270  1.000 20.03475 ? 159 LEU A C   1 
ATOM   1084 O O   . LEU A 1 140 ? 5.84610   -7.15635  -5.57253  1.000 21.52061 ? 159 LEU A O   1 
ATOM   1085 C CB  . LEU A 1 140 ? 5.03745   -5.57783  -8.40004  1.000 18.39783 ? 159 LEU A CB  1 
ATOM   1086 C CG  . LEU A 1 140 ? 3.87351   -6.56155  -8.27613  1.000 23.56975 ? 159 LEU A CG  1 
ATOM   1087 C CD1 . LEU A 1 140 ? 2.83264   -5.99535  -7.31570  1.000 22.83915 ? 159 LEU A CD1 1 
ATOM   1088 C CD2 . LEU A 1 140 ? 3.25747   -6.83942  -9.63203  1.000 21.91260 ? 159 LEU A CD2 1 
ATOM   1089 N N   . THR A 1 141 ? 7.51303   -7.06264  -7.08780  1.000 19.25241 ? 160 THR A N   1 
ATOM   1090 C CA  . THR A 1 141 ? 8.15471   -8.26374  -6.56148  1.000 18.91334 ? 160 THR A CA  1 
ATOM   1091 C C   . THR A 1 141 ? 8.56715   -8.07726  -5.10690  1.000 18.89309 ? 160 THR A C   1 
ATOM   1092 O O   . THR A 1 141 ? 8.25866   -8.91684  -4.24773  1.000 22.99898 ? 160 THR A O   1 
ATOM   1093 C CB  . THR A 1 141 ? 9.36423   -8.63331  -7.42461  1.000 22.28603 ? 160 THR A CB  1 
ATOM   1094 O OG1 . THR A 1 141 ? 8.92908   -8.90068  -8.76917  1.000 21.26015 ? 160 THR A OG1 1 
ATOM   1095 C CG2 . THR A 1 141 ? 10.04395  -9.87736  -6.85652  1.000 26.45175 ? 160 THR A CG2 1 
ATOM   1096 N N   . GLU A 1 142 ? 9.26448   -6.97344  -4.80728  1.000 20.16360 ? 161 GLU A N   1 
ATOM   1097 C CA  . GLU A 1 142 ? 9.71929   -6.73902  -3.44137  1.000 19.97547 ? 161 GLU A CA  1 
ATOM   1098 C C   . GLU A 1 142 ? 8.54389   -6.63733  -2.47736  1.000 24.16645 ? 161 GLU A C   1 
ATOM   1099 O O   . GLU A 1 142 ? 8.56854   -7.23371  -1.39606  1.000 22.58679 ? 161 GLU A O   1 
ATOM   1100 C CB  . GLU A 1 142 ? 10.57768  -5.47588  -3.37780  1.000 23.18197 ? 161 GLU A CB  1 
ATOM   1101 C CG  . GLU A 1 142 ? 11.85668  -5.59194  -4.19439  1.000 23.82268 ? 161 GLU A CG  1 
ATOM   1102 C CD  . GLU A 1 142 ? 12.67441  -4.31867  -4.20795  1.000 32.98522 ? 161 GLU A CD  1 
ATOM   1103 O OE1 . GLU A 1 142 ? 12.14597  -3.25753  -3.80910  1.000 32.57265 ? 161 GLU A OE1 1 
ATOM   1104 O OE2 . GLU A 1 142 ? 13.85100  -4.38474  -4.62457  1.000 33.56259 ? 161 GLU A OE2 1 
ATOM   1105 N N   . ALA A 1 143 ? 7.49831   -5.89062  -2.85552  1.000 20.37894 ? 162 ALA A N   1 
ATOM   1106 C CA  . ALA A 1 143 ? 6.36740   -5.70290  -1.94389  1.000 21.22259 ? 162 ALA A CA  1 
ATOM   1107 C C   . ALA A 1 143 ? 5.58919   -6.99499  -1.73320  1.000 19.67845 ? 162 ALA A C   1 
ATOM   1108 O O   . ALA A 1 143 ? 5.18329   -7.30592  -0.60566  1.000 20.45190 ? 162 ALA A O   1 
ATOM   1109 C CB  . ALA A 1 143 ? 5.43395   -4.61609  -2.47243  1.000 18.85735 ? 162 ALA A CB  1 
ATOM   1110 N N   . ALA A 1 144 ? 5.36638   -7.76483  -2.80179  1.000 17.94980 ? 163 ALA A N   1 
ATOM   1111 C CA  . ALA A 1 144 ? 4.61249   -9.00916  -2.65951  1.000 19.26506 ? 163 ALA A CA  1 
ATOM   1112 C C   . ALA A 1 144 ? 5.34307   -10.03149 -1.80372  1.000 21.94979 ? 163 ALA A C   1 
ATOM   1113 O O   . ALA A 1 144 ? 4.72422   -11.00083 -1.35114  1.000 25.47011 ? 163 ALA A O   1 
ATOM   1114 C CB  . ALA A 1 144 ? 4.31610   -9.61998  -4.03501  1.000 16.74351 ? 163 ALA A CB  1 
ATOM   1115 N N   . ASN A 1 145 ? 6.64208   -9.85168  -1.58233  1.000 20.09043 ? 164 ASN A N   1 
ATOM   1116 C CA  . ASN A 1 145 ? 7.42896   -10.82059 -0.83147  1.000 22.10214 ? 164 ASN A CA  1 
ATOM   1117 C C   . ASN A 1 145 ? 7.58619   -10.45266 0.63343   1.000 25.43851 ? 164 ASN A C   1 
ATOM   1118 O O   . ASN A 1 145 ? 8.15862   -11.23786 1.39452   1.000 25.15724 ? 164 ASN A O   1 
ATOM   1119 C CB  . ASN A 1 145 ? 8.80511   -10.98769 -1.47557  1.000 25.00806 ? 164 ASN A CB  1 
ATOM   1120 C CG  . ASN A 1 145 ? 8.72204   -11.69822 -2.81005  1.000 26.65576 ? 164 ASN A CG  1 
ATOM   1121 O OD1 . ASN A 1 145 ? 7.69380   -12.28761 -3.13881  1.000 30.30136 ? 164 ASN A OD1 1 
ATOM   1122 N ND2 . ASN A 1 145 ? 9.78928   -11.61901 -3.59719  1.000 27.28663 ? 164 ASN A ND2 1 
ATOM   1123 N N   . LEU A 1 146 ? 7.09199   -9.29212  1.05042   1.000 21.87450 ? 165 LEU A N   1 
ATOM   1124 C CA  . LEU A 1 146 ? 7.17215   -8.93909  2.46035   1.000 18.57303 ? 165 LEU A CA  1 
ATOM   1125 C C   . LEU A 1 146 ? 6.09755   -9.67132  3.26106   1.000 21.72408 ? 165 LEU A C   1 
ATOM   1126 O O   . LEU A 1 146 ? 5.06792   -10.09339 2.73362   1.000 24.19738 ? 165 LEU A O   1 
ATOM   1127 C CB  . LEU A 1 146 ? 7.02606   -7.43049  2.64600   1.000 17.74743 ? 165 LEU A CB  1 
ATOM   1128 C CG  . LEU A 1 146 ? 8.15069   -6.63869  1.98578   1.000 23.45610 ? 165 LEU A CG  1 
ATOM   1129 C CD1 . LEU A 1 146 ? 7.82985   -5.15009  1.94906   1.000 27.74451 ? 165 LEU A CD1 1 
ATOM   1130 C CD2 . LEU A 1 146 ? 9.45348   -6.88777  2.72093   1.000 24.47772 ? 165 LEU A CD2 1 
ATOM   1131 N N   . SER A 1 147 ? 6.35347   -9.81408  4.55804   1.000 26.69705 ? 166 SER A N   1 
ATOM   1132 C CA  . SER A 1 147 ? 5.39512   -10.45766 5.44244   1.000 30.21411 ? 166 SER A CA  1 
ATOM   1133 C C   . SER A 1 147 ? 4.18009   -9.55879  5.63306   1.000 26.10772 ? 166 SER A C   1 
ATOM   1134 O O   . SER A 1 147 ? 4.32025   -8.37002  5.92810   1.000 25.62494 ? 166 SER A O   1 
ATOM   1135 C CB  . SER A 1 147 ? 6.05561   -10.76364 6.78524   1.000 38.46863 ? 166 SER A CB  1 
ATOM   1136 O OG  . SER A 1 147 ? 5.08755   -10.95357 7.79855   1.000 46.63575 ? 166 SER A OG  1 
ATOM   1137 N N   . GLY A 1 148 ? 2.98859   -10.11851 5.46196   1.000 26.52226 ? 167 GLY A N   1 
ATOM   1138 C CA  . GLY A 1 148 ? 1.76165   -9.34844  5.58601   1.000 29.17877 ? 167 GLY A CA  1 
ATOM   1139 C C   . GLY A 1 148 ? 0.57554   -10.18494 6.00561   1.000 26.95853 ? 167 GLY A C   1 
ATOM   1140 O O   . GLY A 1 148 ? 0.71081   -11.13811 6.78003   1.000 27.13760 ? 167 GLY A O   1 
ATOM   1141 N N   . TRP A 1 149 ? -0.59768  -9.81749  5.49784   1.000 18.72677 ? 168 TRP A N   1 
ATOM   1142 C CA  . TRP A 1 149 ? -1.85981  -10.47472 5.85672   1.000 20.20992 ? 168 TRP A CA  1 
ATOM   1143 C C   . TRP A 1 149 ? -2.56651  -10.99688 4.62181   1.000 23.18500 ? 168 TRP A C   1 
ATOM   1144 O O   . TRP A 1 149 ? -3.15354  -10.20018 3.86410   1.000 20.77426 ? 168 TRP A O   1 
ATOM   1145 C CB  . TRP A 1 149 ? -2.77211  -9.49990  6.60488   1.000 21.97533 ? 168 TRP A CB  1 
ATOM   1146 C CG  . TRP A 1 149 ? -2.12079  -8.93111  7.79829   1.000 21.55835 ? 168 TRP A CG  1 
ATOM   1147 C CD1 . TRP A 1 149 ? -2.10676  -9.45576  9.05622   1.000 23.94105 ? 168 TRP A CD1 1 
ATOM   1148 C CD2 . TRP A 1 149 ? -1.37120  -7.71419  7.86097   1.000 23.60577 ? 168 TRP A CD2 1 
ATOM   1149 N NE1 . TRP A 1 149 ? -1.38593  -8.64311  9.89769   1.000 26.35429 ? 168 TRP A NE1 1 
ATOM   1150 C CE2 . TRP A 1 149 ? -0.92868  -7.56422  9.18959   1.000 29.43269 ? 168 TRP A CE2 1 
ATOM   1151 C CE3 . TRP A 1 149 ? -1.03615  -6.73505  6.92218   1.000 25.58531 ? 168 TRP A CE3 1 
ATOM   1152 C CZ2 . TRP A 1 149 ? -0.16410  -6.46718  9.60709   1.000 27.78577 ? 168 TRP A CZ2 1 
ATOM   1153 C CZ3 . TRP A 1 149 ? -0.27870  -5.64772  7.33435   1.000 30.42695 ? 168 TRP A CZ3 1 
ATOM   1154 C CH2 . TRP A 1 149 ? 0.14977   -5.52436  8.66694   1.000 31.71923 ? 168 TRP A CH2 1 
ATOM   1155 N N   . PRO A 1 150 ? -2.56164  -12.30910 4.38601   1.000 22.92972 ? 169 PRO A N   1 
ATOM   1156 C CA  . PRO A 1 150 ? -3.24739  -12.85868 3.21084   1.000 23.03363 ? 169 PRO A CA  1 
ATOM   1157 C C   . PRO A 1 150 ? -4.70871  -13.17418 3.48937   1.000 31.81927 ? 169 PRO A C   1 
ATOM   1158 O O   . PRO A 1 150 ? -5.04239  -14.31353 3.84557   1.000 35.68470 ? 169 PRO A O   1 
ATOM   1159 C CB  . PRO A 1 150 ? -2.44638  -14.12914 2.91104   1.000 26.80378 ? 169 PRO A CB  1 
ATOM   1160 C CG  . PRO A 1 150 ? -1.96400  -14.58927 4.27056   1.000 29.90248 ? 169 PRO A CG  1 
ATOM   1161 C CD  . PRO A 1 150 ? -1.77446  -13.32034 5.10931   1.000 23.56793 ? 169 PRO A CD  1 
ATOM   1162 N N   . LEU A 1 151 ? -5.59154  -12.19596 3.28322   1.000 18.57823 ? 170 LEU A N   1 
ATOM   1163 C CA  . LEU A 1 151 ? -6.98778  -12.32952 3.69530   1.000 15.16110 ? 170 LEU A CA  1 
ATOM   1164 C C   . LEU A 1 151 ? -7.80639  -13.15866 2.71505   1.000 24.43346 ? 170 LEU A C   1 
ATOM   1165 O O   . LEU A 1 151 ? -7.74974  -12.94547 1.49976   1.000 22.90628 ? 170 LEU A O   1 
ATOM   1166 C CB  . LEU A 1 151 ? -7.63884  -10.95971 3.81325   1.000 19.36665 ? 170 LEU A CB  1 
ATOM   1167 C CG  . LEU A 1 151 ? -6.95014  -9.93280  4.70332   1.000 21.15246 ? 170 LEU A CG  1 
ATOM   1168 C CD1 . LEU A 1 151 ? -7.79648  -8.65843  4.71280   1.000 20.00432 ? 170 LEU A CD1 1 
ATOM   1169 C CD2 . LEU A 1 151 ? -6.79261  -10.50826 6.09353   1.000 21.44191 ? 170 LEU A CD2 1 
ATOM   1170 N N   . GLN A 1 152 ? -8.61844  -14.06815 3.25201   1.000 18.85426 ? 171 GLN A N   1 
ATOM   1171 C CA  . GLN A 1 152 ? -9.64703  -14.70556 2.45100   1.000 18.11670 ? 171 GLN A CA  1 
ATOM   1172 C C   . GLN A 1 152 ? -10.98127 -14.07359 2.84696   1.000 22.74570 ? 171 GLN A C   1 
ATOM   1173 O O   . GLN A 1 152 ? -11.01738 -13.07997 3.56905   1.000 23.74689 ? 171 GLN A O   1 
ATOM   1174 C CB  . GLN A 1 152 ? -9.58178  -16.23770 2.62494   1.000 16.18443 ? 171 GLN A CB  1 
ATOM   1175 C CG  . GLN A 1 152 ? -8.23232  -16.77340 2.15136   1.000 19.84018 ? 171 GLN A CG  1 
ATOM   1176 C CD  . GLN A 1 152 ? -8.14536  -18.29557 2.12525   1.000 18.81769 ? 171 GLN A CD  1 
ATOM   1177 O OE1 . GLN A 1 152 ? -9.15547  -18.98886 1.97104   1.000 19.53036 ? 171 GLN A OE1 1 
ATOM   1178 N NE2 . GLN A 1 152 ? -6.93022  -18.81610 2.28521   1.000 21.45720 ? 171 GLN A NE2 1 
ATOM   1179 N N   . ASP A 1 153 ? -12.09191 -14.61758 2.35643   1.000 24.39711 ? 172 ASP A N   1 
ATOM   1180 C CA  . ASP A 1 153 ? -13.40774 -14.05053 2.67034   1.000 22.91682 ? 172 ASP A CA  1 
ATOM   1181 C C   . ASP A 1 153 ? -13.74489 -14.35413 4.12353   1.000 25.87897 ? 172 ASP A C   1 
ATOM   1182 O O   . ASP A 1 153 ? -14.17550 -15.46038 4.46123   1.000 26.85268 ? 172 ASP A O   1 
ATOM   1183 C CB  . ASP A 1 153 ? -14.47619 -14.61356 1.73940   1.000 28.11222 ? 172 ASP A CB  1 
ATOM   1184 C CG  . ASP A 1 153 ? -14.26941 -14.21036 0.28757   1.000 42.87401 ? 172 ASP A CG  1 
ATOM   1185 O OD1 . ASP A 1 153 ? -14.90266 -14.83962 -0.59457  1.000 54.29831 ? 172 ASP A OD1 1 
ATOM   1186 O OD2 . ASP A 1 153 ? -13.49287 -13.27118 0.01982   1.000 49.84555 ? 172 ASP A OD2 1 
ATOM   1187 N N   . GLY A 1 154 ? -13.54020 -13.37756 4.99810   1.000 21.00206 ? 173 GLY A N   1 
ATOM   1188 C CA  . GLY A 1 154 ? -13.79756 -13.58748 6.40670   1.000 19.96598 ? 173 GLY A CA  1 
ATOM   1189 C C   . GLY A 1 154 ? -14.68943 -12.52441 7.01176   1.000 24.44179 ? 173 GLY A C   1 
ATOM   1190 O O   . GLY A 1 154 ? -15.41306 -11.82733 6.29598   1.000 26.23577 ? 173 GLY A O   1 
ATOM   1191 N N   . TYR A 1 155 ? -14.65895 -12.40163 8.33308   1.000 15.92699 ? 174 TYR A N   1 
ATOM   1192 C CA  . TYR A 1 155 ? -15.38403 -11.33906 9.02214   1.000 18.40478 ? 174 TYR A CA  1 
ATOM   1193 C C   . TYR A 1 155 ? -14.52111 -10.08334 8.95696   1.000 21.79942 ? 174 TYR A C   1 
ATOM   1194 O O   . TYR A 1 155 ? -13.55197 -9.93720  9.70548   1.000 23.31798 ? 174 TYR A O   1 
ATOM   1195 C CB  . TYR A 1 155 ? -15.68940 -11.74049 10.45528  1.000 19.02212 ? 174 TYR A CB  1 
ATOM   1196 C CG  . TYR A 1 155 ? -16.71102 -12.87031 10.54080  1.000 23.69211 ? 174 TYR A CG  1 
ATOM   1197 C CD1 . TYR A 1 155 ? -18.05245 -12.63652 10.27999  1.000 20.90487 ? 174 TYR A CD1 1 
ATOM   1198 C CD2 . TYR A 1 155 ? -16.32400 -14.15171 10.89109  1.000 23.11432 ? 174 TYR A CD2 1 
ATOM   1199 C CE1 . TYR A 1 155 ? -18.99351 -13.66079 10.37420  1.000 24.11001 ? 174 TYR A CE1 1 
ATOM   1200 C CE2 . TYR A 1 155 ? -17.25187 -15.17651 10.99358  1.000 23.10172 ? 174 TYR A CE2 1 
ATOM   1201 C CZ  . TYR A 1 155 ? -18.58425 -14.92253 10.72852  1.000 29.86568 ? 174 TYR A CZ  1 
ATOM   1202 O OH  . TYR A 1 155 ? -19.51192 -15.94359 10.82747  1.000 25.64752 ? 174 TYR A OH  1 
ATOM   1203 N N   . GLU A 1 156 ? -14.89511 -9.17116  8.06311   1.000 23.31526 ? 175 GLU A N   1 
ATOM   1204 C CA  . GLU A 1 156 ? -14.00455 -8.07927  7.66653   1.000 23.05366 ? 175 GLU A CA  1 
ATOM   1205 C C   . GLU A 1 156 ? -13.70494 -7.12041  8.81176   1.000 19.84212 ? 175 GLU A C   1 
ATOM   1206 O O   . GLU A 1 156 ? -12.57368 -6.62948  8.93171   1.000 20.09143 ? 175 GLU A O   1 
ATOM   1207 C CB  . GLU A 1 156 ? -14.62214 -7.34413  6.48689   1.000 28.78686 ? 175 GLU A CB  1 
ATOM   1208 C CG  . GLU A 1 156 ? -13.65930 -6.53153  5.69897   1.000 35.35553 ? 175 GLU A CG  1 
ATOM   1209 C CD  . GLU A 1 156 ? -14.23884 -6.16057  4.36223   1.000 31.51955 ? 175 GLU A CD  1 
ATOM   1210 O OE1 . GLU A 1 156 ? -14.65836 -4.99790  4.22036   1.000 34.39926 ? 175 GLU A OE1 1 
ATOM   1211 O OE2 . GLU A 1 156 ? -14.28009 -7.03954  3.46605   1.000 31.09122 ? 175 GLU A OE2 1 
ATOM   1212 N N   . SER A 1 157 ? -14.70181 -6.81264  9.64590   1.000 23.74117 ? 176 SER A N   1 
ATOM   1213 C CA  . SER A 1 157 ? -14.45322 -5.91628  10.77038  1.000 20.76366 ? 176 SER A CA  1 
ATOM   1214 C C   . SER A 1 157 ? -13.40650 -6.49681  11.70593  1.000 24.64522 ? 176 SER A C   1 
ATOM   1215 O O   . SER A 1 157 ? -12.52971 -5.77788  12.20311  1.000 22.47477 ? 176 SER A O   1 
ATOM   1216 C CB  . SER A 1 157 ? -15.75323 -5.65348  11.52956  1.000 32.66234 ? 176 SER A CB  1 
ATOM   1217 O OG  . SER A 1 157 ? -16.69609 -5.00088  10.69618  1.000 44.98054 ? 176 SER A OG  1 
ATOM   1218 N N   . ASN A 1 158 ? -13.48473 -7.80757  11.95930  1.000 22.11707 ? 177 ASN A N   1 
ATOM   1219 C CA  . ASN A 1 158 ? -12.49105 -8.45551  12.80229  1.000 18.05479 ? 177 ASN A CA  1 
ATOM   1220 C C   . ASN A 1 158 ? -11.15266 -8.62049  12.09159  1.000 20.32724 ? 177 ASN A C   1 
ATOM   1221 O O   . ASN A 1 158 ? -10.10443 -8.59426  12.74499  1.000 21.97923 ? 177 ASN A O   1 
ATOM   1222 C CB  . ASN A 1 158 ? -13.02958 -9.80920  13.27743  1.000 25.40470 ? 177 ASN A CB  1 
ATOM   1223 C CG  . ASN A 1 158 ? -14.02286 -9.65922  14.40926  1.000 30.26415 ? 177 ASN A CG  1 
ATOM   1224 O OD1 . ASN A 1 158 ? -14.16654 -8.56859  14.96998  1.000 28.94286 ? 177 ASN A OD1 1 
ATOM   1225 N ND2 . ASN A 1 158 ? -14.71370 -10.74116 14.75323  1.000 28.34265 ? 177 ASN A ND2 1 
ATOM   1226 N N   . GLN A 1 159 ? -11.15307 -8.81864  10.77067  1.000 16.28498 ? 178 GLN A N   1 
ATOM   1227 C CA  . GLN A 1 159 ? -9.88009  -8.84100  10.05973  1.000 15.28449 ? 178 GLN A CA  1 
ATOM   1228 C C   . GLN A 1 159 ? -9.17590  -7.49632  10.19382  1.000 21.62127 ? 178 GLN A C   1 
ATOM   1229 O O   . GLN A 1 159 ? -7.95738  -7.43691  10.38947  1.000 18.76664 ? 178 GLN A O   1 
ATOM   1230 C CB  . GLN A 1 159 ? -10.09591 -9.16682  8.58356   1.000 17.73606 ? 178 GLN A CB  1 
ATOM   1231 C CG  . GLN A 1 159 ? -10.45041 -10.63547 8.31110   1.000 17.53857 ? 178 GLN A CG  1 
ATOM   1232 C CD  . GLN A 1 159 ? -10.79732 -10.85624 6.85664   1.000 22.22847 ? 178 GLN A CD  1 
ATOM   1233 O OE1 . GLN A 1 159 ? -11.40592 -9.99399  6.21908   1.000 19.77692 ? 178 GLN A OE1 1 
ATOM   1234 N NE2 . GLN A 1 159 ? -10.40091 -12.00596 6.31315   1.000 21.02590 ? 178 GLN A NE2 1 
ATOM   1235 N N   . ILE A 1 160 ? -9.93627  -6.40870  10.07548  1.000 19.47268 ? 179 ILE A N   1 
ATOM   1236 C CA  . ILE A 1 160 ? -9.36956  -5.06600  10.20494  1.000 18.51437 ? 179 ILE A CA  1 
ATOM   1237 C C   . ILE A 1 160 ? -8.87988  -4.83511  11.62720  1.000 23.46548 ? 179 ILE A C   1 
ATOM   1238 O O   . ILE A 1 160 ? -7.82113  -4.23481  11.84642  1.000 22.83085 ? 179 ILE A O   1 
ATOM   1239 C CB  . ILE A 1 160 ? -10.41575 -4.02431  9.77673   1.000 17.52115 ? 179 ILE A CB  1 
ATOM   1240 C CG1 . ILE A 1 160 ? -10.58096 -4.06257  8.25870   1.000 18.12842 ? 179 ILE A CG1 1 
ATOM   1241 C CG2 . ILE A 1 160 ? -10.03873 -2.60617  10.27254  1.000 19.38317 ? 179 ILE A CG2 1 
ATOM   1242 C CD1 . ILE A 1 160 ? -11.87705 -3.42312  7.73435   1.000 19.11433 ? 179 ILE A CD1 1 
ATOM   1243 N N   . LYS A 1 161 ? -9.63381  -5.32154  12.61528  1.000 20.40177 ? 180 LYS A N   1 
ATOM   1244 C CA  . LYS A 1 161 ? -9.18463  -5.22113  13.99743  1.000 18.47798 ? 180 LYS A CA  1 
ATOM   1245 C C   . LYS A 1 161 ? -7.84905  -5.92828  14.18710  1.000 23.06791 ? 180 LYS A C   1 
ATOM   1246 O O   . LYS A 1 161 ? -6.93597  -5.38909  14.82252  1.000 25.51083 ? 180 LYS A O   1 
ATOM   1247 C CB  . LYS A 1 161 ? -10.25192 -5.78650  14.93107  1.000 23.38083 ? 180 LYS A CB  1 
ATOM   1248 C CG  . LYS A 1 161 ? -9.85243  -5.82171  16.38066  1.000 36.72416 ? 180 LYS A CG  1 
ATOM   1249 C CD  . LYS A 1 161 ? -11.01380 -6.25267  17.25970  1.000 35.08614 ? 180 LYS A CD  1 
ATOM   1250 C CE  . LYS A 1 161 ? -10.52555 -6.60702  18.65611  1.000 47.20040 ? 180 LYS A CE  1 
ATOM   1251 N NZ  . LYS A 1 161 ? -9.39629  -7.59086  18.61784  1.000 54.51492 ? 180 LYS A NZ  1 
ATOM   1252 N N   . GLU A 1 162 ? -7.70522  -7.13464  13.62908  1.000 22.69290 ? 181 GLU A N   1 
ATOM   1253 C CA  . GLU A 1 162 ? -6.43952  -7.84732  13.77415  1.000 21.45526 ? 181 GLU A CA  1 
ATOM   1254 C C   . GLU A 1 162 ? -5.31086  -7.12581  13.05094  1.000 22.22762 ? 181 GLU A C   1 
ATOM   1255 O O   . GLU A 1 162 ? -4.18373  -7.05685  13.55952  1.000 25.47660 ? 181 GLU A O   1 
ATOM   1256 C CB  . GLU A 1 162 ? -6.57802  -9.27837  13.25600  1.000 21.51885 ? 181 GLU A CB  1 
ATOM   1257 C CG  . GLU A 1 162 ? -7.49460  -10.12638 14.10996  1.000 33.92962 ? 181 GLU A CG  1 
ATOM   1258 C CD  . GLU A 1 162 ? -6.77873  -10.78104 15.28068  1.000 42.44893 ? 181 GLU A CD  1 
ATOM   1259 O OE1 . GLU A 1 162 ? -5.64280  -10.36848 15.60339  1.000 36.75321 ? 181 GLU A OE1 1 
ATOM   1260 O OE2 . GLU A 1 162 ? -7.35320  -11.72333 15.87105  1.000 46.29186 ? 181 GLU A OE2 1 
ATOM   1261 N N   . ILE A 1 163 ? -5.58698  -6.59049  11.85745  1.000 19.70935 ? 182 ILE A N   1 
ATOM   1262 C CA  . ILE A 1 163 ? -4.53663  -5.92194  11.09455  1.000 20.18745 ? 182 ILE A CA  1 
ATOM   1263 C C   . ILE A 1 163 ? -4.09027  -4.65420  11.81054  1.000 21.85314 ? 182 ILE A C   1 
ATOM   1264 O O   . ILE A 1 163 ? -2.88868  -4.39422  11.96691  1.000 22.32786 ? 182 ILE A O   1 
ATOM   1265 C CB  . ILE A 1 163 ? -5.02046  -5.62326  9.66366   1.000 20.64250 ? 182 ILE A CB  1 
ATOM   1266 C CG1 . ILE A 1 163 ? -5.03082  -6.90655  8.83959   1.000 18.86668 ? 182 ILE A CG1 1 
ATOM   1267 C CG2 . ILE A 1 163 ? -4.13696  -4.55425  8.98810   1.000 20.91538 ? 182 ILE A CG2 1 
ATOM   1268 C CD1 . ILE A 1 163 ? -5.83466  -6.81383  7.56820   1.000 20.25422 ? 182 ILE A CD1 1 
ATOM   1269 N N   . THR A 1 164 ? -5.05071  -3.85676  12.27284  1.000 19.43553 ? 183 THR A N   1 
ATOM   1270 C CA  . THR A 1 164 ? -4.68534  -2.58406  12.89109  1.000 20.80523 ? 183 THR A CA  1 
ATOM   1271 C C   . THR A 1 164 ? -4.00528  -2.80292  14.23763  1.000 24.20707 ? 183 THR A C   1 
ATOM   1272 O O   . THR A 1 164 ? -3.06495  -2.07946  14.58798  1.000 26.06899 ? 183 THR A O   1 
ATOM   1273 C CB  . THR A 1 164 ? -5.91273  -1.68327  13.03279  1.000 24.77571 ? 183 THR A CB  1 
ATOM   1274 O OG1 . THR A 1 164 ? -6.91775  -2.34056  13.79841  1.000 27.44653 ? 183 THR A OG1 1 
ATOM   1275 C CG2 . THR A 1 164 ? -6.48832  -1.33240  11.66503  1.000 24.67186 ? 183 THR A CG2 1 
ATOM   1276 N N   . ASP A 1 165 ? -4.45049  -3.80222  15.00498  1.000 22.30351 ? 184 ASP A N   1 
ATOM   1277 C CA  . ASP A 1 165 ? -3.74168  -4.12577  16.24107  1.000 25.76619 ? 184 ASP A CA  1 
ATOM   1278 C C   . ASP A 1 165 ? -2.30608  -4.54726  15.95666  1.000 25.03591 ? 184 ASP A C   1 
ATOM   1279 O O   . ASP A 1 165 ? -1.39305  -4.22098  16.72165  1.000 28.50281 ? 184 ASP A O   1 
ATOM   1280 C CB  . ASP A 1 165 ? -4.47689  -5.22652  17.00927  1.000 26.44081 ? 184 ASP A CB  1 
ATOM   1281 C CG  . ASP A 1 165 ? -5.72166  -4.72084  17.70862  1.000 36.43278 ? 184 ASP A CG  1 
ATOM   1282 O OD1 . ASP A 1 165 ? -5.97331  -3.49823  17.67864  1.000 39.54888 ? 184 ASP A OD1 1 
ATOM   1283 O OD2 . ASP A 1 165 ? -6.45211  -5.55215  18.29167  1.000 43.82641 ? 184 ASP A OD2 1 
ATOM   1284 N N   . SER A 1 166 ? -2.08182  -5.26836  14.85565  1.000 22.19127 ? 185 SER A N   1 
ATOM   1285 C CA  . SER A 1 166 ? -0.73070  -5.71283  14.53668  1.000 23.45515 ? 185 SER A CA  1 
ATOM   1286 C C   . SER A 1 166 ? 0.12663   -4.54937  14.05774  1.000 28.83209 ? 185 SER A C   1 
ATOM   1287 O O   . SER A 1 166 ? 1.31205   -4.45722  14.40038  1.000 27.68319 ? 185 SER A O   1 
ATOM   1288 C CB  . SER A 1 166 ? -0.77487  -6.81296  13.48303  1.000 30.93398 ? 185 SER A CB  1 
ATOM   1289 O OG  . SER A 1 166 ? 0.49540   -6.99446  12.88367  1.000 36.56800 ? 185 SER A OG  1 
ATOM   1290 N N   . ILE A 1 167 ? -0.45200  -3.64966  13.26268  1.000 22.48892 ? 186 ILE A N   1 
ATOM   1291 C CA  . ILE A 1 167 ? 0.28444   -2.44547  12.88420  1.000 20.48866 ? 186 ILE A CA  1 
ATOM   1292 C C   . ILE A 1 167 ? 0.61407   -1.61712  14.11892  1.000 31.53152 ? 186 ILE A C   1 
ATOM   1293 O O   . ILE A 1 167 ? 1.71691   -1.06880  14.23809  1.000 30.37881 ? 186 ILE A O   1 
ATOM   1294 C CB  . ILE A 1 167 ? -0.50810  -1.62710  11.84815  1.000 20.93690 ? 186 ILE A CB  1 
ATOM   1295 C CG1 . ILE A 1 167 ? -0.51010  -2.35919  10.50659  1.000 22.12048 ? 186 ILE A CG1 1 
ATOM   1296 C CG2 . ILE A 1 167 ? 0.12274   -0.24697  11.66827  1.000 20.48402 ? 186 ILE A CG2 1 
ATOM   1297 C CD1 . ILE A 1 167 ? -1.57898  -1.86716  9.53519   1.000 21.47876 ? 186 ILE A CD1 1 
ATOM   1298 N N   . PHE A 1 168 ? -0.33960  -1.50593  15.04795  1.000 22.79331 ? 187 PHE A N   1 
ATOM   1299 C CA  . PHE A 1 168 ? -0.11130  -0.76837  16.29032  1.000 27.78209 ? 187 PHE A CA  1 
ATOM   1300 C C   . PHE A 1 168 ? 1.07787   -1.33703  17.05091  1.000 30.58813 ? 187 PHE A C   1 
ATOM   1301 O O   . PHE A 1 168 ? 1.94233   -0.59224  17.52864  1.000 35.82754 ? 187 PHE A O   1 
ATOM   1302 C CB  . PHE A 1 168 ? -1.37554  -0.81871  17.15169  1.000 30.88102 ? 187 PHE A CB  1 
ATOM   1303 C CG  . PHE A 1 168 ? -1.33735  0.07901   18.36046  1.000 37.23439 ? 187 PHE A CG  1 
ATOM   1304 C CD1 . PHE A 1 168 ? -1.02571  -0.43310  19.61162  1.000 37.97105 ? 187 PHE A CD1 1 
ATOM   1305 C CD2 . PHE A 1 168 ? -1.63466  1.43147   18.24940  1.000 35.04319 ? 187 PHE A CD2 1 
ATOM   1306 C CE1 . PHE A 1 168 ? -1.00196  0.39214   20.72678  1.000 35.31251 ? 187 PHE A CE1 1 
ATOM   1307 C CE2 . PHE A 1 168 ? -1.61343  2.25685   19.35882  1.000 35.09867 ? 187 PHE A CE2 1 
ATOM   1308 C CZ  . PHE A 1 168 ? -1.29757  1.73631   20.59684  1.000 40.38818 ? 187 PHE A CZ  1 
ATOM   1309 N N   . ARG A 1 169 ? 1.13824   -2.66591  17.16490  1.000 31.82371 ? 188 ARG A N   1 
ATOM   1310 C CA  . ARG A 1 169 ? 2.22974   -3.30736  17.88974  1.000 30.96051 ? 188 ARG A CA  1 
ATOM   1311 C C   . ARG A 1 169 ? 3.56468   -3.06930  17.20203  1.000 32.52009 ? 188 ARG A C   1 
ATOM   1312 O O   . ARG A 1 169 ? 4.58989   -2.89388  17.86906  1.000 45.38151 ? 188 ARG A O   1 
ATOM   1313 C CB  . ARG A 1 169 ? 1.96250   -4.81370  18.02369  1.000 31.11450 ? 188 ARG A CB  1 
ATOM   1314 C CG  . ARG A 1 169 ? 0.73195   -5.15789  18.83849  1.000 39.75733 ? 188 ARG A CG  1 
ATOM   1315 C CD  . ARG A 1 169 ? 0.67236   -6.64942  19.19875  1.000 43.79350 ? 188 ARG A CD  1 
ATOM   1316 N NE  . ARG A 1 169 ? 0.28581   -7.49030  18.06896  1.000 46.24357 ? 188 ARG A NE  1 
ATOM   1317 C CZ  . ARG A 1 169 ? -0.96145  -7.85018  17.78743  1.000 47.99892 ? 188 ARG A CZ  1 
ATOM   1318 N NH1 . ARG A 1 169 ? -1.98363  -7.43958  18.52045  1.000 44.18357 ? 188 ARG A NH1 1 
ATOM   1319 N NH2 . ARG A 1 169 ? -1.18790  -8.64755  16.74641  1.000 43.88264 ? 188 ARG A NH2 1 
ATOM   1320 N N   . ARG A 1 170 ? 3.57671   -3.06010  15.87040  1.000 33.84541 ? 189 ARG A N   1 
ATOM   1321 C CA  . ARG A 1 170 ? 4.83467   -2.88877  15.15832  1.000 39.63812 ? 189 ARG A CA  1 
ATOM   1322 C C   . ARG A 1 170 ? 5.26625   -1.42630  15.08991  1.000 38.55579 ? 189 ARG A C   1 
ATOM   1323 O O   . ARG A 1 170 ? 6.46939   -1.15058  15.06121  1.000 47.79395 ? 189 ARG A O   1 
ATOM   1324 C CB  . ARG A 1 170 ? 4.73172   -3.49605  13.75668  1.000 37.78638 ? 189 ARG A CB  1 
ATOM   1325 C CG  . ARG A 1 170 ? 4.32649   -4.97295  13.76524  1.000 48.49832 ? 189 ARG A CG  1 
ATOM   1326 C CD  . ARG A 1 170 ? 4.99613   -5.76818  12.65218  1.000 56.16060 ? 189 ARG A CD  1 
ATOM   1327 N NE  . ARG A 1 170 ? 4.05621   -6.52052  11.82519  1.000 51.60523 ? 189 ARG A NE  1 
ATOM   1328 C CZ  . ARG A 1 170 ? 4.34364   -7.00295  10.62086  1.000 61.96203 ? 189 ARG A CZ  1 
ATOM   1329 N NH1 . ARG A 1 170 ? 5.52630   -6.80143  10.05927  1.000 57.76607 ? 189 ARG A NH1 1 
ATOM   1330 N NH2 . ARG A 1 170 ? 3.42580   -7.71259  9.96535   1.000 47.63985 ? 189 ARG A NH2 1 
ATOM   1331 N N   . LEU A 1 171 ? 4.32601   -0.47827  15.10153  1.000 35.41314 ? 190 LEU A N   1 
ATOM   1332 C CA  . LEU A 1 171 ? 4.66501   0.94172   14.99440  1.000 33.94743 ? 190 LEU A CA  1 
ATOM   1333 C C   . LEU A 1 171 ? 4.57372   1.66456   16.33477  1.000 39.10973 ? 190 LEU A C   1 
ATOM   1334 O O   . LEU A 1 171 ? 5.56046   2.24155   16.79700  1.000 56.41609 ? 190 LEU A O   1 
ATOM   1335 C CB  . LEU A 1 171 ? 3.75335   1.63680   13.97453  1.000 36.61203 ? 190 LEU A CB  1 
ATOM   1336 C CG  . LEU A 1 171 ? 3.92654   1.31123   12.48938  1.000 37.15794 ? 190 LEU A CG  1 
ATOM   1337 C CD1 . LEU A 1 171 ? 3.00071   2.20099   11.66217  1.000 26.10482 ? 190 LEU A CD1 1 
ATOM   1338 C CD2 . LEU A 1 171 ? 5.37055   1.46147   12.03175  1.000 33.26767 ? 190 LEU A CD2 1 
ATOM   1339 N N   . LYS A 1 172 ? 3.39539   1.66881   16.95178  1.000 39.45043 ? 191 LYS A N   1 
ATOM   1340 C CA  . LYS A 1 172 ? 3.17346   2.36575   18.21472  1.000 42.56652 ? 191 LYS A CA  1 
ATOM   1341 C C   . LYS A 1 172 ? 3.48592   1.46405   19.41027  1.000 44.79351 ? 191 LYS A C   1 
ATOM   1342 O O   . LYS A 1 172 ? 3.15678   1.79413   20.54955  1.000 54.46408 ? 191 LYS A O   1 
ATOM   1343 C CB  . LYS A 1 172 ? 1.72737   2.87339   18.30154  1.000 39.48516 ? 191 LYS A CB  1 
ATOM   1344 C CG  . LYS A 1 172 ? 1.20433   3.50561   17.01377  1.000 41.52087 ? 191 LYS A CG  1 
ATOM   1345 C CD  . LYS A 1 172 ? 2.10991   4.65191   16.57974  1.000 40.05124 ? 191 LYS A CD  1 
ATOM   1346 C CE  . LYS A 1 172 ? 1.70671   5.97993   17.18793  1.000 43.95440 ? 191 LYS A CE  1 
ATOM   1347 N NZ  . LYS A 1 172 ? 0.55116   6.58827   16.49214  1.000 42.66347 ? 191 LYS A NZ  1 
HETATM 1348 S S   . SO4 B 2 .   ? -9.02635  3.63748   -8.63822  1.000 51.20564 ? 201 SO4 A S   1 
HETATM 1349 O O1  . SO4 B 2 .   ? -10.08621 4.48880   -8.10041  1.000 52.31956 ? 201 SO4 A O1  1 
HETATM 1350 O O2  . SO4 B 2 .   ? -7.84555  3.72056   -7.76205  1.000 43.07592 ? 201 SO4 A O2  1 
HETATM 1351 O O3  . SO4 B 2 .   ? -8.68311  4.05010   -9.99961  1.000 44.70856 ? 201 SO4 A O3  1 
HETATM 1352 O O4  . SO4 B 2 .   ? -9.50415  2.26252   -8.67437  1.000 32.47218 ? 201 SO4 A O4  1 
HETATM 1353 S S   . SO4 C 2 .   ? -18.26012 -8.30102  8.49343   1.000 52.07224 ? 202 SO4 A S   1 
HETATM 1354 O O1  . SO4 C 2 .   ? -17.48091 -7.13616  8.90194   1.000 40.09630 ? 202 SO4 A O1  1 
HETATM 1355 O O2  . SO4 C 2 .   ? -19.65480 -7.92911  8.27121   1.000 53.41305 ? 202 SO4 A O2  1 
HETATM 1356 O O3  . SO4 C 2 .   ? -17.73619 -8.87391  7.24434   1.000 36.54792 ? 202 SO4 A O3  1 
HETATM 1357 O O4  . SO4 C 2 .   ? -18.18847 -9.25723  9.59276   1.000 50.75461 ? 202 SO4 A O4  1 
HETATM 1358 S S   . SO4 D 2 .   ? -4.40769  3.71003   -14.96295 1.000 49.80794 ? 203 SO4 A S   1 
HETATM 1359 O O1  . SO4 D 2 .   ? -4.74688  4.55821   -16.10869 1.000 55.62992 ? 203 SO4 A O1  1 
HETATM 1360 O O2  . SO4 D 2 .   ? -3.63267  4.50727   -14.00828 1.000 45.74823 ? 203 SO4 A O2  1 
HETATM 1361 O O3  . SO4 D 2 .   ? -5.62591  3.22395   -14.31259 1.000 52.53520 ? 203 SO4 A O3  1 
HETATM 1362 O O4  . SO4 D 2 .   ? -3.63911  2.55548   -15.42441 1.000 38.89660 ? 203 SO4 A O4  1 
HETATM 1363 S S   . SO4 E 2 .   ? 1.74979   -9.68460  14.79736  1.000 77.32299 ? 204 SO4 A S   1 
HETATM 1364 O O1  . SO4 E 2 .   ? 3.06061   -9.11286  14.48800  1.000 68.34207 ? 204 SO4 A O1  1 
HETATM 1365 O O2  . SO4 E 2 .   ? 1.02396   -8.75885  15.66451  1.000 67.34542 ? 204 SO4 A O2  1 
HETATM 1366 O O3  . SO4 E 2 .   ? 1.91553   -10.95941 15.49174  1.000 72.12116 ? 204 SO4 A O3  1 
HETATM 1367 O O4  . SO4 E 2 .   ? 0.99629   -9.90059  13.56028  1.000 63.11959 ? 204 SO4 A O4  1 
HETATM 1368 O O   . HOH F 3 .   ? -17.61762 3.09525   2.82716   1.000 40.67056 ? 301 HOH A O   1 
HETATM 1369 O O   . HOH F 3 .   ? -15.52545 -3.85218  6.27387   1.000 33.65850 ? 302 HOH A O   1 
HETATM 1370 O O   . HOH F 3 .   ? -10.40804 -2.78024  -13.55766 1.000 41.31524 ? 303 HOH A O   1 
HETATM 1371 O O   . HOH F 3 .   ? -5.63681  11.09224  8.50000   1.000 25.57207 ? 304 HOH A O   1 
HETATM 1372 O O   . HOH F 3 .   ? -15.83282 -1.45176  -8.15669  1.000 36.35355 ? 305 HOH A O   1 
HETATM 1373 O O   . HOH F 3 .   ? -13.84262 -9.63443  -2.82685  1.000 42.10882 ? 306 HOH A O   1 
HETATM 1374 O O   . HOH F 3 .   ? 16.75574  3.77408   -5.95270  1.000 47.01663 ? 307 HOH A O   1 
HETATM 1375 O O   . HOH F 3 .   ? 12.55333  -1.75772  -1.69241  1.000 34.70581 ? 308 HOH A O   1 
HETATM 1376 O O   . HOH F 3 .   ? -15.40415 -3.46456  -2.96417  1.000 30.48367 ? 309 HOH A O   1 
HETATM 1377 O O   . HOH F 3 .   ? -13.12780 -10.43202 3.93875   1.000 32.10639 ? 310 HOH A O   1 
HETATM 1378 O O   . HOH F 3 .   ? -2.74206  -6.61841  -8.00318  1.000 21.91653 ? 311 HOH A O   1 
HETATM 1379 O O   . HOH F 3 .   ? -4.75675  -16.05187 -0.07417  1.000 32.68688 ? 312 HOH A O   1 
HETATM 1380 O O   . HOH F 3 .   ? -16.31143 -4.43991  2.23716   1.000 33.54232 ? 313 HOH A O   1 
HETATM 1381 O O   . HOH F 3 .   ? -13.67567 0.88440   10.95422  1.000 28.68271 ? 314 HOH A O   1 
HETATM 1382 O O   . HOH F 3 .   ? -12.05248 -6.82352  -10.67531 1.000 35.44306 ? 315 HOH A O   1 
HETATM 1383 O O   . HOH F 3 .   ? -5.17955  -13.59796 0.28290   1.000 25.86112 ? 316 HOH A O   1 
HETATM 1384 O O   . HOH F 3 .   ? -10.84256 5.80078   -3.55020  1.000 33.71897 ? 317 HOH A O   1 
HETATM 1385 O O   . HOH F 3 .   ? -14.16686 5.99020   13.64292  1.000 42.90527 ? 318 HOH A O   1 
HETATM 1386 O O   . HOH F 3 .   ? 10.89326  -8.03611  -0.26392  1.000 28.88396 ? 319 HOH A O   1 
HETATM 1387 O O   . HOH F 3 .   ? -6.81206  -2.24415  -3.21244  1.000 16.57537 ? 320 HOH A O   1 
HETATM 1388 O O   . HOH F 3 .   ? 6.26052   -6.44167  6.23854   1.000 29.04396 ? 321 HOH A O   1 
HETATM 1389 O O   . HOH F 3 .   ? 0.66824   16.11634  4.06137   1.000 24.69354 ? 322 HOH A O   1 
HETATM 1390 O O   . HOH F 3 .   ? -15.96692 -11.49381 3.62346   1.000 38.08550 ? 323 HOH A O   1 
HETATM 1391 O O   . HOH F 3 .   ? -6.53494  4.80521   -4.25441  1.000 26.90533 ? 324 HOH A O   1 
HETATM 1392 O O   . HOH F 3 .   ? 9.66191   7.48350   4.53210   1.000 31.90391 ? 325 HOH A O   1 
HETATM 1393 O O   . HOH F 3 .   ? -4.69562  11.86531  -0.98674  1.000 32.15870 ? 326 HOH A O   1 
HETATM 1394 O O   . HOH F 3 .   ? -7.66382  7.65639   10.15516  1.000 28.12384 ? 327 HOH A O   1 
HETATM 1395 O O   . HOH F 3 .   ? -6.18696  -14.76132 -6.18533  1.000 34.34236 ? 328 HOH A O   1 
HETATM 1396 O O   . HOH F 3 .   ? 13.22026  -5.35438  -13.31091 1.000 43.79040 ? 329 HOH A O   1 
HETATM 1397 O O   . HOH F 3 .   ? 8.89932   -13.82498 -9.57814  1.000 25.28280 ? 330 HOH A O   1 
HETATM 1398 O O   . HOH F 3 .   ? -12.83125 -2.93612  12.53218  1.000 33.44916 ? 331 HOH A O   1 
HETATM 1399 O O   . HOH F 3 .   ? -13.01413 6.09442   5.78174   1.000 26.30076 ? 332 HOH A O   1 
HETATM 1400 O O   . HOH F 3 .   ? 8.48475   -12.34752 4.06739   1.000 48.03723 ? 333 HOH A O   1 
HETATM 1401 O O   . HOH F 3 .   ? -15.50411 3.99246   8.27744   1.000 39.21848 ? 334 HOH A O   1 
HETATM 1402 O O   . HOH F 3 .   ? 2.64958   16.90915  5.71314   1.000 30.78682 ? 335 HOH A O   1 
HETATM 1403 O O   . HOH F 3 .   ? -9.32761  -8.26213  -4.84042  1.000 30.90079 ? 336 HOH A O   1 
HETATM 1404 O O   . HOH F 3 .   ? 12.94914  -0.75024  -5.12450  1.000 42.90798 ? 337 HOH A O   1 
HETATM 1405 O O   . HOH F 3 .   ? -5.34300  9.02936   10.66103  1.000 28.02955 ? 338 HOH A O   1 
HETATM 1406 O O   . HOH F 3 .   ? 11.52175  -0.05661  -8.57887  1.000 34.67607 ? 339 HOH A O   1 
HETATM 1407 O O   . HOH F 3 .   ? 8.81016   -8.67736  5.79121   1.000 45.84889 ? 340 HOH A O   1 
HETATM 1408 O O   . HOH F 3 .   ? 9.04436   -3.48101  6.33234   1.000 32.13688 ? 341 HOH A O   1 
HETATM 1409 O O   . HOH F 3 .   ? 11.13685  0.80510   -6.46760  1.000 34.49668 ? 342 HOH A O   1 
HETATM 1410 O O   . HOH F 3 .   ? -13.94443 -3.77457  0.07722   1.000 28.93026 ? 343 HOH A O   1 
HETATM 1411 O O   . HOH F 3 .   ? 7.92337   -5.40308  11.25115  1.000 45.16555 ? 344 HOH A O   1 
HETATM 1412 O O   . HOH F 3 .   ? 0.05459   -6.84637  -14.19365 1.000 38.86846 ? 345 HOH A O   1 
HETATM 1413 O O   . HOH F 3 .   ? -4.30406  -17.15764 2.25468   1.000 28.01569 ? 346 HOH A O   1 
HETATM 1414 O O   . HOH F 3 .   ? -16.03575 2.44354   10.60954  1.000 39.91227 ? 347 HOH A O   1 
HETATM 1415 O O   . HOH F 3 .   ? -9.00642  5.40681   -5.15421  1.000 35.92095 ? 348 HOH A O   1 
HETATM 1416 O O   . HOH F 3 .   ? 11.29907  -10.09518 1.60156   1.000 40.90147 ? 349 HOH A O   1 
HETATM 1417 O O   . HOH F 3 .   ? 17.18080  9.00308   4.18603   1.000 52.24838 ? 350 HOH A O   1 
HETATM 1418 O O   . HOH F 3 .   ? -11.45218 -6.61381  -4.83099  1.000 34.40840 ? 351 HOH A O   1 
HETATM 1419 O O   . HOH F 3 .   ? 10.20935  -10.38870 4.52849   1.000 47.12067 ? 352 HOH A O   1 
HETATM 1420 O O   . HOH F 3 .   ? -14.12566 -1.88126  10.74924  1.000 30.67885 ? 353 HOH A O   1 
HETATM 1421 O O   . HOH F 3 .   ? 13.48225  -7.95628  -8.04980  1.000 42.42806 ? 354 HOH A O   1 
# 
loop_
_pdbx_poly_seq_scheme.asym_id 
_pdbx_poly_seq_scheme.entity_id 
_pdbx_poly_seq_scheme.seq_id 
_pdbx_poly_seq_scheme.mon_id 
_pdbx_poly_seq_scheme.ndb_seq_num 
_pdbx_poly_seq_scheme.pdb_seq_num 
_pdbx_poly_seq_scheme.auth_seq_num 
_pdbx_poly_seq_scheme.pdb_mon_id 
_pdbx_poly_seq_scheme.auth_mon_id 
_pdbx_poly_seq_scheme.pdb_strand_id 
_pdbx_poly_seq_scheme.pdb_ins_code 
_pdbx_poly_seq_scheme.hetero 
A 1 1   SER 1   20  ?   ?   ?   A . n 
A 1 2   ASN 2   21  ?   ?   ?   A . n 
A 1 3   ALA 3   22  22  ALA ALA A . n 
A 1 4   ARG 4   23  23  ARG ARG A . n 
A 1 5   THR 5   24  24  THR THR A . n 
A 1 6   ILE 6   25  25  ILE ILE A . n 
A 1 7   THR 7   26  26  THR THR A . n 
A 1 8   TYR 8   27  27  TYR TYR A . n 
A 1 9   ASP 9   28  28  ASP ASP A . n 
A 1 10  VAL 10  29  29  VAL VAL A . n 
A 1 11  PHE 11  30  30  PHE PHE A . n 
A 1 12  LEU 12  31  31  LEU LEU A . n 
A 1 13  SER 13  32  32  SER SER A . n 
A 1 14  PHE 14  33  33  PHE PHE A . n 
A 1 15  ARG 15  34  34  ARG ARG A . n 
A 1 16  GLY 16  35  35  GLY GLY A . n 
A 1 17  GLU 17  36  36  GLU GLU A . n 
A 1 18  ASP 18  37  37  ASP ASP A . n 
A 1 19  THR 19  38  38  THR THR A . n 
A 1 20  ARG 20  39  39  ARG ARG A . n 
A 1 21  PHE 21  40  40  PHE PHE A . n 
A 1 22  ASN 22  41  41  ASN ASN A . n 
A 1 23  PHE 23  42  42  PHE PHE A . n 
A 1 24  THR 24  43  43  THR THR A . n 
A 1 25  ASP 25  44  44  ASP ASP A . n 
A 1 26  HIS 26  45  45  HIS HIS A . n 
A 1 27  LEU 27  46  46  LEU LEU A . n 
A 1 28  TYR 28  47  47  TYR TYR A . n 
A 1 29  SER 29  48  48  SER SER A . n 
A 1 30  ALA 30  49  49  ALA ALA A . n 
A 1 31  LEU 31  50  50  LEU LEU A . n 
A 1 32  GLY 32  51  51  GLY GLY A . n 
A 1 33  ARG 33  52  52  ARG ARG A . n 
A 1 34  ARG 34  53  53  ARG ARG A . n 
A 1 35  GLY 35  54  54  GLY GLY A . n 
A 1 36  ILE 36  55  55  ILE ILE A . n 
A 1 37  ARG 37  56  56  ARG ARG A . n 
A 1 38  THR 38  57  57  THR THR A . n 
A 1 39  PHE 39  58  58  PHE PHE A . n 
A 1 40  ARG 40  59  59  ARG ARG A . n 
A 1 41  ASP 41  60  60  ASP ASP A . n 
A 1 42  ASP 42  61  61  ASP ASP A . n 
A 1 43  LYS 43  62  62  LYS LYS A . n 
A 1 44  LEU 44  63  63  LEU LEU A . n 
A 1 45  ARG 45  64  64  ARG ARG A . n 
A 1 46  ARG 46  65  65  ARG ARG A . n 
A 1 47  GLY 47  66  66  GLY GLY A . n 
A 1 48  GLU 48  67  67  GLU GLU A . n 
A 1 49  ALA 49  68  68  ALA ALA A . n 
A 1 50  ILE 50  69  69  ILE ILE A . n 
A 1 51  ALA 51  70  70  ALA ALA A . n 
A 1 52  PRO 52  71  71  PRO PRO A . n 
A 1 53  GLU 53  72  72  GLU GLU A . n 
A 1 54  LEU 54  73  73  LEU LEU A . n 
A 1 55  LEU 55  74  74  LEU LEU A . n 
A 1 56  LYS 56  75  75  LYS LYS A . n 
A 1 57  ALA 57  76  76  ALA ALA A . n 
A 1 58  ILE 58  77  77  ILE ILE A . n 
A 1 59  GLU 59  78  78  GLU GLU A . n 
A 1 60  GLU 60  79  79  GLU GLU A . n 
A 1 61  SER 61  80  80  SER SER A . n 
A 1 62  ARG 62  81  81  ARG ARG A . n 
A 1 63  SER 63  82  82  SER SER A . n 
A 1 64  SER 64  83  83  SER SER A . n 
A 1 65  VAL 65  84  84  VAL VAL A . n 
A 1 66  ILE 66  85  85  ILE ILE A . n 
A 1 67  VAL 67  86  86  VAL VAL A . n 
A 1 68  PHE 68  87  87  PHE PHE A . n 
A 1 69  SER 69  88  88  SER SER A . n 
A 1 70  GLU 70  89  89  GLU GLU A . n 
A 1 71  ASN 71  90  90  ASN ASN A . n 
A 1 72  TYR 72  91  91  TYR TYR A . n 
A 1 73  ALA 73  92  92  ALA ALA A . n 
A 1 74  ARG 74  93  93  ARG ARG A . n 
A 1 75  SER 75  94  94  SER SER A . n 
A 1 76  ARG 76  95  95  ARG ARG A . n 
A 1 77  TRP 77  96  96  TRP TRP A . n 
A 1 78  CYS 78  97  97  CYS CYS A . n 
A 1 79  LEU 79  98  98  LEU LEU A . n 
A 1 80  ASP 80  99  99  ASP ASP A . n 
A 1 81  GLU 81  100 100 GLU GLU A . n 
A 1 82  LEU 82  101 101 LEU LEU A . n 
A 1 83  VAL 83  102 102 VAL VAL A . n 
A 1 84  LYS 84  103 103 LYS LYS A . n 
A 1 85  ILE 85  104 104 ILE ILE A . n 
A 1 86  MET 86  105 105 MET MET A . n 
A 1 87  GLU 87  106 106 GLU GLU A . n 
A 1 88  CYS 88  107 107 CYS CYS A . n 
A 1 89  HIS 89  108 108 HIS HIS A . n 
A 1 90  LYS 90  109 109 LYS LYS A . n 
A 1 91  ASP 91  110 110 ASP ASP A . n 
A 1 92  LYS 92  111 111 LYS LYS A . n 
A 1 93  LYS 93  112 112 LYS LYS A . n 
A 1 94  ASP 94  113 113 ASP ASP A . n 
A 1 95  PRO 95  114 114 PRO PRO A . n 
A 1 96  GLY 96  115 115 GLY GLY A . n 
A 1 97  HIS 97  116 116 HIS HIS A . n 
A 1 98  ALA 98  117 117 ALA ALA A . n 
A 1 99  VAL 99  118 118 VAL VAL A . n 
A 1 100 PHE 100 119 119 PHE PHE A . n 
A 1 101 PRO 101 120 120 PRO PRO A . n 
A 1 102 ILE 102 121 121 ILE ILE A . n 
A 1 103 PHE 103 122 122 PHE PHE A . n 
A 1 104 TYR 104 123 123 TYR TYR A . n 
A 1 105 HIS 105 124 124 HIS HIS A . n 
A 1 106 VAL 106 125 125 VAL VAL A . n 
A 1 107 ASP 107 126 126 ASP ASP A . n 
A 1 108 PRO 108 127 127 PRO PRO A . n 
A 1 109 SER 109 128 128 SER SER A . n 
A 1 110 HIS 110 129 129 HIS HIS A . n 
A 1 111 VAL 111 130 130 VAL VAL A . n 
A 1 112 ARG 112 131 131 ARG ARG A . n 
A 1 113 LYS 113 132 132 LYS LYS A . n 
A 1 114 GLN 114 133 133 GLN GLN A . n 
A 1 115 GLU 115 134 134 GLU GLU A . n 
A 1 116 GLY 116 135 135 GLY GLY A . n 
A 1 117 SER 117 136 136 SER SER A . n 
A 1 118 PHE 118 137 137 PHE PHE A . n 
A 1 119 GLY 119 138 138 GLY GLY A . n 
A 1 120 GLU 120 139 139 GLU GLU A . n 
A 1 121 ALA 121 140 140 ALA ALA A . n 
A 1 122 PHE 122 141 141 PHE PHE A . n 
A 1 123 ALA 123 142 ?   ?   ?   A . n 
A 1 124 GLY 124 143 ?   ?   ?   A . n 
A 1 125 TYR 125 144 ?   ?   ?   A . n 
A 1 126 GLY 126 145 ?   ?   ?   A . n 
A 1 127 GLU 127 146 ?   ?   ?   A . n 
A 1 128 ASN 128 147 ?   ?   ?   A . n 
A 1 129 LEU 129 148 ?   ?   ?   A . n 
A 1 130 LYS 130 149 149 LYS LYS A . n 
A 1 131 ASP 131 150 150 ASP ASP A . n 
A 1 132 LYS 132 151 151 LYS LYS A . n 
A 1 133 ILE 133 152 152 ILE ILE A . n 
A 1 134 PRO 134 153 153 PRO PRO A . n 
A 1 135 ARG 135 154 154 ARG ARG A . n 
A 1 136 TRP 136 155 155 TRP TRP A . n 
A 1 137 ARG 137 156 156 ARG ARG A . n 
A 1 138 THR 138 157 157 THR THR A . n 
A 1 139 ALA 139 158 158 ALA ALA A . n 
A 1 140 LEU 140 159 159 LEU LEU A . n 
A 1 141 THR 141 160 160 THR THR A . n 
A 1 142 GLU 142 161 161 GLU GLU A . n 
A 1 143 ALA 143 162 162 ALA ALA A . n 
A 1 144 ALA 144 163 163 ALA ALA A . n 
A 1 145 ASN 145 164 164 ASN ASN A . n 
A 1 146 LEU 146 165 165 LEU LEU A . n 
A 1 147 SER 147 166 166 SER SER A . n 
A 1 148 GLY 148 167 167 GLY GLY A . n 
A 1 149 TRP 149 168 168 TRP TRP A . n 
A 1 150 PRO 150 169 169 PRO PRO A . n 
A 1 151 LEU 151 170 170 LEU LEU A . n 
A 1 152 GLN 152 171 171 GLN GLN A . n 
A 1 153 ASP 153 172 172 ASP ASP A . n 
A 1 154 GLY 154 173 173 GLY GLY A . n 
A 1 155 TYR 155 174 174 TYR TYR A . n 
A 1 156 GLU 156 175 175 GLU GLU A . n 
A 1 157 SER 157 176 176 SER SER A . n 
A 1 158 ASN 158 177 177 ASN ASN A . n 
A 1 159 GLN 159 178 178 GLN GLN A . n 
A 1 160 ILE 160 179 179 ILE ILE A . n 
A 1 161 LYS 161 180 180 LYS LYS A . n 
A 1 162 GLU 162 181 181 GLU GLU A . n 
A 1 163 ILE 163 182 182 ILE ILE A . n 
A 1 164 THR 164 183 183 THR THR A . n 
A 1 165 ASP 165 184 184 ASP ASP A . n 
A 1 166 SER 166 185 185 SER SER A . n 
A 1 167 ILE 167 186 186 ILE ILE A . n 
A 1 168 PHE 168 187 187 PHE PHE A . n 
A 1 169 ARG 169 188 188 ARG ARG A . n 
A 1 170 ARG 170 189 189 ARG ARG A . n 
A 1 171 LEU 171 190 190 LEU LEU A . n 
A 1 172 LYS 172 191 191 LYS LYS A . n 
A 1 173 CYS 173 192 ?   ?   ?   A . n 
A 1 174 LYS 174 193 ?   ?   ?   A . n 
A 1 175 ARG 175 194 ?   ?   ?   A . n 
A 1 176 LEU 176 195 ?   ?   ?   A . n 
A 1 177 ASP 177 196 ?   ?   ?   A . n 
A 1 178 ALA 178 197 ?   ?   ?   A . n 
A 1 179 GLY 179 198 ?   ?   ?   A . n 
# 
loop_
_pdbx_nonpoly_scheme.asym_id 
_pdbx_nonpoly_scheme.entity_id 
_pdbx_nonpoly_scheme.mon_id 
_pdbx_nonpoly_scheme.ndb_seq_num 
_pdbx_nonpoly_scheme.pdb_seq_num 
_pdbx_nonpoly_scheme.auth_seq_num 
_pdbx_nonpoly_scheme.pdb_mon_id 
_pdbx_nonpoly_scheme.auth_mon_id 
_pdbx_nonpoly_scheme.pdb_strand_id 
_pdbx_nonpoly_scheme.pdb_ins_code 
B 2 SO4 1  201 1  SO4 SO4 A . 
C 2 SO4 1  202 2  SO4 SO4 A . 
D 2 SO4 1  203 3  SO4 SO4 A . 
E 2 SO4 1  204 4  SO4 SO4 A . 
F 3 HOH 1  301 33 HOH HOH A . 
F 3 HOH 2  302 18 HOH HOH A . 
F 3 HOH 3  303 52 HOH HOH A . 
F 3 HOH 4  304 7  HOH HOH A . 
F 3 HOH 5  305 4  HOH HOH A . 
F 3 HOH 6  306 47 HOH HOH A . 
F 3 HOH 7  307 25 HOH HOH A . 
F 3 HOH 8  308 23 HOH HOH A . 
F 3 HOH 9  309 40 HOH HOH A . 
F 3 HOH 10 310 6  HOH HOH A . 
F 3 HOH 11 311 2  HOH HOH A . 
F 3 HOH 12 312 38 HOH HOH A . 
F 3 HOH 13 313 15 HOH HOH A . 
F 3 HOH 14 314 28 HOH HOH A . 
F 3 HOH 15 315 24 HOH HOH A . 
F 3 HOH 16 316 8  HOH HOH A . 
F 3 HOH 17 317 34 HOH HOH A . 
F 3 HOH 18 318 26 HOH HOH A . 
F 3 HOH 19 319 14 HOH HOH A . 
F 3 HOH 20 320 1  HOH HOH A . 
F 3 HOH 21 321 16 HOH HOH A . 
F 3 HOH 22 322 3  HOH HOH A . 
F 3 HOH 23 323 42 HOH HOH A . 
F 3 HOH 24 324 13 HOH HOH A . 
F 3 HOH 25 325 9  HOH HOH A . 
F 3 HOH 26 326 36 HOH HOH A . 
F 3 HOH 27 327 39 HOH HOH A . 
F 3 HOH 28 328 41 HOH HOH A . 
F 3 HOH 29 329 48 HOH HOH A . 
F 3 HOH 30 330 5  HOH HOH A . 
F 3 HOH 31 331 30 HOH HOH A . 
F 3 HOH 32 332 10 HOH HOH A . 
F 3 HOH 33 333 51 HOH HOH A . 
F 3 HOH 34 334 31 HOH HOH A . 
F 3 HOH 35 335 19 HOH HOH A . 
F 3 HOH 36 336 44 HOH HOH A . 
F 3 HOH 37 337 21 HOH HOH A . 
F 3 HOH 38 338 12 HOH HOH A . 
F 3 HOH 39 339 22 HOH HOH A . 
F 3 HOH 40 340 49 HOH HOH A . 
F 3 HOH 41 341 17 HOH HOH A . 
F 3 HOH 42 342 20 HOH HOH A . 
F 3 HOH 43 343 11 HOH HOH A . 
F 3 HOH 44 344 54 HOH HOH A . 
F 3 HOH 45 345 43 HOH HOH A . 
F 3 HOH 46 346 37 HOH HOH A . 
F 3 HOH 47 347 27 HOH HOH A . 
F 3 HOH 48 348 35 HOH HOH A . 
F 3 HOH 49 349 53 HOH HOH A . 
F 3 HOH 50 350 32 HOH HOH A . 
F 3 HOH 51 351 45 HOH HOH A . 
F 3 HOH 52 352 50 HOH HOH A . 
F 3 HOH 53 353 29 HOH HOH A . 
F 3 HOH 54 354 46 HOH HOH A . 
# 
_pdbx_struct_assembly.id                   1 
_pdbx_struct_assembly.details              author_and_software_defined_assembly 
_pdbx_struct_assembly.method_details       PISA 
_pdbx_struct_assembly.oligomeric_details   monomeric 
_pdbx_struct_assembly.oligomeric_count     1 
# 
_pdbx_struct_assembly_gen.assembly_id       1 
_pdbx_struct_assembly_gen.oper_expression   1 
_pdbx_struct_assembly_gen.asym_id_list      A,B,C,D,E,F 
# 
_pdbx_struct_oper_list.id                   1 
_pdbx_struct_oper_list.type                 'identity operation' 
_pdbx_struct_oper_list.name                 1_555 
_pdbx_struct_oper_list.symmetry_operation   x,y,z 
_pdbx_struct_oper_list.matrix[1][1]         1.0000000000 
_pdbx_struct_oper_list.matrix[1][2]         0.0000000000 
_pdbx_struct_oper_list.matrix[1][3]         0.0000000000 
_pdbx_struct_oper_list.vector[1]            0.0000000000 
_pdbx_struct_oper_list.matrix[2][1]         0.0000000000 
_pdbx_struct_oper_list.matrix[2][2]         1.0000000000 
_pdbx_struct_oper_list.matrix[2][3]         0.0000000000 
_pdbx_struct_oper_list.vector[2]            0.0000000000 
_pdbx_struct_oper_list.matrix[3][1]         0.0000000000 
_pdbx_struct_oper_list.matrix[3][2]         0.0000000000 
_pdbx_struct_oper_list.matrix[3][3]         1.0000000000 
_pdbx_struct_oper_list.vector[3]            0.0000000000 
# 
loop_
_pdbx_audit_revision_history.ordinal 
_pdbx_audit_revision_history.data_content_type 
_pdbx_audit_revision_history.major_revision 
_pdbx_audit_revision_history.minor_revision 
_pdbx_audit_revision_history.revision_date 
1 'Structure model' 1 0 2021-10-13 
2 'Structure model' 1 1 2023-10-18 
# 
_pdbx_audit_revision_details.ordinal             1 
_pdbx_audit_revision_details.revision_ordinal    1 
_pdbx_audit_revision_details.data_content_type   'Structure model' 
_pdbx_audit_revision_details.provider            repository 
_pdbx_audit_revision_details.type                'Initial release' 
_pdbx_audit_revision_details.description         ? 
_pdbx_audit_revision_details.details             ? 
# 
loop_
_pdbx_audit_revision_group.ordinal 
_pdbx_audit_revision_group.revision_ordinal 
_pdbx_audit_revision_group.data_content_type 
_pdbx_audit_revision_group.group 
1 2 'Structure model' 'Data collection'        
2 2 'Structure model' 'Database references'    
3 2 'Structure model' 'Refinement description' 
# 
loop_
_pdbx_audit_revision_category.ordinal 
_pdbx_audit_revision_category.revision_ordinal 
_pdbx_audit_revision_category.data_content_type 
_pdbx_audit_revision_category.category 
1 2 'Structure model' chem_comp_atom                
2 2 'Structure model' chem_comp_bond                
3 2 'Structure model' citation                      
4 2 'Structure model' pdbx_initial_refinement_model 
# 
_pdbx_audit_revision_item.ordinal             1 
_pdbx_audit_revision_item.revision_ordinal    2 
_pdbx_audit_revision_item.data_content_type   'Structure model' 
_pdbx_audit_revision_item.item                '_citation.journal_id_ISSN' 
# 
loop_
_space_group_symop.id 
_space_group_symop.operation_xyz 
1 x,y,z               
2 -y+1/2,x+1/2,z+1/4  
3 y+1/2,-x+1/2,z+3/4  
4 x+1/2,-y+1/2,-z+3/4 
5 -x+1/2,y+1/2,-z+1/4 
6 -x,-y,z+1/2         
7 y,x,-z              
8 -y,-x,-z+1/2        
# 
loop_
_software.citation_id 
_software.classification 
_software.compiler_name 
_software.compiler_version 
_software.contact_author 
_software.contact_author_email 
_software.date 
_software.description 
_software.dependencies 
_software.hardware 
_software.language 
_software.location 
_software.mods 
_software.name 
_software.os 
_software.os_version 
_software.type 
_software.version 
_software.pdbx_ordinal 
? refinement       ? ? ? ? ? ? ? ? ? ? ? PHENIX  ? ? ? 1.19.2_4158 1 
? 'data reduction' ? ? ? ? ? ? ? ? ? ? ? XDS     ? ? ? .           2 
? 'data scaling'   ? ? ? ? ? ? ? ? ? ? ? Aimless ? ? ? .           3 
? phasing          ? ? ? ? ? ? ? ? ? ? ? PHASER  ? ? ? .           4 
# 
_pdbx_entry_details.entry_id                 7RTS 
_pdbx_entry_details.has_ligand_of_interest   N 
_pdbx_entry_details.compound_details         ? 
_pdbx_entry_details.source_details           ? 
_pdbx_entry_details.nonpolymer_details       ? 
_pdbx_entry_details.sequence_details         ? 
# 
loop_
_pdbx_unobs_or_zero_occ_atoms.id 
_pdbx_unobs_or_zero_occ_atoms.PDB_model_num 
_pdbx_unobs_or_zero_occ_atoms.polymer_flag 
_pdbx_unobs_or_zero_occ_atoms.occupancy_flag 
_pdbx_unobs_or_zero_occ_atoms.auth_asym_id 
_pdbx_unobs_or_zero_occ_atoms.auth_comp_id 
_pdbx_unobs_or_zero_occ_atoms.auth_seq_id 
_pdbx_unobs_or_zero_occ_atoms.PDB_ins_code 
_pdbx_unobs_or_zero_occ_atoms.auth_atom_id 
_pdbx_unobs_or_zero_occ_atoms.label_alt_id 
_pdbx_unobs_or_zero_occ_atoms.label_asym_id 
_pdbx_unobs_or_zero_occ_atoms.label_comp_id 
_pdbx_unobs_or_zero_occ_atoms.label_seq_id 
_pdbx_unobs_or_zero_occ_atoms.label_atom_id 
1  1 Y 1 A ARG 64 ? CG  ? A ARG 45 CG  
2  1 Y 1 A ARG 64 ? CD  ? A ARG 45 CD  
3  1 Y 1 A ARG 64 ? NE  ? A ARG 45 NE  
4  1 Y 1 A ARG 64 ? CZ  ? A ARG 45 CZ  
5  1 Y 1 A ARG 64 ? NH1 ? A ARG 45 NH1 
6  1 Y 1 A ARG 64 ? NH2 ? A ARG 45 NH2 
7  1 Y 1 A ARG 65 ? CG  ? A ARG 46 CG  
8  1 Y 1 A ARG 65 ? CD  ? A ARG 46 CD  
9  1 Y 1 A ARG 65 ? NE  ? A ARG 46 NE  
10 1 Y 1 A ARG 65 ? CZ  ? A ARG 46 CZ  
11 1 Y 1 A ARG 65 ? NH1 ? A ARG 46 NH1 
12 1 Y 1 A ARG 65 ? NH2 ? A ARG 46 NH2 
# 
loop_
_pdbx_unobs_or_zero_occ_residues.id 
_pdbx_unobs_or_zero_occ_residues.PDB_model_num 
_pdbx_unobs_or_zero_occ_residues.polymer_flag 
_pdbx_unobs_or_zero_occ_residues.occupancy_flag 
_pdbx_unobs_or_zero_occ_residues.auth_asym_id 
_pdbx_unobs_or_zero_occ_residues.auth_comp_id 
_pdbx_unobs_or_zero_occ_residues.auth_seq_id 
_pdbx_unobs_or_zero_occ_residues.PDB_ins_code 
_pdbx_unobs_or_zero_occ_residues.label_asym_id 
_pdbx_unobs_or_zero_occ_residues.label_comp_id 
_pdbx_unobs_or_zero_occ_residues.label_seq_id 
1  1 Y 1 A SER 20  ? A SER 1   
2  1 Y 1 A ASN 21  ? A ASN 2   
3  1 Y 1 A ALA 142 ? A ALA 123 
4  1 Y 1 A GLY 143 ? A GLY 124 
5  1 Y 1 A TYR 144 ? A TYR 125 
6  1 Y 1 A GLY 145 ? A GLY 126 
7  1 Y 1 A GLU 146 ? A GLU 127 
8  1 Y 1 A ASN 147 ? A ASN 128 
9  1 Y 1 A LEU 148 ? A LEU 129 
10 1 Y 1 A CYS 192 ? A CYS 173 
11 1 Y 1 A LYS 193 ? A LYS 174 
12 1 Y 1 A ARG 194 ? A ARG 175 
13 1 Y 1 A LEU 195 ? A LEU 176 
14 1 Y 1 A ASP 196 ? A ASP 177 
15 1 Y 1 A ALA 197 ? A ALA 178 
16 1 Y 1 A GLY 198 ? A GLY 179 
# 
loop_
_chem_comp_atom.comp_id 
_chem_comp_atom.atom_id 
_chem_comp_atom.type_symbol 
_chem_comp_atom.pdbx_aromatic_flag 
_chem_comp_atom.pdbx_stereo_config 
_chem_comp_atom.pdbx_ordinal 
ALA N    N N N 1   
ALA CA   C N S 2   
ALA C    C N N 3   
ALA O    O N N 4   
ALA CB   C N N 5   
ALA OXT  O N N 6   
ALA H    H N N 7   
ALA H2   H N N 8   
ALA HA   H N N 9   
ALA HB1  H N N 10  
ALA HB2  H N N 11  
ALA HB3  H N N 12  
ALA HXT  H N N 13  
ARG N    N N N 14  
ARG CA   C N S 15  
ARG C    C N N 16  
ARG O    O N N 17  
ARG CB   C N N 18  
ARG CG   C N N 19  
ARG CD   C N N 20  
ARG NE   N N N 21  
ARG CZ   C N N 22  
ARG NH1  N N N 23  
ARG NH2  N N N 24  
ARG OXT  O N N 25  
ARG H    H N N 26  
ARG H2   H N N 27  
ARG HA   H N N 28  
ARG HB2  H N N 29  
ARG HB3  H N N 30  
ARG HG2  H N N 31  
ARG HG3  H N N 32  
ARG HD2  H N N 33  
ARG HD3  H N N 34  
ARG HE   H N N 35  
ARG HH11 H N N 36  
ARG HH12 H N N 37  
ARG HH21 H N N 38  
ARG HH22 H N N 39  
ARG HXT  H N N 40  
ASN N    N N N 41  
ASN CA   C N S 42  
ASN C    C N N 43  
ASN O    O N N 44  
ASN CB   C N N 45  
ASN CG   C N N 46  
ASN OD1  O N N 47  
ASN ND2  N N N 48  
ASN OXT  O N N 49  
ASN H    H N N 50  
ASN H2   H N N 51  
ASN HA   H N N 52  
ASN HB2  H N N 53  
ASN HB3  H N N 54  
ASN HD21 H N N 55  
ASN HD22 H N N 56  
ASN HXT  H N N 57  
ASP N    N N N 58  
ASP CA   C N S 59  
ASP C    C N N 60  
ASP O    O N N 61  
ASP CB   C N N 62  
ASP CG   C N N 63  
ASP OD1  O N N 64  
ASP OD2  O N N 65  
ASP OXT  O N N 66  
ASP H    H N N 67  
ASP H2   H N N 68  
ASP HA   H N N 69  
ASP HB2  H N N 70  
ASP HB3  H N N 71  
ASP HD2  H N N 72  
ASP HXT  H N N 73  
CYS N    N N N 74  
CYS CA   C N R 75  
CYS C    C N N 76  
CYS O    O N N 77  
CYS CB   C N N 78  
CYS SG   S N N 79  
CYS OXT  O N N 80  
CYS H    H N N 81  
CYS H2   H N N 82  
CYS HA   H N N 83  
CYS HB2  H N N 84  
CYS HB3  H N N 85  
CYS HG   H N N 86  
CYS HXT  H N N 87  
GLN N    N N N 88  
GLN CA   C N S 89  
GLN C    C N N 90  
GLN O    O N N 91  
GLN CB   C N N 92  
GLN CG   C N N 93  
GLN CD   C N N 94  
GLN OE1  O N N 95  
GLN NE2  N N N 96  
GLN OXT  O N N 97  
GLN H    H N N 98  
GLN H2   H N N 99  
GLN HA   H N N 100 
GLN HB2  H N N 101 
GLN HB3  H N N 102 
GLN HG2  H N N 103 
GLN HG3  H N N 104 
GLN HE21 H N N 105 
GLN HE22 H N N 106 
GLN HXT  H N N 107 
GLU N    N N N 108 
GLU CA   C N S 109 
GLU C    C N N 110 
GLU O    O N N 111 
GLU CB   C N N 112 
GLU CG   C N N 113 
GLU CD   C N N 114 
GLU OE1  O N N 115 
GLU OE2  O N N 116 
GLU OXT  O N N 117 
GLU H    H N N 118 
GLU H2   H N N 119 
GLU HA   H N N 120 
GLU HB2  H N N 121 
GLU HB3  H N N 122 
GLU HG2  H N N 123 
GLU HG3  H N N 124 
GLU HE2  H N N 125 
GLU HXT  H N N 126 
GLY N    N N N 127 
GLY CA   C N N 128 
GLY C    C N N 129 
GLY O    O N N 130 
GLY OXT  O N N 131 
GLY H    H N N 132 
GLY H2   H N N 133 
GLY HA2  H N N 134 
GLY HA3  H N N 135 
GLY HXT  H N N 136 
HIS N    N N N 137 
HIS CA   C N S 138 
HIS C    C N N 139 
HIS O    O N N 140 
HIS CB   C N N 141 
HIS CG   C Y N 142 
HIS ND1  N Y N 143 
HIS CD2  C Y N 144 
HIS CE1  C Y N 145 
HIS NE2  N Y N 146 
HIS OXT  O N N 147 
HIS H    H N N 148 
HIS H2   H N N 149 
HIS HA   H N N 150 
HIS HB2  H N N 151 
HIS HB3  H N N 152 
HIS HD1  H N N 153 
HIS HD2  H N N 154 
HIS HE1  H N N 155 
HIS HE2  H N N 156 
HIS HXT  H N N 157 
HOH O    O N N 158 
HOH H1   H N N 159 
HOH H2   H N N 160 
ILE N    N N N 161 
ILE CA   C N S 162 
ILE C    C N N 163 
ILE O    O N N 164 
ILE CB   C N S 165 
ILE CG1  C N N 166 
ILE CG2  C N N 167 
ILE CD1  C N N 168 
ILE OXT  O N N 169 
ILE H    H N N 170 
ILE H2   H N N 171 
ILE HA   H N N 172 
ILE HB   H N N 173 
ILE HG12 H N N 174 
ILE HG13 H N N 175 
ILE HG21 H N N 176 
ILE HG22 H N N 177 
ILE HG23 H N N 178 
ILE HD11 H N N 179 
ILE HD12 H N N 180 
ILE HD13 H N N 181 
ILE HXT  H N N 182 
LEU N    N N N 183 
LEU CA   C N S 184 
LEU C    C N N 185 
LEU O    O N N 186 
LEU CB   C N N 187 
LEU CG   C N N 188 
LEU CD1  C N N 189 
LEU CD2  C N N 190 
LEU OXT  O N N 191 
LEU H    H N N 192 
LEU H2   H N N 193 
LEU HA   H N N 194 
LEU HB2  H N N 195 
LEU HB3  H N N 196 
LEU HG   H N N 197 
LEU HD11 H N N 198 
LEU HD12 H N N 199 
LEU HD13 H N N 200 
LEU HD21 H N N 201 
LEU HD22 H N N 202 
LEU HD23 H N N 203 
LEU HXT  H N N 204 
LYS N    N N N 205 
LYS CA   C N S 206 
LYS C    C N N 207 
LYS O    O N N 208 
LYS CB   C N N 209 
LYS CG   C N N 210 
LYS CD   C N N 211 
LYS CE   C N N 212 
LYS NZ   N N N 213 
LYS OXT  O N N 214 
LYS H    H N N 215 
LYS H2   H N N 216 
LYS HA   H N N 217 
LYS HB2  H N N 218 
LYS HB3  H N N 219 
LYS HG2  H N N 220 
LYS HG3  H N N 221 
LYS HD2  H N N 222 
LYS HD3  H N N 223 
LYS HE2  H N N 224 
LYS HE3  H N N 225 
LYS HZ1  H N N 226 
LYS HZ2  H N N 227 
LYS HZ3  H N N 228 
LYS HXT  H N N 229 
MET N    N N N 230 
MET CA   C N S 231 
MET C    C N N 232 
MET O    O N N 233 
MET CB   C N N 234 
MET CG   C N N 235 
MET SD   S N N 236 
MET CE   C N N 237 
MET OXT  O N N 238 
MET H    H N N 239 
MET H2   H N N 240 
MET HA   H N N 241 
MET HB2  H N N 242 
MET HB3  H N N 243 
MET HG2  H N N 244 
MET HG3  H N N 245 
MET HE1  H N N 246 
MET HE2  H N N 247 
MET HE3  H N N 248 
MET HXT  H N N 249 
PHE N    N N N 250 
PHE CA   C N S 251 
PHE C    C N N 252 
PHE O    O N N 253 
PHE CB   C N N 254 
PHE CG   C Y N 255 
PHE CD1  C Y N 256 
PHE CD2  C Y N 257 
PHE CE1  C Y N 258 
PHE CE2  C Y N 259 
PHE CZ   C Y N 260 
PHE OXT  O N N 261 
PHE H    H N N 262 
PHE H2   H N N 263 
PHE HA   H N N 264 
PHE HB2  H N N 265 
PHE HB3  H N N 266 
PHE HD1  H N N 267 
PHE HD2  H N N 268 
PHE HE1  H N N 269 
PHE HE2  H N N 270 
PHE HZ   H N N 271 
PHE HXT  H N N 272 
PRO N    N N N 273 
PRO CA   C N S 274 
PRO C    C N N 275 
PRO O    O N N 276 
PRO CB   C N N 277 
PRO CG   C N N 278 
PRO CD   C N N 279 
PRO OXT  O N N 280 
PRO H    H N N 281 
PRO HA   H N N 282 
PRO HB2  H N N 283 
PRO HB3  H N N 284 
PRO HG2  H N N 285 
PRO HG3  H N N 286 
PRO HD2  H N N 287 
PRO HD3  H N N 288 
PRO HXT  H N N 289 
SER N    N N N 290 
SER CA   C N S 291 
SER C    C N N 292 
SER O    O N N 293 
SER CB   C N N 294 
SER OG   O N N 295 
SER OXT  O N N 296 
SER H    H N N 297 
SER H2   H N N 298 
SER HA   H N N 299 
SER HB2  H N N 300 
SER HB3  H N N 301 
SER HG   H N N 302 
SER HXT  H N N 303 
SO4 S    S N N 304 
SO4 O1   O N N 305 
SO4 O2   O N N 306 
SO4 O3   O N N 307 
SO4 O4   O N N 308 
THR N    N N N 309 
THR CA   C N S 310 
THR C    C N N 311 
THR O    O N N 312 
THR CB   C N R 313 
THR OG1  O N N 314 
THR CG2  C N N 315 
THR OXT  O N N 316 
THR H    H N N 317 
THR H2   H N N 318 
THR HA   H N N 319 
THR HB   H N N 320 
THR HG1  H N N 321 
THR HG21 H N N 322 
THR HG22 H N N 323 
THR HG23 H N N 324 
THR HXT  H N N 325 
TRP N    N N N 326 
TRP CA   C N S 327 
TRP C    C N N 328 
TRP O    O N N 329 
TRP CB   C N N 330 
TRP CG   C Y N 331 
TRP CD1  C Y N 332 
TRP CD2  C Y N 333 
TRP NE1  N Y N 334 
TRP CE2  C Y N 335 
TRP CE3  C Y N 336 
TRP CZ2  C Y N 337 
TRP CZ3  C Y N 338 
TRP CH2  C Y N 339 
TRP OXT  O N N 340 
TRP H    H N N 341 
TRP H2   H N N 342 
TRP HA   H N N 343 
TRP HB2  H N N 344 
TRP HB3  H N N 345 
TRP HD1  H N N 346 
TRP HE1  H N N 347 
TRP HE3  H N N 348 
TRP HZ2  H N N 349 
TRP HZ3  H N N 350 
TRP HH2  H N N 351 
TRP HXT  H N N 352 
TYR N    N N N 353 
TYR CA   C N S 354 
TYR C    C N N 355 
TYR O    O N N 356 
TYR CB   C N N 357 
TYR CG   C Y N 358 
TYR CD1  C Y N 359 
TYR CD2  C Y N 360 
TYR CE1  C Y N 361 
TYR CE2  C Y N 362 
TYR CZ   C Y N 363 
TYR OH   O N N 364 
TYR OXT  O N N 365 
TYR H    H N N 366 
TYR H2   H N N 367 
TYR HA   H N N 368 
TYR HB2  H N N 369 
TYR HB3  H N N 370 
TYR HD1  H N N 371 
TYR HD2  H N N 372 
TYR HE1  H N N 373 
TYR HE2  H N N 374 
TYR HH   H N N 375 
TYR HXT  H N N 376 
VAL N    N N N 377 
VAL CA   C N S 378 
VAL C    C N N 379 
VAL O    O N N 380 
VAL CB   C N N 381 
VAL CG1  C N N 382 
VAL CG2  C N N 383 
VAL OXT  O N N 384 
VAL H    H N N 385 
VAL H2   H N N 386 
VAL HA   H N N 387 
VAL HB   H N N 388 
VAL HG11 H N N 389 
VAL HG12 H N N 390 
VAL HG13 H N N 391 
VAL HG21 H N N 392 
VAL HG22 H N N 393 
VAL HG23 H N N 394 
VAL HXT  H N N 395 
# 
loop_
_chem_comp_bond.comp_id 
_chem_comp_bond.atom_id_1 
_chem_comp_bond.atom_id_2 
_chem_comp_bond.value_order 
_chem_comp_bond.pdbx_aromatic_flag 
_chem_comp_bond.pdbx_stereo_config 
_chem_comp_bond.pdbx_ordinal 
ALA N   CA   sing N N 1   
ALA N   H    sing N N 2   
ALA N   H2   sing N N 3   
ALA CA  C    sing N N 4   
ALA CA  CB   sing N N 5   
ALA CA  HA   sing N N 6   
ALA C   O    doub N N 7   
ALA C   OXT  sing N N 8   
ALA CB  HB1  sing N N 9   
ALA CB  HB2  sing N N 10  
ALA CB  HB3  sing N N 11  
ALA OXT HXT  sing N N 12  
ARG N   CA   sing N N 13  
ARG N   H    sing N N 14  
ARG N   H2   sing N N 15  
ARG CA  C    sing N N 16  
ARG CA  CB   sing N N 17  
ARG CA  HA   sing N N 18  
ARG C   O    doub N N 19  
ARG C   OXT  sing N N 20  
ARG CB  CG   sing N N 21  
ARG CB  HB2  sing N N 22  
ARG CB  HB3  sing N N 23  
ARG CG  CD   sing N N 24  
ARG CG  HG2  sing N N 25  
ARG CG  HG3  sing N N 26  
ARG CD  NE   sing N N 27  
ARG CD  HD2  sing N N 28  
ARG CD  HD3  sing N N 29  
ARG NE  CZ   sing N N 30  
ARG NE  HE   sing N N 31  
ARG CZ  NH1  sing N N 32  
ARG CZ  NH2  doub N N 33  
ARG NH1 HH11 sing N N 34  
ARG NH1 HH12 sing N N 35  
ARG NH2 HH21 sing N N 36  
ARG NH2 HH22 sing N N 37  
ARG OXT HXT  sing N N 38  
ASN N   CA   sing N N 39  
ASN N   H    sing N N 40  
ASN N   H2   sing N N 41  
ASN CA  C    sing N N 42  
ASN CA  CB   sing N N 43  
ASN CA  HA   sing N N 44  
ASN C   O    doub N N 45  
ASN C   OXT  sing N N 46  
ASN CB  CG   sing N N 47  
ASN CB  HB2  sing N N 48  
ASN CB  HB3  sing N N 49  
ASN CG  OD1  doub N N 50  
ASN CG  ND2  sing N N 51  
ASN ND2 HD21 sing N N 52  
ASN ND2 HD22 sing N N 53  
ASN OXT HXT  sing N N 54  
ASP N   CA   sing N N 55  
ASP N   H    sing N N 56  
ASP N   H2   sing N N 57  
ASP CA  C    sing N N 58  
ASP CA  CB   sing N N 59  
ASP CA  HA   sing N N 60  
ASP C   O    doub N N 61  
ASP C   OXT  sing N N 62  
ASP CB  CG   sing N N 63  
ASP CB  HB2  sing N N 64  
ASP CB  HB3  sing N N 65  
ASP CG  OD1  doub N N 66  
ASP CG  OD2  sing N N 67  
ASP OD2 HD2  sing N N 68  
ASP OXT HXT  sing N N 69  
CYS N   CA   sing N N 70  
CYS N   H    sing N N 71  
CYS N   H2   sing N N 72  
CYS CA  C    sing N N 73  
CYS CA  CB   sing N N 74  
CYS CA  HA   sing N N 75  
CYS C   O    doub N N 76  
CYS C   OXT  sing N N 77  
CYS CB  SG   sing N N 78  
CYS CB  HB2  sing N N 79  
CYS CB  HB3  sing N N 80  
CYS SG  HG   sing N N 81  
CYS OXT HXT  sing N N 82  
GLN N   CA   sing N N 83  
GLN N   H    sing N N 84  
GLN N   H2   sing N N 85  
GLN CA  C    sing N N 86  
GLN CA  CB   sing N N 87  
GLN CA  HA   sing N N 88  
GLN C   O    doub N N 89  
GLN C   OXT  sing N N 90  
GLN CB  CG   sing N N 91  
GLN CB  HB2  sing N N 92  
GLN CB  HB3  sing N N 93  
GLN CG  CD   sing N N 94  
GLN CG  HG2  sing N N 95  
GLN CG  HG3  sing N N 96  
GLN CD  OE1  doub N N 97  
GLN CD  NE2  sing N N 98  
GLN NE2 HE21 sing N N 99  
GLN NE2 HE22 sing N N 100 
GLN OXT HXT  sing N N 101 
GLU N   CA   sing N N 102 
GLU N   H    sing N N 103 
GLU N   H2   sing N N 104 
GLU CA  C    sing N N 105 
GLU CA  CB   sing N N 106 
GLU CA  HA   sing N N 107 
GLU C   O    doub N N 108 
GLU C   OXT  sing N N 109 
GLU CB  CG   sing N N 110 
GLU CB  HB2  sing N N 111 
GLU CB  HB3  sing N N 112 
GLU CG  CD   sing N N 113 
GLU CG  HG2  sing N N 114 
GLU CG  HG3  sing N N 115 
GLU CD  OE1  doub N N 116 
GLU CD  OE2  sing N N 117 
GLU OE2 HE2  sing N N 118 
GLU OXT HXT  sing N N 119 
GLY N   CA   sing N N 120 
GLY N   H    sing N N 121 
GLY N   H2   sing N N 122 
GLY CA  C    sing N N 123 
GLY CA  HA2  sing N N 124 
GLY CA  HA3  sing N N 125 
GLY C   O    doub N N 126 
GLY C   OXT  sing N N 127 
GLY OXT HXT  sing N N 128 
HIS N   CA   sing N N 129 
HIS N   H    sing N N 130 
HIS N   H2   sing N N 131 
HIS CA  C    sing N N 132 
HIS CA  CB   sing N N 133 
HIS CA  HA   sing N N 134 
HIS C   O    doub N N 135 
HIS C   OXT  sing N N 136 
HIS CB  CG   sing N N 137 
HIS CB  HB2  sing N N 138 
HIS CB  HB3  sing N N 139 
HIS CG  ND1  sing Y N 140 
HIS CG  CD2  doub Y N 141 
HIS ND1 CE1  doub Y N 142 
HIS ND1 HD1  sing N N 143 
HIS CD2 NE2  sing Y N 144 
HIS CD2 HD2  sing N N 145 
HIS CE1 NE2  sing Y N 146 
HIS CE1 HE1  sing N N 147 
HIS NE2 HE2  sing N N 148 
HIS OXT HXT  sing N N 149 
HOH O   H1   sing N N 150 
HOH O   H2   sing N N 151 
ILE N   CA   sing N N 152 
ILE N   H    sing N N 153 
ILE N   H2   sing N N 154 
ILE CA  C    sing N N 155 
ILE CA  CB   sing N N 156 
ILE CA  HA   sing N N 157 
ILE C   O    doub N N 158 
ILE C   OXT  sing N N 159 
ILE CB  CG1  sing N N 160 
ILE CB  CG2  sing N N 161 
ILE CB  HB   sing N N 162 
ILE CG1 CD1  sing N N 163 
ILE CG1 HG12 sing N N 164 
ILE CG1 HG13 sing N N 165 
ILE CG2 HG21 sing N N 166 
ILE CG2 HG22 sing N N 167 
ILE CG2 HG23 sing N N 168 
ILE CD1 HD11 sing N N 169 
ILE CD1 HD12 sing N N 170 
ILE CD1 HD13 sing N N 171 
ILE OXT HXT  sing N N 172 
LEU N   CA   sing N N 173 
LEU N   H    sing N N 174 
LEU N   H2   sing N N 175 
LEU CA  C    sing N N 176 
LEU CA  CB   sing N N 177 
LEU CA  HA   sing N N 178 
LEU C   O    doub N N 179 
LEU C   OXT  sing N N 180 
LEU CB  CG   sing N N 181 
LEU CB  HB2  sing N N 182 
LEU CB  HB3  sing N N 183 
LEU CG  CD1  sing N N 184 
LEU CG  CD2  sing N N 185 
LEU CG  HG   sing N N 186 
LEU CD1 HD11 sing N N 187 
LEU CD1 HD12 sing N N 188 
LEU CD1 HD13 sing N N 189 
LEU CD2 HD21 sing N N 190 
LEU CD2 HD22 sing N N 191 
LEU CD2 HD23 sing N N 192 
LEU OXT HXT  sing N N 193 
LYS N   CA   sing N N 194 
LYS N   H    sing N N 195 
LYS N   H2   sing N N 196 
LYS CA  C    sing N N 197 
LYS CA  CB   sing N N 198 
LYS CA  HA   sing N N 199 
LYS C   O    doub N N 200 
LYS C   OXT  sing N N 201 
LYS CB  CG   sing N N 202 
LYS CB  HB2  sing N N 203 
LYS CB  HB3  sing N N 204 
LYS CG  CD   sing N N 205 
LYS CG  HG2  sing N N 206 
LYS CG  HG3  sing N N 207 
LYS CD  CE   sing N N 208 
LYS CD  HD2  sing N N 209 
LYS CD  HD3  sing N N 210 
LYS CE  NZ   sing N N 211 
LYS CE  HE2  sing N N 212 
LYS CE  HE3  sing N N 213 
LYS NZ  HZ1  sing N N 214 
LYS NZ  HZ2  sing N N 215 
LYS NZ  HZ3  sing N N 216 
LYS OXT HXT  sing N N 217 
MET N   CA   sing N N 218 
MET N   H    sing N N 219 
MET N   H2   sing N N 220 
MET CA  C    sing N N 221 
MET CA  CB   sing N N 222 
MET CA  HA   sing N N 223 
MET C   O    doub N N 224 
MET C   OXT  sing N N 225 
MET CB  CG   sing N N 226 
MET CB  HB2  sing N N 227 
MET CB  HB3  sing N N 228 
MET CG  SD   sing N N 229 
MET CG  HG2  sing N N 230 
MET CG  HG3  sing N N 231 
MET SD  CE   sing N N 232 
MET CE  HE1  sing N N 233 
MET CE  HE2  sing N N 234 
MET CE  HE3  sing N N 235 
MET OXT HXT  sing N N 236 
PHE N   CA   sing N N 237 
PHE N   H    sing N N 238 
PHE N   H2   sing N N 239 
PHE CA  C    sing N N 240 
PHE CA  CB   sing N N 241 
PHE CA  HA   sing N N 242 
PHE C   O    doub N N 243 
PHE C   OXT  sing N N 244 
PHE CB  CG   sing N N 245 
PHE CB  HB2  sing N N 246 
PHE CB  HB3  sing N N 247 
PHE CG  CD1  doub Y N 248 
PHE CG  CD2  sing Y N 249 
PHE CD1 CE1  sing Y N 250 
PHE CD1 HD1  sing N N 251 
PHE CD2 CE2  doub Y N 252 
PHE CD2 HD2  sing N N 253 
PHE CE1 CZ   doub Y N 254 
PHE CE1 HE1  sing N N 255 
PHE CE2 CZ   sing Y N 256 
PHE CE2 HE2  sing N N 257 
PHE CZ  HZ   sing N N 258 
PHE OXT HXT  sing N N 259 
PRO N   CA   sing N N 260 
PRO N   CD   sing N N 261 
PRO N   H    sing N N 262 
PRO CA  C    sing N N 263 
PRO CA  CB   sing N N 264 
PRO CA  HA   sing N N 265 
PRO C   O    doub N N 266 
PRO C   OXT  sing N N 267 
PRO CB  CG   sing N N 268 
PRO CB  HB2  sing N N 269 
PRO CB  HB3  sing N N 270 
PRO CG  CD   sing N N 271 
PRO CG  HG2  sing N N 272 
PRO CG  HG3  sing N N 273 
PRO CD  HD2  sing N N 274 
PRO CD  HD3  sing N N 275 
PRO OXT HXT  sing N N 276 
SER N   CA   sing N N 277 
SER N   H    sing N N 278 
SER N   H2   sing N N 279 
SER CA  C    sing N N 280 
SER CA  CB   sing N N 281 
SER CA  HA   sing N N 282 
SER C   O    doub N N 283 
SER C   OXT  sing N N 284 
SER CB  OG   sing N N 285 
SER CB  HB2  sing N N 286 
SER CB  HB3  sing N N 287 
SER OG  HG   sing N N 288 
SER OXT HXT  sing N N 289 
SO4 S   O1   doub N N 290 
SO4 S   O2   doub N N 291 
SO4 S   O3   sing N N 292 
SO4 S   O4   sing N N 293 
THR N   CA   sing N N 294 
THR N   H    sing N N 295 
THR N   H2   sing N N 296 
THR CA  C    sing N N 297 
THR CA  CB   sing N N 298 
THR CA  HA   sing N N 299 
THR C   O    doub N N 300 
THR C   OXT  sing N N 301 
THR CB  OG1  sing N N 302 
THR CB  CG2  sing N N 303 
THR CB  HB   sing N N 304 
THR OG1 HG1  sing N N 305 
THR CG2 HG21 sing N N 306 
THR CG2 HG22 sing N N 307 
THR CG2 HG23 sing N N 308 
THR OXT HXT  sing N N 309 
TRP N   CA   sing N N 310 
TRP N   H    sing N N 311 
TRP N   H2   sing N N 312 
TRP CA  C    sing N N 313 
TRP CA  CB   sing N N 314 
TRP CA  HA   sing N N 315 
TRP C   O    doub N N 316 
TRP C   OXT  sing N N 317 
TRP CB  CG   sing N N 318 
TRP CB  HB2  sing N N 319 
TRP CB  HB3  sing N N 320 
TRP CG  CD1  doub Y N 321 
TRP CG  CD2  sing Y N 322 
TRP CD1 NE1  sing Y N 323 
TRP CD1 HD1  sing N N 324 
TRP CD2 CE2  doub Y N 325 
TRP CD2 CE3  sing Y N 326 
TRP NE1 CE2  sing Y N 327 
TRP NE1 HE1  sing N N 328 
TRP CE2 CZ2  sing Y N 329 
TRP CE3 CZ3  doub Y N 330 
TRP CE3 HE3  sing N N 331 
TRP CZ2 CH2  doub Y N 332 
TRP CZ2 HZ2  sing N N 333 
TRP CZ3 CH2  sing Y N 334 
TRP CZ3 HZ3  sing N N 335 
TRP CH2 HH2  sing N N 336 
TRP OXT HXT  sing N N 337 
TYR N   CA   sing N N 338 
TYR N   H    sing N N 339 
TYR N   H2   sing N N 340 
TYR CA  C    sing N N 341 
TYR CA  CB   sing N N 342 
TYR CA  HA   sing N N 343 
TYR C   O    doub N N 344 
TYR C   OXT  sing N N 345 
TYR CB  CG   sing N N 346 
TYR CB  HB2  sing N N 347 
TYR CB  HB3  sing N N 348 
TYR CG  CD1  doub Y N 349 
TYR CG  CD2  sing Y N 350 
TYR CD1 CE1  sing Y N 351 
TYR CD1 HD1  sing N N 352 
TYR CD2 CE2  doub Y N 353 
TYR CD2 HD2  sing N N 354 
TYR CE1 CZ   doub Y N 355 
TYR CE1 HE1  sing N N 356 
TYR CE2 CZ   sing Y N 357 
TYR CE2 HE2  sing N N 358 
TYR CZ  OH   sing N N 359 
TYR OH  HH   sing N N 360 
TYR OXT HXT  sing N N 361 
VAL N   CA   sing N N 362 
VAL N   H    sing N N 363 
VAL N   H2   sing N N 364 
VAL CA  C    sing N N 365 
VAL CA  CB   sing N N 366 
VAL CA  HA   sing N N 367 
VAL C   O    doub N N 368 
VAL C   OXT  sing N N 369 
VAL CB  CG1  sing N N 370 
VAL CB  CG2  sing N N 371 
VAL CB  HB   sing N N 372 
VAL CG1 HG11 sing N N 373 
VAL CG1 HG12 sing N N 374 
VAL CG1 HG13 sing N N 375 
VAL CG2 HG21 sing N N 376 
VAL CG2 HG22 sing N N 377 
VAL CG2 HG23 sing N N 378 
VAL OXT HXT  sing N N 379 
# 
loop_
_pdbx_audit_support.funding_organization 
_pdbx_audit_support.country 
_pdbx_audit_support.grant_number 
_pdbx_audit_support.ordinal 
'Australian Research Council (ARC)' ? DP160102244 1 
'Australian Research Council (ARC)' ? DP190102526 2 
# 
loop_
_pdbx_entity_nonpoly.entity_id 
_pdbx_entity_nonpoly.name 
_pdbx_entity_nonpoly.comp_id 
2 'SULFATE ION' SO4 
3 water         HOH 
# 
_pdbx_initial_refinement_model.id               1 
_pdbx_initial_refinement_model.entity_id_list   ? 
_pdbx_initial_refinement_model.type             'experimental model' 
_pdbx_initial_refinement_model.source_name      PDB 
_pdbx_initial_refinement_model.accession_code   6O0W 
_pdbx_initial_refinement_model.details          ? 
# 
_pdbx_struct_assembly_auth_evidence.id                     1 
_pdbx_struct_assembly_auth_evidence.assembly_id            1 
_pdbx_struct_assembly_auth_evidence.experimental_support   none 
_pdbx_struct_assembly_auth_evidence.details                ? 
# 
_space_group.name_H-M_alt     'P 41 21 2' 
_space_group.name_Hall        'P 4abw 2nw' 
_space_group.IT_number        92 
_space_group.crystal_system   tetragonal 
_space_group.id               1 
# 
